data_9LG7
#
_entry.id   9LG7
#
loop_
_entity.id
_entity.type
_entity.pdbx_description
1 polymer 'Multidrug resistance-associated protein 1'
2 non-polymer (1~{R},3~{S},6~{R},8~{R},9~{R},10~{S},12~{S},15~{R},17~{R},18~{R})-8,17-bis(6-aminopurin-9-yl)-3,12-bis(oxidanylidene)-3,12-bis(sulfanyl)-2,4,7,11,13,16-hexaoxa-3$l^{5},12$l^{5}-diphosphatricyclo[13.2.1.0^{6,10}]octadecane-9,18-diol
#
_entity_poly.entity_id   1
_entity_poly.type   'polypeptide(L)'
_entity_poly.pdbx_seq_one_letter_code
;MALRDFCSVDGSDLFWEWNVTWNTSNPDFTKCFQNTVLVWVPCSYLWVCFPFYFLYLSHHDRGYIQMTHLNKAKTALGFL
LWIVCWADLFYSFWERSMGKLLAPVFLVSPTLLGITMLLATFLIQIERRRGVQSSGIMLTFWLIALLCALAILRSKIMTA
LKEDARVDVFRDVTFYIYFSLVLIQLVLSCFSDRSPLFSETINDPNPCPESSASFLSRITFWWITGMMVQGYRQPLESTD
LWSLNKEDTSEQVVPVLVKNWKKECAKSRKQPVKIVYSSKDPAKPKGSSKVDVNEEAEALIVKCPQKERDPSLFKVLYKT
FGPYFLMSFLFKAVHDLMMFAGPEILKLLINFVNDKKAPEWQGYFYTALLFISACLQTLVLHQYFHICFVSGMRIKTAVI
GAVYRKALVITNAARKSSTVGEIVNLMSVDAQRFMDLATYINMIWSAPLQVILALYLLWLNLGPSVLAGVAVMVLMVPLN
AVMAMKTKTYQVAHMKSKDNRIKLMNEILNGIKVLKLYAWELAFKDKVLAIRQEELKVLKKSAYLAAVGTFTWVCTPFLV
ALSTFAVYVTVDENNILDAQKAFVSLALFNILRFPLNILPMVISSIVQASVSLKRLRVFLSHEDLDPDSIQRRPIKDAGA
TNSITVKNATFTWARNDPPTLHGITFSVPEGSLVAVVGQVGCGKSSLLSALLAEMDKVEGHVTVKGSVAYVPQQAWIQNI
SLRENILFGRQLQERYYKAVVEACALLPDLEILPSGDRTEIGEKGVNLSGGQKQRVSLARAVYCDSDVYLLDDPLSAVDA
HVGKHIFENVIGPKGLLKNKTRLLVTHAISYLPQMDVIIVMSGGKISEMGSYQELLARDGAFAEFLRTYASAEQEQGQPE
DGLAGVGGPGKEVKQMENGMLVTDTAGKQMQRQLSSSSSYSRDVSQHHTSTAELRKPGPTEETWKLVEADKAQTGQVKLS
VYWDYMKAIGLFISFLSIFLFLCNHVASLVSNYWLSLWTDDPIVNGTQEHTQVRLSVYGALGISQGITVFGYSMAVSIGG
IFASRRLHLDLLHNVLRSPISFFERTPSGNLVNRFSKELDTVDSMIPQVIKMFMGSLFNVIGACIIILLATPMAAVIIPP
LGLIYFFVQRFYVASSRQLKRLESVSRSPVYSHFNETLLGVSVIRAFEEQERFIRQSDLKVDENQKAYYPSIVANRWLAV
RLECVGNCIVLFASLFAVISRHSLSAGLVGLSVSYSLQVTTYLNWLVRMSSEMETNIVAVERLKEYSETEKEAPWQIQDM
APPKDWPQVGRVEFRDYGLRYREDLDLVLKHINVTIDGGEKVGIVGRTGAGKSSLTLGLFRIKESAEGEIIIDDINIAKI
GLHDLRFKITIIPQDPVLFSGSLRMNLDPFSQYSDEEVWTSLELAHLKGFVSALPDKLNHECAEGGENLSVGQRQLVCLA
RALLRKTKILVLDEATAAVDLETDDLIQSTIRTQFDDCTVLTIAHRLNTIMDYTRVIVLDKGEIQEWGSPSDLLQQRGLF
YSMAKDSGLVKLGSENLYFQGGSGGSGHHHHHHHHHHH
;
_entity_poly.pdbx_strand_id   A
#
loop_
_chem_comp.id
_chem_comp.type
_chem_comp.name
_chem_comp.formula
GJF non-polymer (1~{R},3~{S},6~{R},8~{R},9~{R},10~{S},12~{S},15~{R},17~{R},18~{R})-8,17-bis(6-aminopurin-9-yl)-3,12-bis(oxidanylidene)-3,12-bis(sulfanyl)-2,4,7,11,13,16-hexaoxa-3$l^{5},12$l^{5}-diphosphatricyclo[13.2.1.0^{6,10}]octadecane-9,18-diol 'C20 H24 N10 O10 P2 S2'
#
# COMPACT_ATOMS: atom_id res chain seq x y z
N PHE A 15 -48.70 -40.00 0.33
CA PHE A 15 -47.57 -40.43 1.19
C PHE A 15 -47.33 -39.38 2.28
N TRP A 16 -46.10 -39.32 2.81
CA TRP A 16 -45.74 -38.27 3.80
C TRP A 16 -46.67 -38.31 5.02
N GLU A 17 -46.96 -39.51 5.56
CA GLU A 17 -47.75 -39.59 6.81
C GLU A 17 -46.78 -39.34 7.97
N TRP A 18 -47.10 -38.42 8.89
CA TRP A 18 -46.11 -38.12 9.91
C TRP A 18 -45.83 -39.29 10.83
N ASN A 19 -46.66 -40.34 10.79
CA ASN A 19 -46.49 -41.44 11.72
C ASN A 19 -45.17 -42.19 11.50
N VAL A 20 -44.81 -42.47 10.25
CA VAL A 20 -43.61 -43.26 9.97
C VAL A 20 -42.41 -42.40 9.60
N THR A 21 -42.62 -41.14 9.23
CA THR A 21 -41.53 -40.26 8.82
C THR A 21 -41.05 -39.35 9.95
N TRP A 22 -41.96 -38.88 10.80
CA TRP A 22 -41.64 -37.88 11.80
C TRP A 22 -41.81 -38.36 13.22
N ASN A 23 -42.98 -38.94 13.53
CA ASN A 23 -43.27 -39.35 14.93
C ASN A 23 -43.11 -40.87 15.06
N THR A 24 -41.87 -41.36 15.11
CA THR A 24 -41.62 -42.83 15.21
C THR A 24 -40.20 -43.09 15.74
N SER A 25 -40.01 -44.23 16.40
CA SER A 25 -38.64 -44.61 16.86
C SER A 25 -37.78 -44.93 15.63
N ASN A 26 -38.36 -45.62 14.64
CA ASN A 26 -37.64 -45.96 13.39
C ASN A 26 -38.19 -45.09 12.25
N PRO A 27 -37.52 -43.98 11.88
CA PRO A 27 -38.04 -43.07 10.86
C PRO A 27 -37.74 -43.54 9.43
N ASP A 28 -38.75 -44.05 8.73
CA ASP A 28 -38.55 -44.57 7.35
C ASP A 28 -39.35 -43.70 6.36
N PHE A 29 -38.71 -43.30 5.26
CA PHE A 29 -39.47 -42.57 4.21
C PHE A 29 -40.51 -43.53 3.64
N THR A 30 -41.66 -43.00 3.25
CA THR A 30 -42.69 -43.86 2.69
C THR A 30 -42.24 -44.42 1.33
N LYS A 31 -42.85 -45.54 0.94
CA LYS A 31 -42.45 -46.24 -0.27
C LYS A 31 -42.66 -45.36 -1.49
N CYS A 32 -43.84 -44.74 -1.57
CA CYS A 32 -44.11 -43.81 -2.70
C CYS A 32 -43.07 -42.70 -2.69
N PHE A 33 -42.85 -42.07 -1.53
CA PHE A 33 -41.90 -40.96 -1.46
C PHE A 33 -40.53 -41.40 -1.97
N GLN A 34 -40.10 -42.59 -1.56
CA GLN A 34 -38.83 -43.14 -2.02
C GLN A 34 -38.80 -43.23 -3.54
N ASN A 35 -39.84 -43.81 -4.13
CA ASN A 35 -39.79 -44.03 -5.56
C ASN A 35 -40.12 -42.81 -6.40
N THR A 36 -40.62 -41.73 -5.80
CA THR A 36 -40.92 -40.55 -6.61
C THR A 36 -39.98 -39.38 -6.34
N VAL A 37 -39.94 -38.86 -5.13
CA VAL A 37 -39.26 -37.58 -4.95
C VAL A 37 -37.75 -37.79 -4.88
N LEU A 38 -37.33 -38.85 -4.21
CA LEU A 38 -35.91 -39.16 -4.09
C LEU A 38 -35.26 -39.47 -5.43
N VAL A 39 -36.03 -39.90 -6.41
CA VAL A 39 -35.51 -40.11 -7.76
C VAL A 39 -35.67 -38.87 -8.62
N TRP A 40 -36.69 -38.05 -8.35
CA TRP A 40 -36.86 -36.85 -9.16
C TRP A 40 -35.83 -35.79 -8.82
N VAL A 41 -35.33 -35.80 -7.59
CA VAL A 41 -34.35 -34.75 -7.14
C VAL A 41 -33.09 -34.79 -8.02
N PRO A 42 -32.30 -35.89 -8.05
CA PRO A 42 -31.03 -35.89 -8.81
C PRO A 42 -31.25 -35.77 -10.33
N CYS A 43 -32.09 -36.63 -10.90
CA CYS A 43 -32.40 -36.56 -12.35
C CYS A 43 -32.79 -35.12 -12.69
N SER A 44 -33.60 -34.50 -11.83
CA SER A 44 -34.10 -33.12 -12.06
C SER A 44 -32.93 -32.14 -12.04
N TYR A 45 -31.98 -32.34 -11.11
CA TYR A 45 -30.82 -31.42 -10.99
C TYR A 45 -30.09 -31.35 -12.34
N LEU A 46 -29.83 -32.52 -12.94
CA LEU A 46 -29.04 -32.54 -14.21
C LEU A 46 -29.86 -31.91 -15.33
N TRP A 47 -31.19 -32.07 -15.30
CA TRP A 47 -32.04 -31.57 -16.40
C TRP A 47 -32.08 -30.04 -16.44
N VAL A 48 -32.07 -29.38 -15.28
CA VAL A 48 -32.12 -27.89 -15.23
C VAL A 48 -30.72 -27.34 -15.49
N CYS A 49 -29.69 -28.05 -15.04
CA CYS A 49 -28.28 -27.60 -15.22
C CYS A 49 -27.78 -27.89 -16.64
N PHE A 50 -28.17 -29.03 -17.22
CA PHE A 50 -27.64 -29.42 -18.56
C PHE A 50 -27.65 -28.23 -19.53
N PRO A 51 -28.79 -27.59 -19.85
CA PRO A 51 -28.80 -26.50 -20.84
C PRO A 51 -27.84 -25.40 -20.41
N PHE A 52 -27.97 -24.92 -19.17
CA PHE A 52 -27.10 -23.85 -18.68
C PHE A 52 -25.64 -24.23 -18.84
N TYR A 53 -25.31 -25.50 -18.61
CA TYR A 53 -23.92 -25.92 -18.65
C TYR A 53 -23.30 -25.84 -20.03
N PHE A 54 -24.10 -25.90 -21.10
CA PHE A 54 -23.54 -25.72 -22.44
C PHE A 54 -22.97 -24.34 -22.63
N LEU A 55 -23.61 -23.34 -21.99
CA LEU A 55 -23.09 -21.95 -22.07
C LEU A 55 -21.61 -21.97 -21.66
N TYR A 56 -21.33 -22.43 -20.43
CA TYR A 56 -19.94 -22.47 -19.92
C TYR A 56 -19.08 -23.38 -20.80
N LEU A 57 -19.57 -24.59 -21.10
CA LEU A 57 -18.78 -25.56 -21.90
C LEU A 57 -18.42 -24.95 -23.26
N SER A 58 -19.33 -24.16 -23.83
CA SER A 58 -19.08 -23.56 -25.16
C SER A 58 -18.21 -22.31 -25.04
N HIS A 59 -18.63 -21.33 -24.23
CA HIS A 59 -17.88 -20.05 -24.12
C HIS A 59 -16.46 -20.33 -23.63
N HIS A 60 -16.31 -21.28 -22.70
CA HIS A 60 -14.97 -21.58 -22.13
C HIS A 60 -14.46 -22.91 -22.68
N ASP A 61 -13.31 -22.88 -23.38
CA ASP A 61 -12.76 -24.12 -23.99
C ASP A 61 -11.26 -24.21 -23.65
N ARG A 62 -10.74 -25.44 -23.58
CA ARG A 62 -9.32 -25.64 -23.27
C ARG A 62 -8.74 -26.80 -24.07
N GLY A 63 -9.35 -27.15 -25.19
CA GLY A 63 -8.93 -28.29 -25.97
C GLY A 63 -9.74 -29.52 -25.62
N TYR A 64 -9.16 -30.67 -25.93
CA TYR A 64 -9.77 -31.94 -25.58
C TYR A 64 -8.77 -32.84 -24.86
N ILE A 65 -9.26 -33.51 -23.84
CA ILE A 65 -8.46 -34.44 -23.05
C ILE A 65 -8.29 -35.72 -23.85
N GLN A 66 -7.17 -36.39 -23.65
CA GLN A 66 -6.88 -37.61 -24.38
C GLN A 66 -7.77 -38.75 -23.88
N MET A 67 -7.62 -39.92 -24.50
CA MET A 67 -8.31 -41.14 -24.09
C MET A 67 -7.58 -41.76 -22.91
N THR A 68 -8.15 -41.64 -21.71
CA THR A 68 -7.56 -42.24 -20.53
C THR A 68 -8.47 -43.31 -19.95
N HIS A 69 -7.91 -44.17 -19.09
CA HIS A 69 -8.71 -45.22 -18.47
C HIS A 69 -9.80 -44.63 -17.59
N LEU A 70 -9.46 -43.58 -16.84
CA LEU A 70 -10.43 -42.93 -15.93
C LEU A 70 -11.66 -42.46 -16.73
N ASN A 71 -11.44 -41.64 -17.78
CA ASN A 71 -12.57 -41.10 -18.58
C ASN A 71 -13.42 -42.26 -19.09
N LYS A 72 -12.78 -43.29 -19.63
CA LYS A 72 -13.52 -44.47 -20.17
C LYS A 72 -14.25 -45.17 -19.01
N ALA A 73 -13.53 -45.44 -17.91
CA ALA A 73 -14.16 -46.08 -16.76
C ALA A 73 -15.46 -45.37 -16.40
N LYS A 74 -15.44 -44.04 -16.40
CA LYS A 74 -16.64 -43.27 -16.09
C LYS A 74 -17.70 -43.44 -17.17
N THR A 75 -17.28 -43.45 -18.44
CA THR A 75 -18.24 -43.59 -19.53
C THR A 75 -18.87 -44.97 -19.54
N ALA A 76 -18.06 -46.02 -19.32
CA ALA A 76 -18.60 -47.38 -19.31
C ALA A 76 -19.60 -47.57 -18.18
N LEU A 77 -19.29 -47.03 -17.00
CA LEU A 77 -20.22 -47.16 -15.88
C LEU A 77 -21.49 -46.36 -16.13
N GLY A 78 -21.38 -45.24 -16.85
CA GLY A 78 -22.58 -44.53 -17.26
C GLY A 78 -23.44 -45.33 -18.21
N PHE A 79 -22.82 -46.08 -19.12
CA PHE A 79 -23.60 -46.96 -20.01
C PHE A 79 -24.29 -48.05 -19.19
N LEU A 80 -23.52 -48.73 -18.33
CA LEU A 80 -24.09 -49.85 -17.53
C LEU A 80 -25.21 -49.32 -16.61
N LEU A 81 -24.98 -48.18 -15.97
CA LEU A 81 -26.00 -47.62 -15.03
C LEU A 81 -27.31 -47.40 -15.79
N TRP A 82 -27.23 -46.79 -16.98
CA TRP A 82 -28.45 -46.57 -17.81
C TRP A 82 -29.13 -47.92 -18.06
N ILE A 83 -28.39 -48.91 -18.54
CA ILE A 83 -28.95 -50.28 -18.78
C ILE A 83 -29.67 -50.73 -17.51
N VAL A 84 -28.95 -50.81 -16.37
CA VAL A 84 -29.57 -51.30 -15.14
C VAL A 84 -30.88 -50.58 -14.86
N CYS A 85 -30.92 -49.26 -15.02
CA CYS A 85 -32.15 -48.53 -14.76
C CYS A 85 -33.24 -48.88 -15.75
N TRP A 86 -32.88 -49.09 -17.01
CA TRP A 86 -33.87 -49.55 -17.99
C TRP A 86 -34.20 -51.02 -17.83
N ALA A 87 -33.29 -51.78 -17.22
CA ALA A 87 -33.60 -53.21 -16.93
C ALA A 87 -34.81 -53.25 -16.00
N ASP A 88 -34.95 -52.25 -15.13
CA ASP A 88 -36.13 -52.17 -14.23
C ASP A 88 -37.38 -52.02 -15.10
N LEU A 89 -37.35 -51.11 -16.08
CA LEU A 89 -38.51 -50.89 -16.97
C LEU A 89 -38.87 -52.22 -17.66
N PHE A 90 -37.85 -52.99 -18.04
CA PHE A 90 -38.09 -54.30 -18.70
C PHE A 90 -38.86 -55.22 -17.75
N TYR A 91 -38.41 -55.31 -16.49
CA TYR A 91 -39.08 -56.16 -15.48
C TYR A 91 -40.49 -55.62 -15.21
N SER A 92 -40.63 -54.30 -15.13
CA SER A 92 -41.97 -53.68 -14.94
C SER A 92 -42.85 -54.04 -16.13
N PHE A 93 -42.30 -53.97 -17.34
CA PHE A 93 -43.07 -54.36 -18.56
C PHE A 93 -43.42 -55.85 -18.44
N TRP A 94 -42.47 -56.66 -17.99
CA TRP A 94 -42.72 -58.11 -17.80
C TRP A 94 -43.90 -58.31 -16.85
N GLU A 95 -44.86 -59.15 -17.23
CA GLU A 95 -46.07 -59.41 -16.39
C GLU A 95 -46.70 -60.74 -16.81
N LEU A 102 -46.98 -53.41 -12.59
CA LEU A 102 -48.37 -53.01 -12.42
C LEU A 102 -48.47 -51.56 -11.95
N ALA A 103 -47.75 -51.24 -10.89
CA ALA A 103 -47.80 -49.90 -10.34
C ALA A 103 -47.24 -48.91 -11.36
N PRO A 104 -47.92 -47.78 -11.60
CA PRO A 104 -47.42 -46.83 -12.60
C PRO A 104 -46.02 -46.31 -12.27
N VAL A 105 -45.69 -46.14 -10.99
CA VAL A 105 -44.39 -45.61 -10.63
C VAL A 105 -43.28 -46.62 -10.89
N PHE A 106 -43.61 -47.89 -11.10
CA PHE A 106 -42.61 -48.91 -11.39
C PHE A 106 -42.17 -48.89 -12.84
N LEU A 107 -42.71 -47.94 -13.63
CA LEU A 107 -42.32 -47.82 -15.06
C LEU A 107 -41.58 -46.50 -15.28
N VAL A 108 -42.19 -45.38 -14.88
CA VAL A 108 -41.58 -44.04 -15.13
C VAL A 108 -40.32 -43.83 -14.29
N SER A 109 -40.37 -44.14 -12.98
CA SER A 109 -39.21 -43.86 -12.09
C SER A 109 -37.91 -44.38 -12.73
N PRO A 110 -37.78 -45.67 -13.12
CA PRO A 110 -36.57 -46.16 -13.78
C PRO A 110 -36.32 -45.52 -15.16
N THR A 111 -37.36 -45.34 -15.97
CA THR A 111 -37.18 -44.81 -17.35
C THR A 111 -36.55 -43.42 -17.28
N LEU A 112 -37.19 -42.48 -16.57
CA LEU A 112 -36.62 -41.11 -16.43
C LEU A 112 -35.18 -41.24 -15.94
N LEU A 113 -34.95 -42.05 -14.91
CA LEU A 113 -33.62 -42.21 -14.36
C LEU A 113 -32.65 -42.65 -15.46
N GLY A 114 -33.08 -43.57 -16.32
CA GLY A 114 -32.22 -43.97 -17.42
C GLY A 114 -31.89 -42.82 -18.35
N ILE A 115 -32.88 -41.96 -18.62
CA ILE A 115 -32.67 -40.87 -19.55
C ILE A 115 -31.73 -39.82 -18.97
N THR A 116 -31.92 -39.48 -17.70
CA THR A 116 -30.99 -38.53 -17.03
C THR A 116 -29.61 -39.18 -16.94
N MET A 117 -29.55 -40.51 -16.77
CA MET A 117 -28.26 -41.22 -16.72
C MET A 117 -27.59 -41.12 -18.09
N LEU A 118 -28.38 -41.25 -19.16
CA LEU A 118 -27.84 -41.11 -20.54
C LEU A 118 -27.35 -39.66 -20.73
N LEU A 119 -27.96 -38.71 -20.01
CA LEU A 119 -27.50 -37.30 -20.10
C LEU A 119 -26.20 -37.17 -19.30
N ALA A 120 -26.06 -37.92 -18.20
CA ALA A 120 -24.83 -37.88 -17.41
C ALA A 120 -23.63 -38.40 -18.20
N THR A 121 -23.79 -39.54 -18.85
CA THR A 121 -22.65 -40.09 -19.60
C THR A 121 -22.31 -39.23 -20.81
N PHE A 122 -23.33 -38.72 -21.49
CA PHE A 122 -23.09 -37.77 -22.57
C PHE A 122 -22.36 -36.53 -22.07
N LEU A 123 -22.66 -36.13 -20.83
CA LEU A 123 -22.05 -34.88 -20.27
C LEU A 123 -20.57 -35.08 -19.98
N ILE A 124 -20.18 -36.21 -19.39
CA ILE A 124 -18.73 -36.47 -19.17
C ILE A 124 -18.04 -36.57 -20.53
N GLN A 125 -18.73 -37.12 -21.54
CA GLN A 125 -18.16 -37.21 -22.90
C GLN A 125 -17.88 -35.81 -23.43
N ILE A 126 -18.88 -34.91 -23.39
CA ILE A 126 -18.67 -33.57 -23.92
C ILE A 126 -17.71 -32.79 -23.04
N GLU A 127 -17.68 -33.08 -21.74
CA GLU A 127 -16.70 -32.44 -20.87
C GLU A 127 -15.28 -32.87 -21.23
N ARG A 128 -15.10 -34.13 -21.59
CA ARG A 128 -13.82 -34.54 -22.17
C ARG A 128 -13.52 -33.74 -23.44
N ARG A 129 -14.52 -33.61 -24.31
CA ARG A 129 -14.30 -32.90 -25.56
C ARG A 129 -13.89 -31.45 -25.33
N ARG A 130 -14.43 -30.83 -24.28
CA ARG A 130 -14.23 -29.42 -24.01
C ARG A 130 -13.13 -29.17 -22.99
N GLY A 131 -12.42 -30.23 -22.58
CA GLY A 131 -11.27 -30.07 -21.67
C GLY A 131 -11.68 -29.81 -20.24
N VAL A 132 -12.16 -30.84 -19.53
CA VAL A 132 -12.53 -30.69 -18.09
C VAL A 132 -11.87 -31.83 -17.30
N GLN A 133 -10.86 -31.50 -16.49
CA GLN A 133 -10.15 -32.53 -15.68
C GLN A 133 -11.08 -33.04 -14.58
N SER A 134 -11.73 -32.13 -13.85
CA SER A 134 -12.69 -32.53 -12.78
C SER A 134 -13.98 -31.70 -12.93
N SER A 135 -15.14 -32.31 -12.68
CA SER A 135 -16.42 -31.59 -12.90
C SER A 135 -17.15 -31.35 -11.58
N GLY A 136 -17.53 -30.11 -11.29
CA GLY A 136 -18.32 -29.81 -10.08
C GLY A 136 -19.76 -30.30 -10.25
N ILE A 137 -20.33 -30.06 -11.43
CA ILE A 137 -21.71 -30.58 -11.70
C ILE A 137 -21.67 -32.09 -11.54
N MET A 138 -20.79 -32.76 -12.30
CA MET A 138 -20.70 -34.24 -12.27
C MET A 138 -20.26 -34.71 -10.88
N LEU A 139 -20.03 -33.78 -9.95
CA LEU A 139 -19.70 -34.17 -8.55
C LEU A 139 -20.88 -33.90 -7.62
N THR A 140 -21.43 -32.68 -7.66
CA THR A 140 -22.62 -32.40 -6.87
C THR A 140 -23.78 -33.30 -7.30
N PHE A 141 -23.90 -33.58 -8.60
CA PHE A 141 -24.99 -34.43 -9.06
C PHE A 141 -24.85 -35.84 -8.50
N TRP A 142 -23.64 -36.39 -8.54
CA TRP A 142 -23.44 -37.70 -7.94
C TRP A 142 -23.61 -37.68 -6.43
N LEU A 143 -23.22 -36.57 -5.78
CA LEU A 143 -23.43 -36.49 -4.34
C LEU A 143 -24.91 -36.50 -3.99
N ILE A 144 -25.72 -35.73 -4.73
CA ILE A 144 -27.16 -35.70 -4.48
C ILE A 144 -27.78 -37.06 -4.76
N ALA A 145 -27.38 -37.69 -5.88
CA ALA A 145 -27.88 -39.01 -6.18
C ALA A 145 -27.50 -39.99 -5.09
N LEU A 146 -26.26 -39.89 -4.61
CA LEU A 146 -25.78 -40.82 -3.54
C LEU A 146 -26.67 -40.66 -2.31
N LEU A 147 -26.89 -39.42 -1.87
CA LEU A 147 -27.70 -39.18 -0.64
C LEU A 147 -29.10 -39.77 -0.84
N CYS A 148 -29.71 -39.52 -2.01
CA CYS A 148 -31.06 -40.08 -2.30
C CYS A 148 -30.98 -41.61 -2.27
N ALA A 149 -29.96 -42.19 -2.91
CA ALA A 149 -29.80 -43.66 -2.91
C ALA A 149 -29.61 -44.14 -1.47
N LEU A 150 -28.81 -43.43 -0.68
CA LEU A 150 -28.56 -43.82 0.73
C LEU A 150 -29.90 -43.89 1.48
N ALA A 151 -30.75 -42.89 1.29
CA ALA A 151 -32.06 -42.85 1.99
C ALA A 151 -32.89 -44.08 1.58
N ILE A 152 -32.97 -44.35 0.28
CA ILE A 152 -33.72 -45.54 -0.22
C ILE A 152 -33.02 -46.81 0.29
N LEU A 153 -31.68 -46.84 0.24
CA LEU A 153 -30.91 -48.03 0.68
C LEU A 153 -31.30 -48.37 2.13
N ARG A 154 -31.16 -47.41 3.05
CA ARG A 154 -31.51 -47.68 4.43
C ARG A 154 -32.94 -48.19 4.53
N SER A 155 -33.87 -47.58 3.78
CA SER A 155 -35.24 -48.07 3.82
C SER A 155 -35.34 -49.50 3.32
N LYS A 156 -34.63 -49.83 2.23
CA LYS A 156 -34.76 -51.16 1.64
C LYS A 156 -34.07 -52.21 2.49
N ILE A 157 -33.03 -51.84 3.23
CA ILE A 157 -32.39 -52.80 4.11
C ILE A 157 -33.18 -52.97 5.40
N MET A 158 -33.93 -51.95 5.82
CA MET A 158 -34.82 -52.12 6.97
C MET A 158 -36.08 -52.89 6.60
N THR A 159 -36.53 -52.81 5.34
CA THR A 159 -37.69 -53.60 4.94
C THR A 159 -37.39 -55.09 5.00
N ALA A 160 -36.17 -55.49 4.67
CA ALA A 160 -35.76 -56.88 4.77
C ALA A 160 -34.55 -57.03 5.69
N LEU A 161 -34.77 -57.58 6.88
CA LEU A 161 -33.66 -57.77 7.85
C LEU A 161 -33.09 -59.18 7.71
N VAL A 169 -34.49 -58.62 -3.83
CA VAL A 169 -34.54 -59.90 -4.50
C VAL A 169 -35.00 -59.72 -5.95
N PHE A 170 -36.16 -59.11 -6.11
CA PHE A 170 -36.74 -58.90 -7.43
C PHE A 170 -36.33 -57.56 -8.04
N ARG A 171 -36.65 -56.46 -7.37
CA ARG A 171 -36.25 -55.12 -7.86
C ARG A 171 -35.27 -54.49 -6.86
N ASP A 172 -35.14 -55.09 -5.67
CA ASP A 172 -34.19 -54.56 -4.70
C ASP A 172 -32.76 -54.72 -5.19
N VAL A 173 -32.44 -55.84 -5.83
CA VAL A 173 -31.06 -56.09 -6.26
C VAL A 173 -30.66 -55.11 -7.34
N THR A 174 -31.61 -54.72 -8.20
CA THR A 174 -31.33 -53.67 -9.17
C THR A 174 -30.92 -52.38 -8.46
N PHE A 175 -31.58 -52.07 -7.34
CA PHE A 175 -31.22 -50.85 -6.64
C PHE A 175 -29.86 -50.95 -5.97
N TYR A 176 -29.52 -52.12 -5.42
CA TYR A 176 -28.18 -52.28 -4.88
C TYR A 176 -27.12 -52.10 -5.95
N ILE A 177 -27.34 -52.68 -7.13
CA ILE A 177 -26.38 -52.50 -8.21
C ILE A 177 -26.29 -51.03 -8.60
N TYR A 178 -27.44 -50.36 -8.66
CA TYR A 178 -27.46 -48.93 -8.97
C TYR A 178 -26.66 -48.13 -7.95
N PHE A 179 -26.84 -48.44 -6.67
CA PHE A 179 -26.16 -47.68 -5.63
C PHE A 179 -24.66 -47.92 -5.64
N SER A 180 -24.23 -49.17 -5.81
CA SER A 180 -22.81 -49.44 -5.88
C SER A 180 -22.17 -48.75 -7.07
N LEU A 181 -22.82 -48.79 -8.23
CA LEU A 181 -22.29 -48.11 -9.39
C LEU A 181 -22.25 -46.60 -9.19
N VAL A 182 -23.27 -46.03 -8.54
CA VAL A 182 -23.29 -44.60 -8.29
C VAL A 182 -22.17 -44.22 -7.34
N LEU A 183 -21.92 -45.03 -6.31
CA LEU A 183 -20.84 -44.74 -5.37
C LEU A 183 -19.49 -44.77 -6.07
N ILE A 184 -19.25 -45.79 -6.90
CA ILE A 184 -17.97 -45.87 -7.60
C ILE A 184 -17.83 -44.72 -8.59
N GLN A 185 -18.96 -44.34 -9.21
CA GLN A 185 -18.92 -43.19 -10.15
C GLN A 185 -18.56 -41.92 -9.38
N LEU A 186 -19.13 -41.73 -8.19
CA LEU A 186 -18.83 -40.54 -7.38
C LEU A 186 -17.36 -40.52 -6.97
N VAL A 187 -16.82 -41.68 -6.57
CA VAL A 187 -15.41 -41.74 -6.21
C VAL A 187 -14.54 -41.40 -7.41
N LEU A 188 -14.90 -41.94 -8.58
CA LEU A 188 -14.14 -41.63 -9.80
C LEU A 188 -14.20 -40.16 -10.14
N SER A 189 -15.36 -39.53 -9.95
CA SER A 189 -15.53 -38.13 -10.34
C SER A 189 -14.68 -37.19 -9.51
N CYS A 190 -14.16 -37.63 -8.36
CA CYS A 190 -13.29 -36.80 -7.56
C CYS A 190 -11.90 -36.62 -8.17
N PHE A 191 -11.35 -37.65 -8.81
CA PHE A 191 -10.04 -37.56 -9.41
C PHE A 191 -10.04 -36.64 -10.62
N SER A 192 -8.93 -35.94 -10.82
CA SER A 192 -8.78 -34.99 -11.91
C SER A 192 -8.10 -35.66 -13.10
N ASP A 193 -8.65 -35.41 -14.28
CA ASP A 193 -8.17 -36.03 -15.50
C ASP A 193 -6.86 -35.37 -15.98
N ARG A 194 -6.26 -35.95 -17.01
CA ARG A 194 -5.01 -35.44 -17.53
C ARG A 194 -5.22 -34.08 -18.20
N SER A 195 -4.15 -33.29 -18.25
CA SER A 195 -4.23 -31.95 -18.88
C SER A 195 -4.37 -32.11 -20.40
N PRO A 196 -5.06 -31.18 -21.11
CA PRO A 196 -5.18 -31.25 -22.56
C PRO A 196 -3.81 -31.06 -23.23
N LEU A 197 -3.55 -31.78 -24.33
CA LEU A 197 -2.29 -31.59 -25.08
C LEU A 197 -2.28 -30.18 -25.68
N PHE A 198 -3.42 -29.49 -25.63
CA PHE A 198 -3.53 -28.13 -26.24
C PHE A 198 -4.15 -27.16 -25.23
N ASN A 203 4.16 -22.90 -22.02
CA ASN A 203 5.22 -23.13 -21.01
C ASN A 203 4.74 -22.62 -19.64
N ASP A 204 4.57 -21.30 -19.51
CA ASP A 204 4.12 -20.70 -18.22
C ASP A 204 4.95 -21.29 -17.08
N PRO A 205 6.29 -21.07 -17.03
CA PRO A 205 7.12 -21.67 -15.98
C PRO A 205 6.55 -21.33 -14.60
N ASN A 206 6.50 -22.32 -13.71
CA ASN A 206 5.89 -22.09 -12.36
C ASN A 206 4.50 -21.49 -12.56
N PRO A 207 3.53 -22.24 -13.14
CA PRO A 207 2.20 -21.69 -13.44
C PRO A 207 1.25 -21.63 -12.24
N CYS A 208 -0.05 -21.44 -12.49
CA CYS A 208 -1.03 -21.29 -11.38
C CYS A 208 -1.88 -22.56 -11.29
N PRO A 209 -1.76 -23.37 -10.21
CA PRO A 209 -2.51 -24.62 -10.07
C PRO A 209 -4.02 -24.45 -10.06
N GLU A 210 -4.53 -23.21 -10.16
CA GLU A 210 -5.97 -23.01 -10.19
C GLU A 210 -6.59 -23.66 -11.42
N SER A 211 -5.93 -23.53 -12.58
CA SER A 211 -6.47 -24.07 -13.81
C SER A 211 -6.29 -25.59 -13.92
N SER A 212 -5.54 -26.21 -13.02
CA SER A 212 -5.29 -27.64 -13.09
C SER A 212 -5.79 -28.42 -11.88
N ALA A 213 -6.19 -27.72 -10.81
CA ALA A 213 -6.67 -28.37 -9.58
C ALA A 213 -8.02 -29.05 -9.81
N SER A 214 -8.38 -30.01 -8.95
CA SER A 214 -9.68 -30.72 -9.07
C SER A 214 -10.78 -29.87 -8.43
N PHE A 215 -12.05 -30.22 -8.68
CA PHE A 215 -13.15 -29.43 -8.15
C PHE A 215 -13.04 -29.25 -6.64
N LEU A 216 -12.69 -30.32 -5.92
CA LEU A 216 -12.60 -30.23 -4.46
C LEU A 216 -11.53 -29.25 -4.02
N SER A 217 -10.36 -29.28 -4.68
CA SER A 217 -9.30 -28.35 -4.31
C SER A 217 -9.70 -26.91 -4.58
N ARG A 218 -10.37 -26.66 -5.70
CA ARG A 218 -10.85 -25.31 -5.98
C ARG A 218 -11.86 -24.85 -4.94
N ILE A 219 -12.75 -25.75 -4.53
CA ILE A 219 -13.75 -25.40 -3.52
C ILE A 219 -13.08 -25.08 -2.18
N THR A 220 -12.12 -25.91 -1.78
CA THR A 220 -11.47 -25.76 -0.48
C THR A 220 -10.24 -24.86 -0.53
N PHE A 221 -9.82 -24.41 -1.72
CA PHE A 221 -8.64 -23.57 -1.90
C PHE A 221 -7.38 -24.24 -1.35
N TRP A 222 -7.29 -25.56 -1.54
CA TRP A 222 -6.13 -26.29 -1.02
C TRP A 222 -4.88 -26.03 -1.85
N TRP A 223 -5.03 -25.67 -3.12
CA TRP A 223 -3.89 -25.58 -4.03
C TRP A 223 -2.89 -24.51 -3.62
N ILE A 224 -3.25 -23.58 -2.74
CA ILE A 224 -2.28 -22.58 -2.28
C ILE A 224 -1.54 -23.01 -1.02
N THR A 225 -2.00 -24.05 -0.32
CA THR A 225 -1.32 -24.45 0.91
C THR A 225 0.15 -24.74 0.67
N GLY A 226 0.50 -25.19 -0.53
CA GLY A 226 1.88 -25.36 -0.91
C GLY A 226 2.68 -24.12 -0.62
N MET A 227 2.32 -23.01 -1.27
CA MET A 227 3.01 -21.71 -1.02
C MET A 227 2.93 -21.37 0.47
N MET A 228 1.82 -21.72 1.14
CA MET A 228 1.69 -21.45 2.57
C MET A 228 2.74 -22.20 3.38
N VAL A 229 2.98 -23.48 3.08
CA VAL A 229 4.03 -24.15 3.84
C VAL A 229 5.40 -23.64 3.39
N GLN A 230 5.59 -23.43 2.08
CA GLN A 230 6.89 -23.03 1.60
C GLN A 230 7.24 -21.63 2.09
N GLY A 231 6.27 -20.73 2.09
CA GLY A 231 6.50 -19.41 2.64
C GLY A 231 6.86 -19.43 4.12
N TYR A 232 6.43 -20.47 4.83
CA TYR A 232 6.79 -20.55 6.24
C TYR A 232 8.25 -20.96 6.44
N ARG A 233 8.87 -21.56 5.43
CA ARG A 233 10.25 -22.03 5.55
C ARG A 233 11.24 -21.18 4.77
N GLN A 234 10.90 -20.83 3.53
CA GLN A 234 11.84 -20.06 2.66
C GLN A 234 11.20 -18.72 2.31
N PRO A 235 11.71 -17.57 2.82
CA PRO A 235 11.06 -16.27 2.60
C PRO A 235 10.85 -15.95 1.12
N LEU A 236 9.61 -15.67 0.76
CA LEU A 236 9.21 -15.55 -0.63
C LEU A 236 9.96 -14.42 -1.34
N GLU A 237 10.30 -14.67 -2.61
CA GLU A 237 10.86 -13.63 -3.47
C GLU A 237 9.98 -13.48 -4.70
N SER A 238 10.35 -12.53 -5.55
CA SER A 238 9.54 -12.17 -6.71
C SER A 238 9.45 -13.28 -7.75
N THR A 239 10.43 -14.18 -7.80
CA THR A 239 10.44 -15.24 -8.80
C THR A 239 9.73 -16.51 -8.36
N ASP A 240 9.57 -16.72 -7.05
CA ASP A 240 8.85 -17.90 -6.58
C ASP A 240 7.36 -17.79 -6.86
N LEU A 241 6.84 -16.58 -6.99
CA LEU A 241 5.42 -16.39 -7.22
C LEU A 241 4.98 -17.06 -8.52
N TRP A 242 3.81 -17.70 -8.48
CA TRP A 242 3.30 -18.42 -9.62
C TRP A 242 2.98 -17.47 -10.76
N SER A 243 3.04 -18.00 -11.99
CA SER A 243 2.62 -17.23 -13.15
C SER A 243 1.10 -17.04 -13.12
N LEU A 244 0.61 -16.20 -14.02
CA LEU A 244 -0.79 -15.85 -14.06
C LEU A 244 -1.51 -16.73 -15.09
N ASN A 245 -2.73 -17.11 -14.78
CA ASN A 245 -3.54 -17.84 -15.76
C ASN A 245 -3.81 -16.95 -16.96
N LYS A 246 -4.05 -17.59 -18.11
CA LYS A 246 -4.10 -16.87 -19.37
C LYS A 246 -5.14 -15.76 -19.37
N GLU A 247 -6.26 -15.96 -18.66
CA GLU A 247 -7.32 -14.96 -18.71
C GLU A 247 -6.99 -13.71 -17.90
N ASP A 248 -6.14 -13.81 -16.88
CA ASP A 248 -5.80 -12.66 -16.07
C ASP A 248 -4.66 -11.83 -16.63
N THR A 249 -3.98 -12.31 -17.65
CA THR A 249 -2.90 -11.54 -18.27
C THR A 249 -3.47 -10.31 -18.94
N SER A 250 -2.77 -9.18 -18.80
CA SER A 250 -3.23 -7.93 -19.37
C SER A 250 -3.34 -8.02 -20.89
N GLU A 251 -2.52 -8.89 -21.49
CA GLU A 251 -2.54 -9.07 -22.97
C GLU A 251 -3.86 -9.69 -23.42
N GLN A 252 -4.64 -10.27 -22.49
CA GLN A 252 -5.92 -10.86 -22.84
C GLN A 252 -7.12 -10.09 -22.29
N VAL A 253 -6.90 -9.06 -21.48
CA VAL A 253 -8.01 -8.27 -20.96
C VAL A 253 -8.02 -6.83 -21.49
N VAL A 254 -6.89 -6.31 -21.98
CA VAL A 254 -6.88 -4.96 -22.53
C VAL A 254 -7.45 -4.94 -23.95
N PRO A 255 -7.09 -5.87 -24.84
CA PRO A 255 -7.66 -5.81 -26.20
C PRO A 255 -9.17 -5.92 -26.23
N VAL A 256 -9.78 -6.71 -25.34
CA VAL A 256 -11.25 -6.82 -25.36
C VAL A 256 -11.89 -5.50 -24.96
N LEU A 257 -11.36 -4.85 -23.91
CA LEU A 257 -11.88 -3.55 -23.52
C LEU A 257 -11.66 -2.51 -24.60
N VAL A 258 -10.49 -2.55 -25.25
CA VAL A 258 -10.19 -1.61 -26.32
C VAL A 258 -11.16 -1.78 -27.47
N LYS A 259 -11.40 -3.05 -27.85
CA LYS A 259 -12.34 -3.34 -28.96
C LYS A 259 -13.73 -2.84 -28.58
N ASN A 260 -14.20 -3.17 -27.38
CA ASN A 260 -15.55 -2.78 -26.98
C ASN A 260 -15.69 -1.26 -26.94
N TRP A 261 -14.70 -0.57 -26.39
CA TRP A 261 -14.74 0.88 -26.36
C TRP A 261 -14.72 1.47 -27.75
N LYS A 262 -13.94 0.87 -28.65
CA LYS A 262 -13.93 1.32 -30.04
C LYS A 262 -15.29 1.12 -30.70
N LYS A 263 -15.94 -0.01 -30.43
CA LYS A 263 -17.25 -0.28 -31.00
C LYS A 263 -18.28 0.72 -30.50
N GLU A 264 -18.26 1.02 -29.20
CA GLU A 264 -19.18 2.01 -28.66
C GLU A 264 -18.88 3.41 -29.20
N CYS A 265 -17.59 3.77 -29.30
CA CYS A 265 -17.24 5.09 -29.80
C CYS A 265 -17.65 5.26 -31.25
N ALA A 266 -17.45 4.23 -32.07
CA ALA A 266 -17.87 4.28 -33.46
C ALA A 266 -19.39 4.26 -33.61
N LYS A 267 -20.09 3.58 -32.71
CA LYS A 267 -21.55 3.58 -32.73
C LYS A 267 -22.14 4.93 -32.36
N SER A 268 -21.50 5.66 -31.46
CA SER A 268 -21.95 7.00 -31.09
C SER A 268 -21.16 8.06 -31.85
N ASP A 310 -22.25 11.00 -26.67
CA ASP A 310 -21.79 10.84 -25.29
C ASP A 310 -21.64 9.36 -24.93
N PRO A 311 -20.59 8.70 -25.43
CA PRO A 311 -20.42 7.27 -25.10
C PRO A 311 -20.33 7.06 -23.60
N SER A 312 -20.94 5.97 -23.14
CA SER A 312 -21.03 5.67 -21.72
C SER A 312 -20.07 4.55 -21.38
N LEU A 313 -19.22 4.77 -20.38
CA LEU A 313 -18.23 3.77 -20.01
C LEU A 313 -18.84 2.64 -19.20
N PHE A 314 -19.93 2.90 -18.47
CA PHE A 314 -20.53 1.87 -17.63
C PHE A 314 -21.10 0.73 -18.47
N LYS A 315 -21.73 1.08 -19.60
CA LYS A 315 -22.24 0.04 -20.49
C LYS A 315 -21.11 -0.83 -21.02
N VAL A 316 -20.00 -0.21 -21.39
CA VAL A 316 -18.83 -0.97 -21.83
C VAL A 316 -18.35 -1.89 -20.71
N LEU A 317 -18.27 -1.34 -19.49
CA LEU A 317 -17.76 -2.12 -18.35
C LEU A 317 -18.63 -3.35 -18.09
N TYR A 318 -19.96 -3.17 -18.09
CA TYR A 318 -20.80 -4.32 -17.73
C TYR A 318 -21.08 -5.21 -18.93
N LYS A 319 -20.75 -4.77 -20.14
CA LYS A 319 -20.76 -5.67 -21.28
C LYS A 319 -19.48 -6.48 -21.40
N THR A 320 -18.36 -5.96 -20.91
CA THR A 320 -17.07 -6.62 -21.04
C THR A 320 -16.76 -7.58 -19.90
N PHE A 321 -16.99 -7.18 -18.65
CA PHE A 321 -16.70 -8.03 -17.51
C PHE A 321 -17.93 -8.38 -16.69
N GLY A 322 -19.13 -7.97 -17.13
CA GLY A 322 -20.36 -8.28 -16.47
C GLY A 322 -20.76 -9.75 -16.48
N PRO A 323 -20.64 -10.44 -17.63
CA PRO A 323 -21.06 -11.85 -17.66
C PRO A 323 -20.35 -12.74 -16.65
N TYR A 324 -19.05 -12.55 -16.45
CA TYR A 324 -18.36 -13.31 -15.41
C TYR A 324 -18.82 -12.87 -14.02
N PHE A 325 -19.23 -11.61 -13.90
CA PHE A 325 -19.62 -11.07 -12.60
C PHE A 325 -21.01 -11.55 -12.17
N LEU A 326 -21.88 -11.87 -13.13
CA LEU A 326 -23.25 -12.23 -12.80
C LEU A 326 -23.35 -13.54 -12.05
N MET A 327 -22.32 -14.39 -12.12
CA MET A 327 -22.32 -15.61 -11.31
C MET A 327 -22.24 -15.31 -9.82
N SER A 328 -21.80 -14.12 -9.45
CA SER A 328 -21.77 -13.73 -8.04
C SER A 328 -23.16 -13.59 -7.46
N PHE A 329 -24.16 -13.26 -8.28
CA PHE A 329 -25.51 -13.02 -7.79
C PHE A 329 -26.10 -14.28 -7.18
N LEU A 330 -25.99 -15.40 -7.92
CA LEU A 330 -26.52 -16.69 -7.40
C LEU A 330 -25.83 -17.01 -6.07
N PHE A 331 -24.50 -16.95 -6.04
CA PHE A 331 -23.76 -17.28 -4.82
C PHE A 331 -24.21 -16.42 -3.65
N LYS A 332 -24.44 -15.14 -3.93
CA LYS A 332 -24.85 -14.20 -2.85
C LYS A 332 -26.25 -14.59 -2.34
N ALA A 333 -27.16 -14.96 -3.25
CA ALA A 333 -28.50 -15.35 -2.83
C ALA A 333 -28.46 -16.62 -1.99
N VAL A 334 -27.68 -17.61 -2.43
CA VAL A 334 -27.57 -18.86 -1.68
C VAL A 334 -26.95 -18.59 -0.31
N HIS A 335 -25.93 -17.74 -0.26
CA HIS A 335 -25.30 -17.43 1.01
C HIS A 335 -26.27 -16.75 1.98
N ASP A 336 -27.08 -15.82 1.48
CA ASP A 336 -28.07 -15.16 2.32
C ASP A 336 -29.07 -16.17 2.87
N LEU A 337 -29.59 -17.04 2.00
CA LEU A 337 -30.57 -18.02 2.46
C LEU A 337 -29.96 -18.98 3.49
N MET A 338 -28.73 -19.43 3.26
CA MET A 338 -28.12 -20.35 4.20
C MET A 338 -27.75 -19.67 5.52
N MET A 339 -27.41 -18.38 5.46
CA MET A 339 -27.19 -17.62 6.69
C MET A 339 -28.47 -17.54 7.52
N PHE A 340 -29.60 -17.26 6.86
CA PHE A 340 -30.86 -17.23 7.60
C PHE A 340 -31.33 -18.61 8.04
N ALA A 341 -30.87 -19.67 7.38
CA ALA A 341 -31.28 -21.01 7.76
C ALA A 341 -30.77 -21.42 9.13
N GLY A 342 -29.75 -20.73 9.65
CA GLY A 342 -29.21 -21.03 10.96
C GLY A 342 -30.18 -20.83 12.11
N PRO A 343 -30.71 -19.61 12.25
CA PRO A 343 -31.65 -19.34 13.35
C PRO A 343 -32.90 -20.21 13.32
N GLU A 344 -33.40 -20.61 12.15
CA GLU A 344 -34.56 -21.48 12.10
C GLU A 344 -34.25 -22.85 12.71
N ILE A 345 -33.10 -23.43 12.35
CA ILE A 345 -32.72 -24.71 12.94
C ILE A 345 -32.43 -24.54 14.42
N LEU A 346 -31.91 -23.37 14.79
CA LEU A 346 -31.67 -23.09 16.23
C LEU A 346 -33.02 -23.15 16.96
N LYS A 347 -34.05 -22.50 16.39
CA LYS A 347 -35.37 -22.52 17.02
C LYS A 347 -35.90 -23.94 17.12
N LEU A 348 -35.72 -24.73 16.07
CA LEU A 348 -36.17 -26.12 16.12
C LEU A 348 -35.45 -26.90 17.21
N LEU A 349 -34.15 -26.67 17.38
CA LEU A 349 -33.39 -27.36 18.42
C LEU A 349 -33.83 -26.92 19.81
N ILE A 350 -34.10 -25.62 20.00
CA ILE A 350 -34.58 -25.12 21.29
C ILE A 350 -35.94 -25.73 21.60
N ASN A 351 -36.79 -25.85 20.59
CA ASN A 351 -38.06 -26.55 20.78
C ASN A 351 -37.83 -28.00 21.15
N PHE A 352 -36.87 -28.66 20.51
CA PHE A 352 -36.61 -30.08 20.75
C PHE A 352 -36.16 -30.33 22.17
N VAL A 353 -35.22 -29.51 22.67
CA VAL A 353 -34.73 -29.72 24.03
C VAL A 353 -35.84 -29.45 25.04
N ASN A 354 -36.69 -28.47 24.76
CA ASN A 354 -37.86 -28.23 25.62
C ASN A 354 -38.90 -29.33 25.44
N ASP A 355 -39.01 -29.90 24.24
CA ASP A 355 -40.00 -30.94 23.96
C ASP A 355 -39.42 -32.28 24.39
N LYS A 356 -39.55 -32.60 25.68
CA LYS A 356 -39.17 -33.91 26.17
C LYS A 356 -40.07 -34.98 25.57
N LYS A 357 -39.69 -36.26 25.74
CA LYS A 357 -40.51 -37.38 25.20
C LYS A 357 -40.50 -37.34 23.66
N ALA A 358 -39.51 -36.69 23.07
CA ALA A 358 -39.37 -36.62 21.62
C ALA A 358 -38.20 -37.48 21.18
N PRO A 359 -38.25 -38.00 19.95
CA PRO A 359 -37.17 -38.88 19.49
C PRO A 359 -35.83 -38.18 19.43
N GLU A 360 -34.77 -38.93 19.71
CA GLU A 360 -33.42 -38.41 19.56
C GLU A 360 -33.05 -38.19 18.10
N TRP A 361 -33.69 -38.94 17.21
CA TRP A 361 -33.40 -38.84 15.78
C TRP A 361 -33.66 -37.43 15.25
N GLN A 362 -34.73 -36.81 15.75
CA GLN A 362 -35.07 -35.42 15.32
C GLN A 362 -33.96 -34.47 15.78
N GLY A 363 -33.50 -34.63 17.03
CA GLY A 363 -32.42 -33.76 17.55
C GLY A 363 -31.12 -33.96 16.79
N TYR A 364 -30.68 -35.22 16.66
CA TYR A 364 -29.45 -35.50 15.86
C TYR A 364 -29.72 -35.14 14.39
N PHE A 365 -30.94 -35.38 13.94
CA PHE A 365 -31.31 -35.05 12.54
C PHE A 365 -30.92 -33.60 12.26
N TYR A 366 -31.29 -32.69 13.18
CA TYR A 366 -31.03 -31.24 13.00
C TYR A 366 -29.54 -30.92 13.17
N THR A 367 -28.89 -31.53 14.17
CA THR A 367 -27.47 -31.18 14.43
C THR A 367 -26.72 -31.34 13.10
N ALA A 368 -27.12 -32.32 12.29
CA ALA A 368 -26.51 -32.49 10.95
C ALA A 368 -26.94 -31.31 10.07
N LEU A 369 -28.22 -30.92 10.12
CA LEU A 369 -28.68 -29.86 9.24
C LEU A 369 -27.93 -28.55 9.51
N LEU A 370 -27.74 -28.21 10.79
CA LEU A 370 -26.95 -27.04 11.13
C LEU A 370 -25.55 -27.13 10.55
N PHE A 371 -24.91 -28.28 10.74
CA PHE A 371 -23.53 -28.44 10.26
C PHE A 371 -23.46 -28.29 8.75
N ILE A 372 -24.34 -28.96 8.02
CA ILE A 372 -24.27 -28.94 6.56
C ILE A 372 -24.60 -27.56 6.02
N SER A 373 -25.59 -26.88 6.62
CA SER A 373 -25.92 -25.53 6.17
C SER A 373 -24.75 -24.58 6.40
N ALA A 374 -24.11 -24.67 7.57
CA ALA A 374 -22.98 -23.78 7.84
C ALA A 374 -21.83 -24.03 6.88
N CYS A 375 -21.50 -25.30 6.63
CA CYS A 375 -20.40 -25.61 5.72
C CYS A 375 -20.70 -25.12 4.30
N LEU A 376 -21.92 -25.38 3.82
CA LEU A 376 -22.28 -24.97 2.47
C LEU A 376 -22.26 -23.46 2.34
N GLN A 377 -22.77 -22.76 3.36
CA GLN A 377 -22.75 -21.30 3.33
C GLN A 377 -21.32 -20.77 3.27
N THR A 378 -20.42 -21.35 4.06
CA THR A 378 -19.03 -20.93 4.03
C THR A 378 -18.43 -21.10 2.64
N LEU A 379 -18.62 -22.28 2.05
CA LEU A 379 -18.04 -22.56 0.70
C LEU A 379 -18.59 -21.56 -0.33
N VAL A 380 -19.91 -21.48 -0.48
CA VAL A 380 -20.52 -20.60 -1.52
C VAL A 380 -20.06 -19.15 -1.35
N LEU A 381 -20.04 -18.63 -0.12
CA LEU A 381 -19.70 -17.20 0.10
C LEU A 381 -18.31 -16.88 -0.47
N HIS A 382 -17.32 -17.76 -0.23
CA HIS A 382 -15.94 -17.47 -0.68
C HIS A 382 -15.84 -17.53 -2.21
N GLN A 383 -16.58 -18.45 -2.85
CA GLN A 383 -16.60 -18.45 -4.34
C GLN A 383 -16.97 -17.03 -4.77
N TYR A 384 -18.10 -16.51 -4.30
CA TYR A 384 -18.52 -15.11 -4.55
C TYR A 384 -17.35 -14.16 -4.26
N PHE A 385 -16.73 -14.25 -3.09
CA PHE A 385 -15.56 -13.38 -2.82
C PHE A 385 -14.57 -13.50 -3.97
N HIS A 386 -14.15 -14.73 -4.23
CA HIS A 386 -13.15 -14.99 -5.31
C HIS A 386 -13.68 -14.38 -6.61
N ILE A 387 -14.92 -14.68 -6.98
CA ILE A 387 -15.48 -14.20 -8.28
C ILE A 387 -15.39 -12.67 -8.35
N CYS A 388 -15.96 -11.97 -7.38
CA CYS A 388 -15.96 -10.48 -7.39
C CYS A 388 -14.53 -9.97 -7.54
N PHE A 389 -13.65 -10.33 -6.59
CA PHE A 389 -12.24 -9.88 -6.62
C PHE A 389 -11.58 -10.18 -7.96
N VAL A 390 -11.75 -11.35 -8.52
CA VAL A 390 -11.24 -11.68 -9.89
C VAL A 390 -11.76 -10.61 -10.86
N SER A 391 -13.06 -10.34 -10.83
CA SER A 391 -13.64 -9.32 -11.73
C SER A 391 -12.98 -7.96 -11.46
N GLY A 392 -12.86 -7.59 -10.19
CA GLY A 392 -12.22 -6.31 -9.81
C GLY A 392 -10.77 -6.25 -10.26
N MET A 393 -10.03 -7.34 -10.09
CA MET A 393 -8.61 -7.41 -10.58
C MET A 393 -8.62 -7.19 -12.09
N ARG A 394 -9.41 -7.99 -12.83
CA ARG A 394 -9.52 -7.81 -14.26
C ARG A 394 -9.90 -6.38 -14.62
N ILE A 395 -10.82 -5.79 -13.86
CA ILE A 395 -11.23 -4.41 -14.11
C ILE A 395 -10.03 -3.47 -13.98
N LYS A 396 -9.25 -3.64 -12.90
CA LYS A 396 -8.08 -2.79 -12.69
C LYS A 396 -7.10 -2.93 -13.84
N THR A 397 -6.80 -4.18 -14.22
CA THR A 397 -5.81 -4.41 -15.28
C THR A 397 -6.25 -3.78 -16.59
N ALA A 398 -7.52 -4.01 -16.97
CA ALA A 398 -8.01 -3.48 -18.24
C ALA A 398 -8.05 -1.96 -18.25
N VAL A 399 -8.46 -1.34 -17.13
CA VAL A 399 -8.49 0.11 -17.07
C VAL A 399 -7.08 0.68 -17.17
N ILE A 400 -6.12 0.04 -16.49
CA ILE A 400 -4.73 0.46 -16.59
C ILE A 400 -4.24 0.42 -18.04
N GLY A 401 -4.49 -0.69 -18.72
CA GLY A 401 -4.02 -0.82 -20.10
C GLY A 401 -4.67 0.19 -21.03
N ALA A 402 -5.99 0.37 -20.91
CA ALA A 402 -6.69 1.32 -21.77
C ALA A 402 -6.22 2.74 -21.51
N VAL A 403 -5.98 3.10 -20.24
CA VAL A 403 -5.48 4.42 -19.93
C VAL A 403 -4.10 4.63 -20.56
N TYR A 404 -3.24 3.62 -20.47
CA TYR A 404 -1.91 3.75 -21.06
C TYR A 404 -2.00 3.96 -22.57
N ARG A 405 -2.80 3.15 -23.25
CA ARG A 405 -2.91 3.27 -24.70
C ARG A 405 -3.50 4.62 -25.10
N LYS A 406 -4.55 5.03 -24.39
CA LYS A 406 -5.18 6.35 -24.67
C LYS A 406 -4.13 7.45 -24.51
N ALA A 407 -3.40 7.44 -23.38
CA ALA A 407 -2.40 8.47 -23.14
C ALA A 407 -1.34 8.48 -24.22
N LEU A 408 -1.03 7.31 -24.78
CA LEU A 408 -0.09 7.28 -25.91
C LEU A 408 -0.72 7.77 -27.20
N VAL A 409 -2.05 7.80 -27.30
CA VAL A 409 -2.70 8.17 -28.55
C VAL A 409 -3.20 9.61 -28.56
N ILE A 410 -3.61 10.12 -27.38
CA ILE A 410 -4.35 11.40 -27.35
C ILE A 410 -3.50 12.55 -27.89
N THR A 411 -4.20 13.62 -28.27
CA THR A 411 -3.57 14.78 -28.89
C THR A 411 -2.94 15.69 -27.83
N ASN A 412 -1.92 16.45 -28.23
CA ASN A 412 -1.22 17.34 -27.28
C ASN A 412 -2.23 18.36 -26.72
N ALA A 413 -3.11 18.88 -27.58
CA ALA A 413 -4.09 19.90 -27.14
C ALA A 413 -4.95 19.34 -26.00
N ALA A 414 -5.48 18.13 -26.17
CA ALA A 414 -6.35 17.51 -25.13
C ALA A 414 -5.49 17.06 -23.95
N ARG A 415 -4.18 16.89 -24.16
CA ARG A 415 -3.34 16.37 -23.08
C ARG A 415 -2.87 17.49 -22.15
N LYS A 416 -2.60 18.68 -22.71
CA LYS A 416 -2.08 19.77 -21.90
C LYS A 416 -3.10 20.22 -20.85
N SER A 417 -4.39 20.23 -21.21
CA SER A 417 -5.40 20.74 -20.30
C SER A 417 -5.47 19.91 -19.02
N SER A 418 -5.39 18.59 -19.14
CA SER A 418 -5.35 17.73 -17.97
C SER A 418 -3.94 17.69 -17.41
N THR A 419 -3.83 17.75 -16.08
CA THR A 419 -2.53 17.70 -15.42
C THR A 419 -1.94 16.29 -15.53
N VAL A 420 -0.61 16.22 -15.54
CA VAL A 420 0.08 14.93 -15.56
C VAL A 420 -0.23 14.15 -14.28
N GLY A 421 -0.15 14.84 -13.14
CA GLY A 421 -0.52 14.21 -11.88
C GLY A 421 -1.97 13.76 -11.88
N GLU A 422 -2.82 14.46 -12.62
CA GLU A 422 -4.25 14.06 -12.72
C GLU A 422 -4.33 12.66 -13.34
N ILE A 423 -3.53 12.40 -14.40
CA ILE A 423 -3.58 11.10 -15.14
C ILE A 423 -2.91 9.95 -14.36
N VAL A 424 -1.70 10.16 -13.85
CA VAL A 424 -1.06 9.12 -13.00
C VAL A 424 -2.01 8.79 -11.85
N ASN A 425 -2.65 9.82 -11.26
CA ASN A 425 -3.60 9.61 -10.14
C ASN A 425 -4.84 8.86 -10.64
N LEU A 426 -5.27 9.13 -11.87
CA LEU A 426 -6.43 8.42 -12.46
C LEU A 426 -6.14 6.91 -12.44
N MET A 427 -4.87 6.54 -12.54
CA MET A 427 -4.47 5.10 -12.48
C MET A 427 -4.13 4.72 -11.04
N SER A 428 -3.81 5.72 -10.19
CA SER A 428 -3.38 5.40 -8.80
C SER A 428 -4.58 5.04 -7.93
N VAL A 429 -5.68 5.78 -8.04
CA VAL A 429 -6.85 5.53 -7.14
C VAL A 429 -8.10 5.25 -7.97
N ASP A 430 -8.43 6.10 -8.94
CA ASP A 430 -9.69 5.92 -9.72
C ASP A 430 -9.77 4.49 -10.25
N ALA A 431 -8.68 3.98 -10.82
CA ALA A 431 -8.67 2.61 -11.37
C ALA A 431 -8.85 1.58 -10.25
N GLN A 432 -8.23 1.82 -9.09
CA GLN A 432 -8.28 0.82 -7.98
C GLN A 432 -9.63 0.87 -7.27
N ARG A 433 -10.24 2.06 -7.18
CA ARG A 433 -11.60 2.16 -6.57
C ARG A 433 -12.50 1.07 -7.14
N PHE A 434 -12.53 0.92 -8.46
CA PHE A 434 -13.41 -0.07 -9.12
C PHE A 434 -12.99 -1.49 -8.70
N MET A 435 -11.68 -1.74 -8.64
CA MET A 435 -11.17 -3.07 -8.23
C MET A 435 -11.69 -3.36 -6.81
N ASP A 436 -11.63 -2.38 -5.92
CA ASP A 436 -12.16 -2.54 -4.54
C ASP A 436 -13.69 -2.61 -4.58
N LEU A 437 -14.33 -1.71 -5.31
CA LEU A 437 -15.81 -1.66 -5.35
C LEU A 437 -16.37 -3.07 -5.57
N ALA A 438 -15.63 -3.93 -6.26
CA ALA A 438 -16.14 -5.29 -6.57
C ALA A 438 -16.70 -5.96 -5.32
N THR A 439 -16.25 -5.56 -4.12
CA THR A 439 -16.70 -6.26 -2.89
C THR A 439 -17.75 -5.43 -2.15
N TYR A 440 -18.18 -4.31 -2.74
CA TYR A 440 -19.24 -3.47 -2.11
C TYR A 440 -20.42 -3.31 -3.08
N ILE A 441 -20.43 -4.07 -4.17
CA ILE A 441 -21.49 -3.88 -5.20
C ILE A 441 -22.69 -4.80 -4.90
N ASN A 442 -22.49 -6.11 -4.81
CA ASN A 442 -23.63 -6.99 -4.62
C ASN A 442 -24.45 -6.58 -3.41
N MET A 443 -23.77 -6.07 -2.38
CA MET A 443 -24.47 -5.62 -1.14
C MET A 443 -25.61 -4.66 -1.51
N ILE A 444 -25.50 -3.95 -2.64
CA ILE A 444 -26.53 -2.98 -2.97
C ILE A 444 -27.91 -3.60 -2.83
N TRP A 445 -28.01 -4.93 -2.95
CA TRP A 445 -29.27 -5.62 -2.76
C TRP A 445 -29.19 -6.69 -1.68
N SER A 446 -28.00 -7.23 -1.42
CA SER A 446 -27.85 -8.20 -0.33
C SER A 446 -28.12 -7.54 1.02
N ALA A 447 -27.54 -6.37 1.26
CA ALA A 447 -27.72 -5.71 2.55
C ALA A 447 -29.18 -5.34 2.84
N PRO A 448 -29.93 -4.71 1.92
CA PRO A 448 -31.34 -4.41 2.25
C PRO A 448 -32.16 -5.67 2.48
N LEU A 449 -32.18 -6.57 1.50
CA LEU A 449 -33.03 -7.76 1.61
C LEU A 449 -32.74 -8.51 2.90
N GLN A 450 -31.47 -8.84 3.14
CA GLN A 450 -31.07 -9.43 4.41
C GLN A 450 -31.72 -8.70 5.57
N VAL A 451 -31.42 -7.40 5.71
CA VAL A 451 -31.99 -6.61 6.79
C VAL A 451 -33.50 -6.79 6.82
N ILE A 452 -34.15 -6.55 5.67
CA ILE A 452 -35.61 -6.64 5.63
C ILE A 452 -36.04 -8.02 6.08
N LEU A 453 -35.45 -9.07 5.49
CA LEU A 453 -35.82 -10.41 5.87
C LEU A 453 -35.59 -10.63 7.36
N ALA A 454 -34.42 -10.22 7.84
CA ALA A 454 -34.13 -10.37 9.26
C ALA A 454 -35.20 -9.68 10.09
N LEU A 455 -35.54 -8.44 9.73
CA LEU A 455 -36.55 -7.71 10.48
C LEU A 455 -37.84 -8.49 10.50
N TYR A 456 -38.27 -9.00 9.34
CA TYR A 456 -39.50 -9.76 9.29
C TYR A 456 -39.43 -10.95 10.21
N LEU A 457 -38.31 -11.70 10.17
CA LEU A 457 -38.18 -12.83 11.07
C LEU A 457 -38.26 -12.38 12.52
N LEU A 458 -37.57 -11.28 12.85
CA LEU A 458 -37.67 -10.74 14.20
C LEU A 458 -39.10 -10.35 14.51
N TRP A 459 -39.79 -9.73 13.54
CA TRP A 459 -41.18 -9.36 13.77
C TRP A 459 -42.02 -10.61 13.97
N LEU A 460 -41.71 -11.69 13.25
CA LEU A 460 -42.43 -12.94 13.47
C LEU A 460 -42.16 -13.50 14.85
N ASN A 461 -40.99 -13.20 15.41
CA ASN A 461 -40.58 -13.82 16.66
C ASN A 461 -41.21 -13.15 17.87
N LEU A 462 -40.93 -11.85 18.05
CA LEU A 462 -41.34 -11.14 19.26
C LEU A 462 -42.59 -10.29 19.03
N GLY A 463 -42.55 -9.38 18.07
CA GLY A 463 -43.65 -8.48 17.82
C GLY A 463 -43.15 -7.10 17.48
N PRO A 464 -44.02 -6.10 17.60
CA PRO A 464 -43.58 -4.72 17.33
C PRO A 464 -42.51 -4.23 18.29
N SER A 465 -42.37 -4.87 19.46
CA SER A 465 -41.36 -4.45 20.42
C SER A 465 -39.95 -4.52 19.84
N VAL A 466 -39.70 -5.48 18.94
CA VAL A 466 -38.38 -5.60 18.34
C VAL A 466 -38.03 -4.34 17.57
N LEU A 467 -39.04 -3.61 17.10
CA LEU A 467 -38.75 -2.32 16.43
C LEU A 467 -37.92 -1.45 17.38
N ALA A 468 -38.31 -1.42 18.67
CA ALA A 468 -37.56 -0.64 19.68
C ALA A 468 -36.16 -1.25 19.86
N GLY A 469 -36.06 -2.58 19.77
CA GLY A 469 -34.77 -3.27 19.93
C GLY A 469 -33.78 -2.82 18.86
N VAL A 470 -34.25 -2.68 17.62
CA VAL A 470 -33.34 -2.27 16.49
C VAL A 470 -33.30 -0.74 16.43
N ALA A 471 -34.22 -0.07 17.11
CA ALA A 471 -34.29 1.41 17.06
C ALA A 471 -32.93 2.01 17.46
N VAL A 472 -32.12 1.24 18.20
CA VAL A 472 -30.82 1.74 18.64
C VAL A 472 -29.74 1.33 17.65
N MET A 473 -29.88 0.19 16.98
CA MET A 473 -28.91 -0.21 15.96
C MET A 473 -28.87 0.81 14.83
N VAL A 474 -30.04 1.18 14.30
CA VAL A 474 -30.10 2.23 13.30
C VAL A 474 -29.63 3.55 13.88
N LEU A 475 -29.72 3.73 15.20
CA LEU A 475 -29.20 4.93 15.83
C LEU A 475 -27.68 4.90 15.95
N MET A 476 -27.06 3.72 15.91
CA MET A 476 -25.61 3.64 15.97
C MET A 476 -24.94 3.91 14.62
N VAL A 477 -25.66 3.71 13.52
CA VAL A 477 -25.07 3.96 12.19
C VAL A 477 -24.66 5.41 12.01
N PRO A 478 -25.52 6.41 12.28
CA PRO A 478 -25.04 7.80 12.17
C PRO A 478 -24.05 8.15 13.26
N LEU A 479 -24.35 7.78 14.50
CA LEU A 479 -23.48 8.15 15.61
C LEU A 479 -22.05 7.69 15.38
N ASN A 480 -21.87 6.40 15.07
CA ASN A 480 -20.54 5.90 14.76
C ASN A 480 -19.90 6.70 13.62
N ALA A 481 -20.68 6.96 12.57
CA ALA A 481 -20.18 7.79 11.48
C ALA A 481 -19.71 9.14 12.01
N VAL A 482 -20.55 9.79 12.84
CA VAL A 482 -20.16 11.08 13.41
C VAL A 482 -18.88 10.95 14.21
N MET A 483 -18.68 9.81 14.89
CA MET A 483 -17.41 9.60 15.57
C MET A 483 -16.26 9.60 14.59
N ALA A 484 -16.35 8.79 13.53
CA ALA A 484 -15.23 8.64 12.62
C ALA A 484 -14.85 9.98 12.00
N MET A 485 -15.84 10.67 11.43
CA MET A 485 -15.59 11.99 10.87
C MET A 485 -14.90 12.87 11.90
N LYS A 486 -15.37 12.91 13.15
CA LYS A 486 -14.63 13.80 14.09
C LYS A 486 -13.18 13.34 14.22
N THR A 487 -12.93 12.07 14.48
CA THR A 487 -11.52 11.80 14.67
C THR A 487 -10.72 12.09 13.42
N LYS A 488 -11.37 12.11 12.25
CA LYS A 488 -10.69 12.55 11.04
C LYS A 488 -10.19 13.98 11.21
N THR A 489 -11.03 14.86 11.75
CA THR A 489 -10.56 16.20 12.07
C THR A 489 -9.42 16.14 13.06
N TYR A 490 -9.51 15.28 14.07
CA TYR A 490 -8.31 15.24 14.95
C TYR A 490 -7.15 14.65 14.13
N GLN A 491 -7.42 13.63 13.31
CA GLN A 491 -6.32 13.17 12.46
C GLN A 491 -5.67 14.32 11.73
N VAL A 492 -6.48 15.30 11.30
CA VAL A 492 -5.91 16.46 10.62
C VAL A 492 -5.12 17.32 11.60
N ALA A 493 -5.60 17.44 12.84
CA ALA A 493 -4.90 18.27 13.82
C ALA A 493 -3.55 17.66 14.18
N HIS A 494 -3.57 16.43 14.70
CA HIS A 494 -2.34 15.73 15.06
C HIS A 494 -1.32 15.79 13.94
N MET A 495 -1.73 15.38 12.74
CA MET A 495 -0.84 15.39 11.58
C MET A 495 -0.15 16.74 11.44
N LYS A 496 -0.92 17.82 11.52
CA LYS A 496 -0.34 19.15 11.37
C LYS A 496 0.81 19.34 12.34
N SER A 497 0.56 19.10 13.64
CA SER A 497 1.62 19.28 14.62
C SER A 497 2.79 18.36 14.30
N LYS A 498 2.50 17.12 13.92
CA LYS A 498 3.58 16.19 13.60
C LYS A 498 4.48 16.78 12.52
N ASP A 499 3.86 17.36 11.49
CA ASP A 499 4.66 17.98 10.40
C ASP A 499 5.67 18.95 11.01
N ASN A 500 5.21 19.89 11.84
CA ASN A 500 6.12 20.84 12.46
C ASN A 500 7.23 20.12 13.18
N ARG A 501 6.90 19.13 14.01
CA ARG A 501 8.01 18.49 14.74
C ARG A 501 8.98 17.89 13.73
N ILE A 502 8.51 17.11 12.75
CA ILE A 502 9.50 16.47 11.89
C ILE A 502 10.35 17.54 11.22
N LYS A 503 9.73 18.67 10.86
CA LYS A 503 10.50 19.77 10.29
C LYS A 503 11.61 20.18 11.24
N LEU A 504 11.25 20.45 12.49
CA LEU A 504 12.25 20.82 13.48
C LEU A 504 13.30 19.72 13.59
N MET A 505 12.86 18.47 13.65
CA MET A 505 13.81 17.37 13.79
C MET A 505 14.76 17.33 12.59
N ASN A 506 14.22 17.56 11.39
CA ASN A 506 15.08 17.56 10.21
C ASN A 506 16.19 18.60 10.39
N GLU A 507 15.82 19.78 10.88
CA GLU A 507 16.83 20.86 11.07
C GLU A 507 17.89 20.42 12.09
N ILE A 508 17.50 19.65 13.12
CA ILE A 508 18.50 19.15 14.06
C ILE A 508 19.35 18.07 13.40
N LEU A 509 18.75 17.25 12.55
CA LEU A 509 19.48 16.10 12.03
C LEU A 509 20.59 16.52 11.08
N ASN A 510 20.37 17.55 10.27
CA ASN A 510 21.37 18.06 9.35
C ASN A 510 22.25 19.14 9.97
N GLY A 511 22.00 19.52 11.22
CA GLY A 511 22.78 20.56 11.86
C GLY A 511 23.25 20.18 13.25
N ILE A 512 23.51 18.88 13.45
CA ILE A 512 23.96 18.41 14.76
C ILE A 512 25.38 18.83 15.06
N LYS A 513 26.15 19.24 14.03
CA LYS A 513 27.51 19.71 14.26
C LYS A 513 27.52 20.98 15.09
N VAL A 514 26.71 21.96 14.69
CA VAL A 514 26.74 23.26 15.35
C VAL A 514 26.18 23.16 16.77
N LEU A 515 25.11 22.37 16.93
CA LEU A 515 24.45 22.26 18.26
C LEU A 515 25.47 21.79 19.31
N LYS A 516 26.15 20.67 19.06
CA LYS A 516 27.10 20.12 20.05
C LYS A 516 28.16 21.19 20.36
N LEU A 517 28.65 21.88 19.33
CA LEU A 517 29.72 22.89 19.54
C LEU A 517 29.28 23.94 20.56
N TYR A 518 28.03 24.41 20.47
CA TYR A 518 27.55 25.48 21.38
C TYR A 518 26.79 24.88 22.56
N ALA A 519 26.67 23.55 22.61
CA ALA A 519 25.90 22.88 23.70
C ALA A 519 24.48 23.44 23.73
N TRP A 520 23.86 23.63 22.56
CA TRP A 520 22.47 24.15 22.48
C TRP A 520 21.49 22.98 22.39
N GLU A 521 22.00 21.75 22.52
CA GLU A 521 21.14 20.55 22.37
C GLU A 521 19.94 20.62 23.32
N LEU A 522 20.15 20.95 24.60
CA LEU A 522 19.04 20.93 25.54
C LEU A 522 17.98 21.95 25.19
N ALA A 523 18.40 23.11 24.66
CA ALA A 523 17.44 24.12 24.24
C ALA A 523 16.55 23.61 23.12
N PHE A 524 17.13 22.89 22.16
CA PHE A 524 16.34 22.31 21.09
C PHE A 524 15.49 21.15 21.57
N LYS A 525 15.99 20.38 22.55
CA LYS A 525 15.18 19.34 23.16
C LYS A 525 13.94 19.92 23.81
N ASP A 526 14.07 21.09 24.44
CA ASP A 526 12.90 21.73 25.05
C ASP A 526 11.87 22.12 24.00
N LYS A 527 12.31 22.64 22.86
CA LYS A 527 11.37 22.99 21.79
C LYS A 527 10.70 21.74 21.23
N VAL A 528 11.45 20.65 21.09
CA VAL A 528 10.87 19.39 20.65
C VAL A 528 9.81 18.93 21.64
N LEU A 529 10.09 19.06 22.95
CA LEU A 529 9.11 18.69 23.96
C LEU A 529 7.87 19.59 23.93
N ALA A 530 8.04 20.88 23.61
CA ALA A 530 6.88 21.76 23.50
C ALA A 530 5.99 21.34 22.33
N ILE A 531 6.61 21.05 21.17
CA ILE A 531 5.83 20.56 20.04
C ILE A 531 5.16 19.23 20.40
N ARG A 532 5.85 18.40 21.17
CA ARG A 532 5.27 17.13 21.60
C ARG A 532 4.07 17.33 22.51
N GLN A 533 4.12 18.31 23.40
CA GLN A 533 2.95 18.61 24.23
C GLN A 533 1.78 19.07 23.37
N GLU A 534 2.07 19.91 22.37
CA GLU A 534 1.02 20.33 21.44
C GLU A 534 0.40 19.12 20.73
N GLU A 535 1.24 18.16 20.35
CA GLU A 535 0.75 16.96 19.64
C GLU A 535 -0.03 16.05 20.60
N LEU A 536 0.38 16.00 21.87
CA LEU A 536 -0.27 15.11 22.83
C LEU A 536 -1.59 15.65 23.33
N LYS A 537 -1.82 16.97 23.27
CA LYS A 537 -3.16 17.47 23.58
C LYS A 537 -4.20 16.88 22.63
N VAL A 538 -3.94 16.97 21.33
CA VAL A 538 -4.85 16.40 20.33
C VAL A 538 -4.90 14.89 20.49
N LEU A 539 -3.77 14.27 20.81
CA LEU A 539 -3.78 12.81 21.01
C LEU A 539 -4.67 12.43 22.19
N LYS A 540 -4.63 13.25 23.24
CA LYS A 540 -5.47 12.99 24.45
C LYS A 540 -6.95 13.12 24.06
N LYS A 541 -7.30 14.16 23.28
CA LYS A 541 -8.70 14.34 22.90
C LYS A 541 -9.18 13.19 22.02
N SER A 542 -8.36 12.78 21.05
CA SER A 542 -8.70 11.64 20.21
C SER A 542 -8.81 10.37 21.03
N ALA A 543 -7.95 10.22 22.04
CA ALA A 543 -7.99 9.10 22.95
C ALA A 543 -9.30 9.04 23.72
N TYR A 544 -9.77 10.17 24.24
CA TYR A 544 -11.04 10.17 24.97
C TYR A 544 -12.19 9.87 24.01
N LEU A 545 -12.12 10.40 22.79
CA LEU A 545 -13.18 10.10 21.82
C LEU A 545 -13.20 8.63 21.42
N ALA A 546 -12.03 7.99 21.36
CA ALA A 546 -11.98 6.58 20.97
C ALA A 546 -12.62 5.69 22.03
N ALA A 547 -12.53 6.10 23.30
CA ALA A 547 -13.05 5.27 24.41
C ALA A 547 -14.55 5.01 24.24
N VAL A 548 -15.33 6.05 23.94
CA VAL A 548 -16.80 5.86 23.71
C VAL A 548 -16.99 5.03 22.44
N GLY A 549 -16.09 5.18 21.46
CA GLY A 549 -16.20 4.42 20.20
C GLY A 549 -16.20 2.93 20.44
N THR A 550 -15.30 2.46 21.31
CA THR A 550 -15.26 1.01 21.67
C THR A 550 -16.43 0.71 22.61
N PHE A 551 -16.66 1.58 23.60
CA PHE A 551 -17.77 1.39 24.57
C PHE A 551 -19.05 1.00 23.81
N THR A 552 -19.50 1.85 22.89
CA THR A 552 -20.76 1.59 22.15
C THR A 552 -20.65 0.24 21.42
N TRP A 553 -19.52 -0.01 20.77
CA TRP A 553 -19.33 -1.28 20.00
C TRP A 553 -19.59 -2.48 20.91
N VAL A 554 -18.95 -2.52 22.09
CA VAL A 554 -19.08 -3.68 23.02
C VAL A 554 -20.47 -3.65 23.67
N CYS A 555 -21.01 -2.46 23.94
CA CYS A 555 -22.31 -2.35 24.66
C CYS A 555 -23.48 -2.69 23.72
N THR A 556 -23.30 -2.51 22.41
CA THR A 556 -24.45 -2.72 21.47
C THR A 556 -25.18 -4.03 21.80
N PRO A 557 -24.54 -5.22 21.80
CA PRO A 557 -25.26 -6.48 22.03
C PRO A 557 -26.16 -6.41 23.28
N PHE A 558 -25.61 -5.94 24.40
CA PHE A 558 -26.37 -5.82 25.63
C PHE A 558 -27.46 -4.76 25.47
N LEU A 559 -27.14 -3.65 24.81
CA LEU A 559 -28.10 -2.57 24.68
C LEU A 559 -29.34 -3.04 23.92
N VAL A 560 -29.14 -3.70 22.77
CA VAL A 560 -30.28 -4.15 21.99
C VAL A 560 -31.06 -5.22 22.75
N ALA A 561 -30.36 -6.15 23.40
CA ALA A 561 -31.04 -7.21 24.15
C ALA A 561 -31.88 -6.61 25.27
N LEU A 562 -31.28 -5.75 26.09
CA LEU A 562 -31.99 -5.17 27.22
C LEU A 562 -33.16 -4.32 26.76
N SER A 563 -32.95 -3.49 25.74
CA SER A 563 -34.03 -2.63 25.26
C SER A 563 -35.22 -3.47 24.79
N THR A 564 -34.97 -4.43 23.88
CA THR A 564 -36.08 -5.20 23.34
C THR A 564 -36.73 -6.08 24.40
N PHE A 565 -35.96 -6.70 25.30
CA PHE A 565 -36.55 -7.58 26.30
C PHE A 565 -37.31 -6.80 27.37
N ALA A 566 -36.78 -5.66 27.80
CA ALA A 566 -37.51 -4.83 28.76
C ALA A 566 -38.80 -4.32 28.16
N VAL A 567 -38.77 -3.88 26.91
CA VAL A 567 -40.02 -3.42 26.28
C VAL A 567 -41.00 -4.58 26.17
N TYR A 568 -40.52 -5.76 25.75
CA TYR A 568 -41.41 -6.90 25.59
C TYR A 568 -42.05 -7.29 26.91
N VAL A 569 -41.28 -7.31 28.00
CA VAL A 569 -41.83 -7.71 29.28
C VAL A 569 -42.77 -6.64 29.82
N THR A 570 -42.39 -5.37 29.72
CA THR A 570 -43.17 -4.31 30.35
C THR A 570 -44.47 -4.04 29.60
N VAL A 571 -44.49 -4.23 28.28
CA VAL A 571 -45.67 -3.85 27.48
C VAL A 571 -46.88 -4.64 27.94
N ASP A 572 -46.73 -5.95 28.11
CA ASP A 572 -47.84 -6.78 28.55
C ASP A 572 -47.32 -7.91 29.44
N GLU A 573 -48.06 -8.18 30.52
CA GLU A 573 -47.65 -9.21 31.46
C GLU A 573 -47.92 -10.62 30.95
N ASN A 574 -48.77 -10.77 29.95
CA ASN A 574 -49.04 -12.07 29.36
C ASN A 574 -47.96 -12.53 28.40
N ASN A 575 -46.98 -11.69 28.10
CA ASN A 575 -45.89 -12.03 27.19
C ASN A 575 -44.89 -12.89 27.96
N ILE A 576 -44.74 -14.13 27.54
CA ILE A 576 -43.82 -15.06 28.17
C ILE A 576 -42.50 -15.03 27.43
N LEU A 577 -41.40 -14.87 28.17
CA LEU A 577 -40.07 -14.87 27.59
C LEU A 577 -39.53 -16.29 27.62
N ASP A 578 -39.55 -16.93 26.45
CA ASP A 578 -39.08 -18.34 26.36
C ASP A 578 -37.68 -18.34 25.72
N ALA A 579 -37.03 -19.49 25.67
CA ALA A 579 -35.70 -19.60 25.08
C ALA A 579 -35.71 -19.28 23.60
N GLN A 580 -36.72 -19.77 22.87
CA GLN A 580 -36.84 -19.44 21.45
C GLN A 580 -37.13 -17.97 21.23
N LYS A 581 -37.88 -17.35 22.14
CA LYS A 581 -38.25 -15.95 22.00
C LYS A 581 -37.16 -15.00 22.46
N ALA A 582 -36.04 -15.50 22.98
CA ALA A 582 -34.99 -14.62 23.46
C ALA A 582 -33.69 -14.81 22.70
N PHE A 583 -33.30 -16.07 22.48
CA PHE A 583 -32.02 -16.37 21.87
C PHE A 583 -32.06 -16.40 20.34
N VAL A 584 -33.17 -16.81 19.74
CA VAL A 584 -33.28 -16.75 18.29
C VAL A 584 -33.26 -15.30 17.82
N SER A 585 -34.01 -14.42 18.48
CA SER A 585 -33.97 -13.01 18.14
C SER A 585 -32.63 -12.40 18.50
N LEU A 586 -31.94 -12.94 19.51
CA LEU A 586 -30.59 -12.48 19.82
C LEU A 586 -29.62 -12.78 18.69
N ALA A 587 -29.73 -13.97 18.09
CA ALA A 587 -28.88 -14.32 16.96
C ALA A 587 -29.27 -13.55 15.71
N LEU A 588 -30.57 -13.30 15.54
CA LEU A 588 -31.00 -12.47 14.41
C LEU A 588 -30.47 -11.05 14.53
N PHE A 589 -30.23 -10.59 15.75
CA PHE A 589 -29.61 -9.27 15.94
C PHE A 589 -28.16 -9.27 15.49
N ASN A 590 -27.48 -10.41 15.64
CA ASN A 590 -26.06 -10.51 15.22
C ASN A 590 -25.97 -10.47 13.70
N ILE A 591 -26.87 -11.18 13.01
CA ILE A 591 -26.80 -11.26 11.52
C ILE A 591 -27.40 -9.98 10.94
N LEU A 592 -27.85 -9.07 11.81
CA LEU A 592 -28.37 -7.76 11.34
C LEU A 592 -27.24 -6.72 11.48
N ARG A 593 -26.31 -6.96 12.39
CA ARG A 593 -25.20 -5.99 12.65
C ARG A 593 -24.51 -5.64 11.33
N PHE A 594 -24.00 -6.67 10.63
CA PHE A 594 -23.21 -6.41 9.40
C PHE A 594 -24.02 -5.65 8.36
N PRO A 595 -25.16 -6.17 7.79
CA PRO A 595 -25.82 -5.44 6.69
C PRO A 595 -26.18 -4.00 7.08
N LEU A 596 -26.31 -3.74 8.39
CA LEU A 596 -26.73 -2.39 8.84
C LEU A 596 -25.51 -1.47 8.98
N ASN A 597 -24.30 -2.04 9.05
CA ASN A 597 -23.12 -1.17 9.33
C ASN A 597 -22.33 -0.91 8.04
N ILE A 598 -22.48 -1.76 7.02
CA ILE A 598 -21.68 -1.62 5.77
C ILE A 598 -22.39 -0.66 4.80
N LEU A 599 -23.68 -0.40 5.01
CA LEU A 599 -24.42 0.45 4.07
C LEU A 599 -23.74 1.80 3.83
N PRO A 600 -23.32 2.56 4.86
CA PRO A 600 -22.62 3.82 4.56
C PRO A 600 -21.35 3.63 3.75
N MET A 601 -20.58 2.58 4.05
CA MET A 601 -19.38 2.30 3.26
C MET A 601 -19.74 1.98 1.82
N VAL A 602 -20.81 1.21 1.61
CA VAL A 602 -21.24 0.87 0.26
C VAL A 602 -21.63 2.13 -0.51
N ILE A 603 -22.40 3.01 0.13
CA ILE A 603 -22.87 4.20 -0.56
C ILE A 603 -21.71 5.14 -0.88
N SER A 604 -20.80 5.32 0.08
CA SER A 604 -19.65 6.18 -0.17
C SER A 604 -18.77 5.62 -1.29
N SER A 605 -18.53 4.31 -1.28
CA SER A 605 -17.75 3.71 -2.35
C SER A 605 -18.45 3.85 -3.70
N ILE A 606 -19.78 3.71 -3.74
CA ILE A 606 -20.48 3.84 -5.00
C ILE A 606 -20.39 5.26 -5.53
N VAL A 607 -20.49 6.26 -4.66
CA VAL A 607 -20.38 7.64 -5.11
C VAL A 607 -18.97 7.94 -5.63
N GLN A 608 -17.94 7.47 -4.91
CA GLN A 608 -16.58 7.66 -5.39
C GLN A 608 -16.35 6.94 -6.72
N ALA A 609 -16.92 5.73 -6.87
CA ALA A 609 -16.79 5.01 -8.13
C ALA A 609 -17.52 5.74 -9.25
N SER A 610 -18.62 6.42 -8.93
CA SER A 610 -19.32 7.19 -9.96
C SER A 610 -18.50 8.38 -10.44
N VAL A 611 -17.85 9.09 -9.50
CA VAL A 611 -17.00 10.18 -9.95
C VAL A 611 -15.80 9.64 -10.73
N SER A 612 -15.30 8.46 -10.35
CA SER A 612 -14.23 7.82 -11.12
C SER A 612 -14.71 7.45 -12.52
N LEU A 613 -15.95 6.96 -12.65
CA LEU A 613 -16.52 6.69 -13.96
C LEU A 613 -16.56 7.95 -14.81
N LYS A 614 -17.00 9.07 -14.22
CA LYS A 614 -17.03 10.31 -14.99
C LYS A 614 -15.63 10.72 -15.44
N ARG A 615 -14.66 10.61 -14.53
CA ARG A 615 -13.26 11.02 -14.86
C ARG A 615 -12.69 10.13 -15.96
N LEU A 616 -12.88 8.81 -15.86
CA LEU A 616 -12.36 7.88 -16.85
C LEU A 616 -13.09 8.02 -18.19
N ARG A 617 -14.40 8.32 -18.16
CA ARG A 617 -15.12 8.52 -19.39
C ARG A 617 -14.61 9.76 -20.12
N VAL A 618 -14.43 10.86 -19.39
CA VAL A 618 -13.99 12.08 -20.06
C VAL A 618 -12.55 11.93 -20.55
N PHE A 619 -11.74 11.12 -19.87
CA PHE A 619 -10.38 10.89 -20.35
C PHE A 619 -10.38 10.01 -21.60
N LEU A 620 -11.15 8.92 -21.57
CA LEU A 620 -11.11 7.97 -22.68
C LEU A 620 -11.80 8.51 -23.93
N SER A 621 -12.58 9.57 -23.82
CA SER A 621 -13.23 10.19 -24.96
C SER A 621 -12.40 11.29 -25.60
N HIS A 622 -11.17 11.48 -25.11
CA HIS A 622 -10.32 12.60 -25.61
C HIS A 622 -10.11 12.53 -27.12
N GLU A 623 -9.88 13.69 -27.75
CA GLU A 623 -9.61 13.72 -29.21
C GLU A 623 -8.25 13.04 -29.46
N ASP A 624 -7.97 12.65 -30.71
CA ASP A 624 -6.71 11.90 -30.95
C ASP A 624 -5.97 12.41 -32.20
N LEU A 625 -4.73 11.96 -32.39
CA LEU A 625 -3.91 12.34 -33.56
C LEU A 625 -4.34 11.50 -34.77
N ASP A 626 -4.10 12.01 -35.99
CA ASP A 626 -4.43 11.26 -37.23
C ASP A 626 -3.16 11.09 -38.05
N PRO A 627 -2.80 9.87 -38.50
CA PRO A 627 -1.57 9.62 -39.26
C PRO A 627 -1.60 10.36 -40.61
N ASP A 628 -2.76 10.83 -41.04
CA ASP A 628 -2.91 11.51 -42.36
C ASP A 628 -2.04 12.77 -42.39
N SER A 629 -1.74 13.35 -41.23
CA SER A 629 -0.96 14.63 -41.19
C SER A 629 0.33 14.49 -42.00
N ILE A 630 1.10 13.42 -41.75
CA ILE A 630 2.38 13.19 -42.48
C ILE A 630 2.25 11.91 -43.30
N GLN A 631 2.56 11.95 -44.59
CA GLN A 631 2.51 10.67 -45.35
C GLN A 631 3.92 10.06 -45.36
N ARG A 632 4.27 9.35 -44.28
CA ARG A 632 5.62 8.73 -44.17
C ARG A 632 5.83 7.73 -45.32
N ARG A 633 6.99 7.77 -45.96
CA ARG A 633 7.30 6.81 -47.06
C ARG A 633 8.51 5.97 -46.65
N PRO A 634 8.45 4.63 -46.77
CA PRO A 634 9.56 3.77 -46.34
C PRO A 634 10.83 4.08 -47.15
N ILE A 635 11.98 4.12 -46.48
CA ILE A 635 13.28 4.41 -47.17
C ILE A 635 14.04 3.08 -47.33
N ASN A 642 13.45 16.14 -51.49
CA ASN A 642 12.32 15.20 -51.58
C ASN A 642 12.25 14.30 -50.36
N SER A 643 13.25 14.41 -49.48
CA SER A 643 13.22 13.66 -48.23
C SER A 643 12.11 14.18 -47.31
N ILE A 644 12.01 15.51 -47.18
CA ILE A 644 10.92 16.14 -46.44
C ILE A 644 10.22 17.09 -47.39
N THR A 645 8.90 16.96 -47.51
CA THR A 645 8.13 17.76 -48.44
C THR A 645 6.99 18.41 -47.69
N VAL A 646 6.89 19.74 -47.79
CA VAL A 646 5.77 20.48 -47.21
C VAL A 646 5.30 21.48 -48.25
N LYS A 647 4.02 21.42 -48.61
CA LYS A 647 3.43 22.42 -49.50
C LYS A 647 2.16 22.99 -48.88
N ASN A 648 2.14 24.31 -48.74
CA ASN A 648 0.94 25.06 -48.34
C ASN A 648 0.32 24.47 -47.08
N ALA A 649 1.17 24.15 -46.11
CA ALA A 649 0.74 23.50 -44.89
C ALA A 649 0.62 24.51 -43.77
N THR A 650 -0.55 24.57 -43.15
CA THR A 650 -0.77 25.34 -41.94
C THR A 650 -1.16 24.38 -40.82
N PHE A 651 -0.52 24.57 -39.66
CA PHE A 651 -0.67 23.71 -38.49
C PHE A 651 -1.13 24.52 -37.29
N THR A 652 -1.77 23.85 -36.35
CA THR A 652 -2.29 24.46 -35.13
C THR A 652 -1.87 23.63 -33.93
N TRP A 653 -1.84 24.26 -32.78
CA TRP A 653 -1.69 23.53 -31.52
C TRP A 653 -3.04 23.13 -30.93
N ALA A 654 -4.14 23.57 -31.51
CA ALA A 654 -5.48 23.21 -31.06
C ALA A 654 -6.47 23.45 -32.19
N ARG A 655 -7.65 22.83 -32.05
CA ARG A 655 -8.67 22.95 -33.08
C ARG A 655 -9.16 24.39 -33.25
N ASN A 656 -9.37 25.10 -32.15
CA ASN A 656 -9.92 26.45 -32.20
C ASN A 656 -8.87 27.54 -32.15
N ASP A 657 -7.66 27.24 -31.69
CA ASP A 657 -6.61 28.24 -31.63
C ASP A 657 -6.13 28.60 -33.03
N PRO A 658 -5.57 29.79 -33.20
CA PRO A 658 -5.10 30.20 -34.53
C PRO A 658 -3.90 29.38 -34.96
N PRO A 659 -3.58 29.31 -36.27
CA PRO A 659 -2.46 28.48 -36.75
C PRO A 659 -1.10 28.98 -36.27
N THR A 660 -0.37 28.14 -35.52
CA THR A 660 1.01 28.52 -35.10
C THR A 660 1.83 28.78 -36.36
N LEU A 661 1.68 27.92 -37.37
CA LEU A 661 2.40 28.10 -38.66
C LEU A 661 1.34 28.36 -39.75
N HIS A 662 1.37 29.55 -40.36
CA HIS A 662 0.40 29.91 -41.43
C HIS A 662 0.86 29.32 -42.76
N GLY A 663 1.97 29.84 -43.30
CA GLY A 663 2.45 29.38 -44.62
C GLY A 663 3.76 28.63 -44.52
N ILE A 664 3.72 27.30 -44.57
CA ILE A 664 4.96 26.48 -44.54
C ILE A 664 5.07 25.74 -45.87
N THR A 665 6.17 25.96 -46.60
CA THR A 665 6.36 25.32 -47.93
C THR A 665 7.86 25.16 -48.18
N PHE A 666 8.37 23.94 -48.09
CA PHE A 666 9.80 23.72 -48.27
C PHE A 666 10.05 22.26 -48.61
N SER A 667 11.10 22.02 -49.39
CA SER A 667 11.52 20.69 -49.80
C SER A 667 12.96 20.48 -49.36
N VAL A 668 13.17 19.55 -48.44
CA VAL A 668 14.50 19.20 -47.95
C VAL A 668 14.94 17.93 -48.66
N PRO A 669 15.99 17.97 -49.49
CA PRO A 669 16.43 16.76 -50.19
C PRO A 669 17.15 15.81 -49.24
N GLU A 670 17.35 14.58 -49.73
CA GLU A 670 17.97 13.55 -48.93
C GLU A 670 19.41 13.91 -48.59
N GLY A 671 19.79 13.63 -47.35
CA GLY A 671 21.15 13.89 -46.90
C GLY A 671 21.58 15.33 -46.94
N SER A 672 20.70 16.24 -46.54
CA SER A 672 21.00 17.67 -46.55
C SER A 672 20.82 18.24 -45.15
N LEU A 673 21.63 19.24 -44.82
CA LEU A 673 21.60 19.88 -43.51
C LEU A 673 20.81 21.18 -43.63
N VAL A 674 19.70 21.25 -42.92
CA VAL A 674 18.80 22.39 -42.96
C VAL A 674 18.67 22.97 -41.57
N ALA A 675 18.95 24.27 -41.44
CA ALA A 675 18.90 24.93 -40.11
C ALA A 675 17.71 25.88 -40.05
N VAL A 676 16.58 25.49 -39.45
CA VAL A 676 15.47 26.50 -39.35
C VAL A 676 15.94 27.61 -38.40
N VAL A 677 16.10 28.85 -38.87
CA VAL A 677 16.63 29.86 -37.89
C VAL A 677 15.62 30.98 -37.79
N GLY A 678 15.52 31.70 -36.67
CA GLY A 678 14.46 32.73 -36.63
C GLY A 678 14.46 33.55 -35.35
N GLN A 679 13.51 34.47 -35.21
CA GLN A 679 13.45 35.33 -33.99
C GLN A 679 12.73 34.56 -32.88
N VAL A 680 13.30 34.48 -31.69
CA VAL A 680 12.67 33.65 -30.61
C VAL A 680 11.17 33.96 -30.63
N GLY A 681 10.34 32.94 -30.60
CA GLY A 681 8.90 33.17 -30.70
C GLY A 681 8.49 33.15 -32.15
N CYS A 682 9.17 32.37 -32.99
CA CYS A 682 8.86 32.40 -34.43
C CYS A 682 8.07 31.17 -34.85
N GLY A 683 8.42 30.00 -34.32
CA GLY A 683 7.77 28.83 -34.88
C GLY A 683 8.78 27.80 -35.37
N LYS A 684 9.98 27.81 -34.79
CA LYS A 684 11.00 26.85 -35.18
C LYS A 684 10.69 25.46 -34.62
N SER A 685 10.47 25.37 -33.30
CA SER A 685 10.15 24.08 -32.69
C SER A 685 8.81 23.56 -33.18
N SER A 686 7.92 24.48 -33.59
CA SER A 686 6.61 24.06 -34.13
C SER A 686 6.81 23.25 -35.41
N LEU A 687 7.77 23.65 -36.26
CA LEU A 687 7.99 22.95 -37.55
C LEU A 687 8.32 21.48 -37.29
N LEU A 688 9.29 21.22 -36.41
CA LEU A 688 9.70 19.81 -36.14
C LEU A 688 8.52 19.05 -35.51
N SER A 689 7.80 19.69 -34.59
CA SER A 689 6.63 19.05 -33.96
C SER A 689 5.62 18.65 -35.05
N ALA A 690 5.39 19.55 -36.01
CA ALA A 690 4.45 19.26 -37.11
C ALA A 690 4.95 18.05 -37.90
N LEU A 691 6.24 18.05 -38.27
CA LEU A 691 6.81 16.93 -39.06
C LEU A 691 6.59 15.61 -38.32
N LEU A 692 6.45 15.67 -36.99
CA LEU A 692 6.23 14.46 -36.21
C LEU A 692 4.76 14.16 -35.97
N ALA A 693 3.86 14.90 -36.62
CA ALA A 693 2.41 14.78 -36.40
C ALA A 693 2.06 15.06 -34.94
N GLU A 694 2.71 16.07 -34.36
CA GLU A 694 2.32 16.57 -33.04
C GLU A 694 1.44 17.80 -33.12
N MET A 695 1.69 18.68 -34.07
CA MET A 695 0.80 19.79 -34.36
C MET A 695 -0.49 19.29 -35.02
N ASP A 696 -1.53 20.10 -34.90
CA ASP A 696 -2.83 19.79 -35.50
C ASP A 696 -2.84 20.45 -36.88
N LYS A 697 -2.83 19.63 -37.93
CA LYS A 697 -2.71 20.14 -39.29
C LYS A 697 -4.08 20.59 -39.78
N VAL A 698 -4.26 21.91 -39.90
CA VAL A 698 -5.51 22.40 -40.44
C VAL A 698 -5.50 22.33 -41.97
N GLU A 699 -4.33 22.47 -42.60
CA GLU A 699 -4.30 22.30 -44.05
C GLU A 699 -2.89 21.93 -44.48
N GLY A 700 -2.77 21.40 -45.70
CA GLY A 700 -1.48 21.19 -46.31
C GLY A 700 -1.16 19.76 -46.72
N HIS A 701 0.13 19.48 -46.90
CA HIS A 701 0.59 18.15 -47.31
C HIS A 701 2.03 17.98 -46.87
N VAL A 702 2.28 17.01 -46.00
CA VAL A 702 3.61 16.73 -45.48
C VAL A 702 3.97 15.28 -45.80
N THR A 703 5.17 15.06 -46.31
CA THR A 703 5.56 13.78 -46.88
C THR A 703 6.97 13.41 -46.38
N VAL A 704 7.16 13.40 -45.07
CA VAL A 704 8.43 12.98 -44.50
C VAL A 704 8.71 11.54 -44.89
N LYS A 705 9.90 11.30 -45.44
CA LYS A 705 10.25 10.00 -46.01
C LYS A 705 11.29 9.30 -45.13
N GLY A 706 10.91 8.15 -44.58
CA GLY A 706 11.80 7.33 -43.80
C GLY A 706 11.69 7.59 -42.32
N SER A 707 12.47 6.81 -41.56
CA SER A 707 12.43 6.87 -40.11
C SER A 707 12.92 8.22 -39.61
N VAL A 708 12.34 8.68 -38.51
CA VAL A 708 12.61 9.99 -37.94
C VAL A 708 13.18 9.82 -36.54
N ALA A 709 14.31 10.47 -36.28
CA ALA A 709 14.91 10.52 -34.96
C ALA A 709 14.77 11.94 -34.44
N TYR A 710 14.12 12.09 -33.29
CA TYR A 710 13.78 13.38 -32.73
C TYR A 710 14.67 13.67 -31.53
N VAL A 711 15.36 14.80 -31.56
CA VAL A 711 16.06 15.29 -30.38
C VAL A 711 15.25 16.47 -29.85
N PRO A 712 14.45 16.27 -28.81
CA PRO A 712 13.59 17.35 -28.33
C PRO A 712 14.38 18.41 -27.61
N GLN A 713 13.78 19.60 -27.49
CA GLN A 713 14.40 20.67 -26.73
C GLN A 713 14.52 20.29 -25.26
N GLN A 714 13.42 19.84 -24.65
CA GLN A 714 13.43 19.37 -23.28
C GLN A 714 13.79 17.88 -23.29
N ALA A 715 14.99 17.56 -22.83
CA ALA A 715 15.51 16.21 -22.95
C ALA A 715 14.71 15.25 -22.08
N TRP A 716 14.26 14.16 -22.73
CA TRP A 716 13.55 13.10 -21.99
C TRP A 716 14.54 11.98 -21.68
N ILE A 717 14.74 11.69 -20.40
CA ILE A 717 15.69 10.68 -19.94
C ILE A 717 14.90 9.59 -19.22
N GLN A 718 15.05 8.36 -19.70
CA GLN A 718 14.49 7.22 -18.99
C GLN A 718 15.29 6.91 -17.74
N ASN A 719 14.63 6.37 -16.72
CA ASN A 719 15.32 6.06 -15.44
C ASN A 719 16.29 4.89 -15.61
N ILE A 720 16.22 4.18 -16.74
CA ILE A 720 17.12 3.06 -17.00
C ILE A 720 18.55 3.60 -17.13
N SER A 721 19.52 2.69 -17.18
CA SER A 721 20.92 3.09 -17.25
C SER A 721 21.20 3.89 -18.52
N LEU A 722 22.31 4.63 -18.48
CA LEU A 722 22.67 5.50 -19.60
C LEU A 722 22.89 4.68 -20.87
N ARG A 723 23.44 3.47 -20.74
CA ARG A 723 23.62 2.60 -21.90
C ARG A 723 22.28 2.29 -22.55
N GLU A 724 21.27 1.93 -21.75
CA GLU A 724 19.95 1.66 -22.31
C GLU A 724 19.22 2.93 -22.73
N ASN A 725 19.60 4.08 -22.19
CA ASN A 725 19.07 5.34 -22.70
C ASN A 725 19.57 5.58 -24.13
N ILE A 726 20.87 5.37 -24.36
CA ILE A 726 21.40 5.56 -25.71
C ILE A 726 20.91 4.47 -26.64
N LEU A 727 20.88 3.22 -26.16
CA LEU A 727 20.43 2.11 -27.00
C LEU A 727 18.97 2.25 -27.39
N PHE A 728 18.12 2.62 -26.43
CA PHE A 728 16.68 2.78 -26.64
C PHE A 728 16.05 1.50 -27.18
N GLY A 729 16.25 0.41 -26.44
CA GLY A 729 15.66 -0.86 -26.82
C GLY A 729 16.14 -1.38 -28.16
N ARG A 730 17.44 -1.27 -28.42
CA ARG A 730 18.02 -1.66 -29.68
C ARG A 730 19.24 -2.55 -29.41
N GLN A 731 19.55 -3.42 -30.37
CA GLN A 731 20.68 -4.32 -30.23
C GLN A 731 21.96 -3.54 -30.05
N LEU A 732 22.75 -3.91 -29.04
CA LEU A 732 23.99 -3.21 -28.77
C LEU A 732 25.06 -3.58 -29.80
N GLN A 733 25.66 -2.57 -30.42
CA GLN A 733 26.78 -2.74 -31.34
C GLN A 733 27.93 -1.97 -30.71
N GLU A 734 28.95 -2.70 -30.26
CA GLU A 734 30.02 -2.12 -29.46
C GLU A 734 30.75 -1.05 -30.27
N ARG A 735 31.05 -1.34 -31.54
CA ARG A 735 31.75 -0.37 -32.36
C ARG A 735 30.89 0.87 -32.62
N TYR A 736 29.61 0.68 -32.92
CA TYR A 736 28.75 1.83 -33.21
C TYR A 736 28.46 2.63 -31.94
N TYR A 737 28.21 1.93 -30.83
CA TYR A 737 28.01 2.61 -29.56
C TYR A 737 29.24 3.41 -29.16
N LYS A 738 30.41 2.81 -29.34
CA LYS A 738 31.65 3.48 -28.92
C LYS A 738 32.05 4.55 -29.93
N ALA A 739 31.46 4.53 -31.12
CA ALA A 739 31.63 5.66 -32.03
C ALA A 739 30.66 6.79 -31.72
N VAL A 740 29.50 6.45 -31.14
CA VAL A 740 28.50 7.47 -30.85
C VAL A 740 28.83 8.22 -29.56
N VAL A 741 29.33 7.50 -28.55
CA VAL A 741 29.46 8.10 -27.22
C VAL A 741 30.44 9.28 -27.23
N GLU A 742 31.61 9.10 -27.84
CA GLU A 742 32.59 10.17 -27.79
C GLU A 742 32.30 11.26 -28.83
N ALA A 743 31.63 10.89 -29.93
CA ALA A 743 31.25 11.89 -30.93
C ALA A 743 30.30 12.92 -30.33
N CYS A 744 29.54 12.53 -29.32
CA CYS A 744 28.74 13.47 -28.55
C CYS A 744 29.52 14.08 -27.40
N ALA A 745 30.81 13.74 -27.28
CA ALA A 745 31.66 14.19 -26.17
C ALA A 745 31.09 13.74 -24.83
N LEU A 746 30.52 12.53 -24.81
CA LEU A 746 29.98 11.97 -23.58
C LEU A 746 31.03 11.23 -22.76
N LEU A 747 32.28 11.17 -23.23
CA LEU A 747 33.32 10.48 -22.47
C LEU A 747 33.62 11.14 -21.13
N PRO A 748 33.80 12.46 -21.03
CA PRO A 748 33.98 13.05 -19.68
C PRO A 748 32.79 12.81 -18.77
N ASP A 749 31.57 12.87 -19.32
CA ASP A 749 30.38 12.61 -18.51
C ASP A 749 30.35 11.17 -18.03
N LEU A 750 30.76 10.23 -18.88
CA LEU A 750 30.87 8.85 -18.45
C LEU A 750 31.92 8.69 -17.35
N GLU A 751 33.02 9.44 -17.46
CA GLU A 751 34.08 9.34 -16.46
C GLU A 751 33.63 9.86 -15.09
N ILE A 752 32.96 11.02 -15.07
CA ILE A 752 32.57 11.58 -13.78
C ILE A 752 31.51 10.72 -13.12
N LEU A 753 30.58 10.18 -13.91
CA LEU A 753 29.52 9.36 -13.36
C LEU A 753 30.09 8.11 -12.70
N PRO A 754 29.51 7.66 -11.59
CA PRO A 754 30.12 6.57 -10.81
C PRO A 754 30.33 5.28 -11.59
N SER A 755 29.25 4.71 -12.13
CA SER A 755 29.32 3.42 -12.78
C SER A 755 29.64 3.52 -14.27
N GLY A 756 29.88 4.71 -14.79
CA GLY A 756 30.15 4.88 -16.20
C GLY A 756 28.87 5.05 -16.98
N ASP A 757 28.70 4.25 -18.02
CA ASP A 757 27.47 4.25 -18.78
C ASP A 757 26.40 3.35 -18.18
N ARG A 758 26.74 2.56 -17.17
CA ARG A 758 25.77 1.74 -16.46
C ARG A 758 25.09 2.48 -15.32
N THR A 759 25.44 3.75 -15.11
CA THR A 759 24.83 4.51 -14.02
C THR A 759 23.35 4.74 -14.29
N GLU A 760 22.58 4.83 -13.22
CA GLU A 760 21.13 5.00 -13.31
C GLU A 760 20.85 6.51 -13.41
N ILE A 761 20.76 6.99 -14.64
CA ILE A 761 20.44 8.40 -14.88
C ILE A 761 18.93 8.58 -14.80
N GLY A 762 18.48 9.82 -14.73
CA GLY A 762 17.08 10.14 -14.60
C GLY A 762 16.79 10.84 -13.28
N GLU A 763 15.49 11.13 -13.09
CA GLU A 763 15.08 11.84 -11.88
C GLU A 763 15.34 10.99 -10.64
N LYS A 764 15.03 9.69 -10.69
CA LYS A 764 15.17 8.86 -9.50
C LYS A 764 16.63 8.56 -9.20
N GLY A 765 17.43 8.26 -10.22
CA GLY A 765 18.83 7.95 -10.01
C GLY A 765 19.69 9.19 -9.87
N VAL A 766 20.89 9.16 -10.46
CA VAL A 766 21.77 10.31 -10.40
C VAL A 766 21.24 11.41 -11.32
N ASN A 767 21.20 12.64 -10.80
CA ASN A 767 20.76 13.76 -11.60
C ASN A 767 21.86 14.20 -12.55
N LEU A 768 21.46 14.65 -13.73
CA LEU A 768 22.39 15.07 -14.76
C LEU A 768 22.14 16.53 -15.12
N SER A 769 23.21 17.23 -15.49
CA SER A 769 23.07 18.59 -15.95
C SER A 769 22.35 18.63 -17.30
N GLY A 770 21.80 19.80 -17.63
CA GLY A 770 21.04 19.92 -18.85
C GLY A 770 21.84 19.55 -20.09
N GLY A 771 23.09 20.01 -20.15
CA GLY A 771 23.93 19.67 -21.29
C GLY A 771 24.16 18.18 -21.43
N GLN A 772 24.38 17.50 -20.30
CA GLN A 772 24.54 16.05 -20.34
C GLN A 772 23.26 15.37 -20.82
N LYS A 773 22.10 15.87 -20.41
CA LYS A 773 20.84 15.30 -20.86
C LYS A 773 20.65 15.47 -22.37
N GLN A 774 21.00 16.66 -22.88
CA GLN A 774 20.91 16.92 -24.34
C GLN A 774 21.85 15.95 -25.08
N ARG A 775 23.07 15.77 -24.57
CA ARG A 775 24.05 14.86 -25.21
C ARG A 775 23.46 13.45 -25.26
N VAL A 776 22.92 12.97 -24.13
CA VAL A 776 22.33 11.60 -24.09
C VAL A 776 21.20 11.52 -25.12
N SER A 777 20.33 12.52 -25.16
CA SER A 777 19.25 12.51 -26.15
C SER A 777 19.81 12.44 -27.56
N LEU A 778 20.82 13.26 -27.86
CA LEU A 778 21.43 13.24 -29.18
C LEU A 778 22.11 11.91 -29.47
N ALA A 779 22.78 11.34 -28.46
CA ALA A 779 23.41 10.04 -28.64
C ALA A 779 22.39 8.96 -28.93
N ARG A 780 21.25 8.99 -28.23
CA ARG A 780 20.18 8.03 -28.48
C ARG A 780 19.67 8.17 -29.91
N ALA A 781 19.44 9.41 -30.36
CA ALA A 781 18.96 9.63 -31.72
C ALA A 781 19.98 9.13 -32.74
N VAL A 782 21.27 9.40 -32.50
CA VAL A 782 22.31 9.01 -33.46
C VAL A 782 22.42 7.49 -33.52
N TYR A 783 22.36 6.84 -32.36
CA TYR A 783 22.43 5.36 -32.34
C TYR A 783 21.21 4.79 -33.10
N CYS A 784 20.02 5.34 -32.87
CA CYS A 784 18.80 4.74 -33.50
C CYS A 784 18.99 4.67 -35.02
N ASP A 785 19.95 5.41 -35.57
CA ASP A 785 20.28 5.31 -37.03
C ASP A 785 19.04 5.55 -37.91
N SER A 786 18.41 6.72 -37.82
CA SER A 786 17.33 7.05 -38.72
C SER A 786 17.87 7.75 -39.95
N ASP A 787 17.01 7.94 -40.94
CA ASP A 787 17.42 8.68 -42.13
C ASP A 787 17.10 10.16 -42.03
N VAL A 788 16.01 10.51 -41.34
CA VAL A 788 15.63 11.90 -41.11
C VAL A 788 15.82 12.19 -39.63
N TYR A 789 16.52 13.28 -39.33
CA TYR A 789 16.73 13.73 -37.96
C TYR A 789 16.11 15.11 -37.79
N LEU A 790 15.36 15.26 -36.70
CA LEU A 790 14.76 16.54 -36.34
C LEU A 790 15.38 16.95 -35.00
N LEU A 791 16.32 17.88 -35.07
CA LEU A 791 17.13 18.26 -33.91
C LEU A 791 16.64 19.61 -33.40
N ASP A 792 15.67 19.58 -32.48
CA ASP A 792 15.08 20.80 -31.96
C ASP A 792 16.05 21.34 -30.92
N ASP A 793 17.02 22.13 -31.37
CA ASP A 793 18.00 22.81 -30.53
C ASP A 793 18.76 21.81 -29.66
N PRO A 794 19.54 20.92 -30.26
CA PRO A 794 20.27 19.92 -29.46
C PRO A 794 21.43 20.52 -28.70
N LEU A 795 21.88 21.69 -29.13
CA LEU A 795 23.09 22.32 -28.59
C LEU A 795 22.77 23.57 -27.77
N SER A 796 21.60 23.60 -27.12
CA SER A 796 21.25 24.75 -26.31
C SER A 796 22.06 24.80 -25.02
N ALA A 797 22.19 23.66 -24.33
CA ALA A 797 22.80 23.63 -23.01
C ALA A 797 24.25 23.19 -23.03
N VAL A 798 24.78 22.77 -24.17
CA VAL A 798 26.19 22.40 -24.25
C VAL A 798 27.02 23.65 -24.51
N ASP A 799 28.24 23.66 -23.97
CA ASP A 799 29.10 24.82 -24.10
C ASP A 799 29.61 24.97 -25.53
N ALA A 800 30.21 26.13 -25.80
CA ALA A 800 30.58 26.47 -27.18
C ALA A 800 31.58 25.47 -27.74
N HIS A 801 32.61 25.12 -26.95
CA HIS A 801 33.59 24.15 -27.42
C HIS A 801 32.95 22.77 -27.59
N VAL A 802 32.16 22.35 -26.60
CA VAL A 802 31.47 21.07 -26.68
C VAL A 802 30.48 21.08 -27.84
N GLY A 803 29.77 22.19 -28.03
CA GLY A 803 28.85 22.29 -29.14
C GLY A 803 29.53 22.19 -30.49
N LYS A 804 30.65 22.89 -30.65
CA LYS A 804 31.39 22.82 -31.91
C LYS A 804 31.93 21.42 -32.16
N HIS A 805 32.45 20.77 -31.11
CA HIS A 805 32.91 19.39 -31.24
C HIS A 805 31.77 18.46 -31.66
N ILE A 806 30.61 18.63 -31.03
CA ILE A 806 29.46 17.79 -31.36
C ILE A 806 29.05 18.00 -32.81
N PHE A 807 28.95 19.26 -33.24
CA PHE A 807 28.56 19.53 -34.62
C PHE A 807 29.59 18.97 -35.59
N GLU A 808 30.87 19.01 -35.22
CA GLU A 808 31.91 18.47 -36.09
C GLU A 808 31.77 16.97 -36.25
N ASN A 809 31.52 16.24 -35.16
CA ASN A 809 31.53 14.78 -35.24
C ASN A 809 30.16 14.15 -35.41
N VAL A 810 29.07 14.91 -35.30
CA VAL A 810 27.75 14.31 -35.35
C VAL A 810 26.91 14.90 -36.48
N ILE A 811 26.64 16.21 -36.40
CA ILE A 811 25.69 16.83 -37.31
C ILE A 811 26.35 17.36 -38.58
N GLY A 812 27.63 17.68 -38.54
CA GLY A 812 28.31 18.28 -39.67
C GLY A 812 28.43 17.33 -40.85
N PRO A 813 28.76 17.88 -42.01
CA PRO A 813 28.91 17.03 -43.21
C PRO A 813 30.03 16.02 -43.10
N LYS A 814 30.97 16.20 -42.17
CA LYS A 814 32.05 15.26 -41.96
C LYS A 814 31.94 14.53 -40.61
N GLY A 815 30.74 14.45 -40.07
CA GLY A 815 30.49 13.80 -38.79
C GLY A 815 29.96 12.40 -38.95
N LEU A 816 29.06 12.02 -38.04
CA LEU A 816 28.44 10.69 -38.13
C LEU A 816 27.27 10.69 -39.11
N LEU A 817 26.48 11.76 -39.11
CA LEU A 817 25.30 11.86 -39.97
C LEU A 817 25.68 12.68 -41.20
N LYS A 818 26.42 12.05 -42.10
CA LYS A 818 26.80 12.71 -43.34
C LYS A 818 25.75 12.53 -44.42
N ASN A 819 25.17 11.34 -44.52
CA ASN A 819 24.17 11.02 -45.52
C ASN A 819 22.75 11.13 -44.99
N LYS A 820 22.57 11.52 -43.72
CA LYS A 820 21.26 11.58 -43.12
C LYS A 820 20.65 12.97 -43.31
N THR A 821 19.36 13.00 -43.58
CA THR A 821 18.63 14.25 -43.78
C THR A 821 18.43 14.91 -42.43
N ARG A 822 19.33 15.87 -42.13
CA ARG A 822 19.29 16.55 -40.82
C ARG A 822 18.54 17.88 -40.93
N LEU A 823 17.65 18.14 -39.98
CA LEU A 823 16.88 19.37 -39.95
C LEU A 823 16.99 19.91 -38.53
N LEU A 824 17.75 20.97 -38.35
CA LEU A 824 18.15 21.45 -37.04
C LEU A 824 17.52 22.81 -36.75
N VAL A 825 17.07 23.00 -35.53
CA VAL A 825 16.56 24.28 -35.06
C VAL A 825 17.66 24.94 -34.23
N THR A 826 18.11 26.11 -34.65
CA THR A 826 19.24 26.75 -34.00
C THR A 826 19.01 28.26 -33.92
N HIS A 827 19.66 28.87 -32.94
CA HIS A 827 19.75 30.33 -32.85
C HIS A 827 21.20 30.78 -32.74
N ALA A 828 22.14 29.95 -33.19
CA ALA A 828 23.57 30.25 -33.12
C ALA A 828 24.12 30.31 -34.54
N ILE A 829 24.83 31.39 -34.84
CA ILE A 829 25.33 31.61 -36.20
C ILE A 829 26.60 30.83 -36.50
N SER A 830 27.28 30.33 -35.46
CA SER A 830 28.62 29.79 -35.63
C SER A 830 28.67 28.68 -36.68
N TYR A 831 27.63 27.85 -36.74
CA TYR A 831 27.64 26.69 -37.67
C TYR A 831 26.78 26.98 -38.91
N LEU A 832 26.18 28.17 -38.98
CA LEU A 832 25.28 28.46 -40.10
C LEU A 832 25.93 28.37 -41.48
N PRO A 833 27.15 28.88 -41.71
CA PRO A 833 27.73 28.77 -43.06
C PRO A 833 27.94 27.34 -43.54
N GLN A 834 28.07 26.37 -42.62
CA GLN A 834 28.23 24.98 -43.02
C GLN A 834 26.91 24.32 -43.40
N MET A 835 25.79 24.98 -43.08
CA MET A 835 24.45 24.39 -43.37
C MET A 835 24.18 24.45 -44.88
N ASP A 836 23.63 23.37 -45.44
CA ASP A 836 23.29 23.34 -46.89
C ASP A 836 22.19 24.37 -47.16
N VAL A 837 21.09 24.31 -46.41
CA VAL A 837 19.95 25.26 -46.59
C VAL A 837 19.60 25.89 -45.24
N ILE A 838 19.25 27.18 -45.23
CA ILE A 838 18.83 27.85 -43.96
C ILE A 838 17.39 28.35 -44.14
N ILE A 839 16.43 27.66 -43.50
CA ILE A 839 14.99 28.05 -43.64
C ILE A 839 14.64 29.02 -42.50
N VAL A 840 14.66 30.32 -42.79
CA VAL A 840 14.31 31.36 -41.76
C VAL A 840 12.80 31.57 -41.79
N MET A 841 12.16 31.61 -40.61
CA MET A 841 10.69 31.77 -40.53
C MET A 841 10.34 33.15 -39.96
N SER A 842 9.04 33.48 -39.90
CA SER A 842 8.59 34.77 -39.31
C SER A 842 7.17 34.60 -38.78
N GLY A 843 6.98 34.66 -37.46
CA GLY A 843 5.64 34.46 -36.87
C GLY A 843 4.95 33.25 -37.48
N GLY A 844 5.71 32.19 -37.77
CA GLY A 844 5.15 30.97 -38.38
C GLY A 844 4.97 31.11 -39.87
N LYS A 845 5.88 31.81 -40.55
CA LYS A 845 5.82 31.97 -42.02
C LYS A 845 7.23 32.07 -42.59
N ILE A 846 7.56 31.20 -43.56
CA ILE A 846 8.90 31.23 -44.21
C ILE A 846 9.04 32.54 -44.98
N SER A 847 10.05 33.35 -44.66
CA SER A 847 10.30 34.60 -45.42
C SER A 847 11.25 34.31 -46.58
N GLU A 848 12.35 33.60 -46.30
CA GLU A 848 13.34 33.24 -47.34
C GLU A 848 13.70 31.76 -47.12
N MET A 849 13.89 31.03 -48.23
CA MET A 849 14.26 29.58 -48.16
C MET A 849 15.39 29.37 -49.16
N GLY A 850 16.63 29.58 -48.74
CA GLY A 850 17.78 29.48 -49.66
C GLY A 850 19.04 29.02 -48.93
N SER A 851 20.21 29.35 -49.47
CA SER A 851 21.46 28.83 -48.85
C SER A 851 22.21 29.97 -48.16
N TYR A 852 23.08 29.65 -47.20
CA TYR A 852 23.80 30.70 -46.43
C TYR A 852 24.33 31.79 -47.37
N GLN A 853 25.24 31.45 -48.28
CA GLN A 853 25.86 32.47 -49.11
C GLN A 853 24.82 33.21 -49.95
N GLU A 854 23.87 32.47 -50.53
CA GLU A 854 22.83 33.11 -51.32
C GLU A 854 21.95 34.01 -50.46
N LEU A 855 21.61 33.56 -49.26
CA LEU A 855 20.78 34.38 -48.37
C LEU A 855 21.52 35.64 -47.96
N LEU A 856 22.82 35.52 -47.67
CA LEU A 856 23.60 36.70 -47.33
C LEU A 856 23.69 37.67 -48.50
N ALA A 857 23.87 37.14 -49.71
CA ALA A 857 23.93 38.00 -50.90
C ALA A 857 22.59 38.70 -51.12
N ARG A 858 21.48 38.01 -50.88
CA ARG A 858 20.17 38.62 -51.07
C ARG A 858 19.96 39.80 -50.14
N ASP A 859 20.57 39.77 -48.95
CA ASP A 859 20.49 40.87 -47.99
C ASP A 859 19.06 41.20 -47.62
N GLY A 860 18.33 40.19 -47.15
CA GLY A 860 16.95 40.40 -46.75
C GLY A 860 16.68 39.98 -45.32
N ALA A 861 15.77 39.01 -45.16
CA ALA A 861 15.39 38.58 -43.82
C ALA A 861 16.56 37.92 -43.10
N PHE A 862 17.39 37.16 -43.81
CA PHE A 862 18.53 36.53 -43.16
C PHE A 862 19.58 37.56 -42.73
N ALA A 863 19.80 38.59 -43.56
CA ALA A 863 20.69 39.66 -43.15
C ALA A 863 20.15 40.39 -41.93
N GLU A 864 18.84 40.61 -41.89
CA GLU A 864 18.22 41.25 -40.73
C GLU A 864 18.42 40.37 -39.49
N PHE A 865 18.17 39.07 -39.64
CA PHE A 865 18.42 38.17 -38.49
C PHE A 865 19.87 38.32 -38.03
N LEU A 866 20.82 38.17 -38.95
CA LEU A 866 22.22 38.25 -38.55
C LEU A 866 22.51 39.55 -37.83
N ARG A 867 21.91 40.64 -38.30
CA ARG A 867 22.12 41.94 -37.67
C ARG A 867 21.46 42.01 -36.29
N THR A 868 20.47 41.16 -36.01
CA THR A 868 19.82 41.21 -34.71
C THR A 868 20.80 41.02 -33.56
N TYR A 869 21.76 40.11 -33.71
CA TYR A 869 22.81 39.95 -32.71
C TYR A 869 24.09 39.40 -33.35
N LYS A 958 10.69 -13.02 19.87
CA LYS A 958 10.81 -11.62 20.22
C LYS A 958 9.72 -11.19 21.19
N LEU A 959 9.43 -12.05 22.18
CA LEU A 959 8.38 -11.75 23.14
C LEU A 959 8.76 -10.66 24.12
N SER A 960 10.05 -10.32 24.24
CA SER A 960 10.46 -9.33 25.23
C SER A 960 10.03 -7.93 24.84
N VAL A 961 9.76 -7.69 23.55
CA VAL A 961 9.31 -6.36 23.13
C VAL A 961 7.96 -6.04 23.73
N TYR A 962 7.10 -7.05 23.90
CA TYR A 962 5.82 -6.83 24.54
C TYR A 962 5.99 -6.40 25.98
N TRP A 963 6.91 -7.05 26.71
CA TRP A 963 7.18 -6.64 28.08
C TRP A 963 7.76 -5.23 28.13
N ASP A 964 8.62 -4.89 27.17
CA ASP A 964 9.15 -3.53 27.11
C ASP A 964 8.04 -2.51 26.89
N TYR A 965 7.08 -2.83 26.01
CA TYR A 965 5.97 -1.90 25.80
C TYR A 965 5.08 -1.79 27.05
N MET A 966 4.86 -2.91 27.74
CA MET A 966 4.10 -2.85 28.99
C MET A 966 4.82 -2.00 30.03
N LYS A 967 6.14 -2.13 30.11
CA LYS A 967 6.91 -1.29 31.05
C LYS A 967 6.83 0.17 30.64
N ALA A 968 6.88 0.46 29.34
CA ALA A 968 6.72 1.83 28.87
C ALA A 968 5.36 2.40 29.28
N ILE A 969 4.31 1.60 29.12
CA ILE A 969 3.00 1.99 29.66
C ILE A 969 3.08 2.10 31.18
N GLY A 970 3.73 1.14 31.82
CA GLY A 970 3.77 1.03 33.26
C GLY A 970 3.01 -0.21 33.68
N LEU A 971 3.55 -0.93 34.65
CA LEU A 971 2.93 -2.18 35.09
C LEU A 971 1.55 -1.93 35.68
N PHE A 972 1.39 -0.84 36.43
CA PHE A 972 0.13 -0.58 37.11
C PHE A 972 -1.01 -0.37 36.10
N ILE A 973 -0.77 0.44 35.08
CA ILE A 973 -1.82 0.74 34.10
C ILE A 973 -2.18 -0.52 33.31
N SER A 974 -1.17 -1.28 32.88
CA SER A 974 -1.45 -2.50 32.12
C SER A 974 -2.22 -3.51 32.96
N PHE A 975 -1.81 -3.70 34.21
CA PHE A 975 -2.50 -4.64 35.08
C PHE A 975 -3.94 -4.20 35.34
N LEU A 976 -4.15 -2.89 35.58
CA LEU A 976 -5.50 -2.40 35.82
C LEU A 976 -6.36 -2.57 34.58
N SER A 977 -5.80 -2.30 33.39
CA SER A 977 -6.56 -2.49 32.16
C SER A 977 -6.96 -3.94 31.97
N ILE A 978 -6.03 -4.86 32.21
CA ILE A 978 -6.35 -6.28 32.06
C ILE A 978 -7.45 -6.68 33.06
N PHE A 979 -7.36 -6.20 34.29
CA PHE A 979 -8.35 -6.56 35.30
C PHE A 979 -9.72 -6.02 34.95
N LEU A 980 -9.80 -4.76 34.53
CA LEU A 980 -11.08 -4.18 34.15
C LEU A 980 -11.66 -4.87 32.93
N PHE A 981 -10.81 -5.30 32.00
CA PHE A 981 -11.30 -5.96 30.80
C PHE A 981 -11.81 -7.36 31.12
N LEU A 982 -11.14 -8.06 32.05
CA LEU A 982 -11.67 -9.31 32.59
C LEU A 982 -13.01 -9.08 33.27
N CYS A 983 -13.15 -7.97 33.99
CA CYS A 983 -14.43 -7.66 34.61
C CYS A 983 -15.52 -7.46 33.58
N ASN A 984 -15.20 -6.80 32.46
CA ASN A 984 -16.15 -6.69 31.35
C ASN A 984 -16.54 -8.05 30.83
N HIS A 985 -15.54 -8.93 30.65
CA HIS A 985 -15.81 -10.27 30.16
C HIS A 985 -16.76 -11.02 31.08
N VAL A 986 -16.50 -10.96 32.38
CA VAL A 986 -17.34 -11.66 33.34
C VAL A 986 -18.74 -11.05 33.38
N ALA A 987 -18.84 -9.73 33.26
CA ALA A 987 -20.14 -9.09 33.24
C ALA A 987 -20.97 -9.56 32.06
N SER A 988 -20.36 -9.62 30.88
CA SER A 988 -21.10 -10.11 29.71
C SER A 988 -21.49 -11.58 29.86
N LEU A 989 -20.57 -12.41 30.37
CA LEU A 989 -20.89 -13.82 30.55
C LEU A 989 -22.02 -14.02 31.54
N VAL A 990 -22.00 -13.28 32.65
CA VAL A 990 -23.05 -13.44 33.66
C VAL A 990 -24.35 -12.83 33.16
N SER A 991 -24.28 -11.83 32.28
CA SER A 991 -25.49 -11.36 31.61
C SER A 991 -26.12 -12.47 30.79
N ASN A 992 -25.30 -13.18 30.02
CA ASN A 992 -25.82 -14.30 29.23
C ASN A 992 -26.39 -15.40 30.12
N TYR A 993 -25.68 -15.72 31.20
CA TYR A 993 -26.16 -16.76 32.13
C TYR A 993 -27.46 -16.33 32.79
N TRP A 994 -27.56 -15.04 33.16
CA TRP A 994 -28.79 -14.54 33.75
C TRP A 994 -29.94 -14.63 32.77
N LEU A 995 -29.68 -14.34 31.50
CA LEU A 995 -30.72 -14.51 30.48
C LEU A 995 -31.15 -15.96 30.39
N SER A 996 -30.20 -16.89 30.43
CA SER A 996 -30.54 -18.31 30.36
C SER A 996 -31.38 -18.73 31.56
N LEU A 997 -31.02 -18.27 32.76
CA LEU A 997 -31.80 -18.60 33.95
C LEU A 997 -33.18 -17.96 33.90
N TRP A 998 -33.27 -16.74 33.38
CA TRP A 998 -34.55 -16.04 33.27
C TRP A 998 -35.49 -16.75 32.32
N THR A 999 -34.97 -17.24 31.19
CA THR A 999 -35.82 -17.87 30.20
C THR A 999 -36.38 -19.22 30.64
N ASP A 1000 -35.87 -19.78 31.74
CA ASP A 1000 -36.28 -21.10 32.20
C ASP A 1000 -37.33 -21.08 33.30
N ASP A 1001 -37.78 -19.90 33.72
CA ASP A 1001 -38.76 -19.85 34.80
C ASP A 1001 -40.11 -20.42 34.35
N PRO A 1002 -40.83 -21.08 35.24
CA PRO A 1002 -42.13 -21.63 34.90
C PRO A 1002 -43.18 -20.53 34.83
N ILE A 1003 -44.35 -20.88 34.32
CA ILE A 1003 -45.49 -19.96 34.20
C ILE A 1003 -46.52 -20.37 35.23
N VAL A 1004 -46.87 -19.43 36.11
CA VAL A 1004 -47.93 -19.63 37.10
C VAL A 1004 -48.98 -18.55 36.91
N ASN A 1005 -50.25 -18.97 36.88
CA ASN A 1005 -51.37 -18.06 36.67
C ASN A 1005 -51.24 -17.27 35.37
N GLY A 1006 -50.62 -17.88 34.36
CA GLY A 1006 -50.48 -17.22 33.07
C GLY A 1006 -49.43 -16.14 33.00
N THR A 1007 -48.43 -16.15 33.88
CA THR A 1007 -47.38 -15.16 33.88
C THR A 1007 -46.17 -15.78 34.59
N GLN A 1008 -44.97 -15.32 34.21
CA GLN A 1008 -43.73 -15.86 34.83
C GLN A 1008 -43.75 -15.58 36.33
N GLU A 1009 -43.24 -16.51 37.14
CA GLU A 1009 -43.22 -16.33 38.62
C GLU A 1009 -42.48 -15.03 38.95
N HIS A 1010 -41.31 -14.81 38.34
CA HIS A 1010 -40.52 -13.58 38.58
C HIS A 1010 -40.20 -12.92 37.25
N THR A 1011 -40.48 -11.63 37.11
CA THR A 1011 -40.12 -10.94 35.87
C THR A 1011 -39.54 -9.54 36.07
N GLN A 1012 -39.66 -8.94 37.25
CA GLN A 1012 -39.12 -7.61 37.52
C GLN A 1012 -37.71 -7.64 38.11
N VAL A 1013 -37.45 -8.57 39.04
CA VAL A 1013 -36.11 -8.65 39.61
C VAL A 1013 -35.10 -9.13 38.58
N ARG A 1014 -35.53 -10.03 37.68
CA ARG A 1014 -34.63 -10.48 36.62
C ARG A 1014 -34.23 -9.34 35.71
N LEU A 1015 -35.19 -8.49 35.35
CA LEU A 1015 -34.90 -7.33 34.53
C LEU A 1015 -33.94 -6.38 35.24
N SER A 1016 -34.14 -6.20 36.55
CA SER A 1016 -33.27 -5.30 37.30
C SER A 1016 -31.84 -5.82 37.35
N VAL A 1017 -31.66 -7.11 37.60
CA VAL A 1017 -30.31 -7.66 37.65
C VAL A 1017 -29.67 -7.63 36.26
N TYR A 1018 -30.47 -7.88 35.22
CA TYR A 1018 -29.97 -7.77 33.86
C TYR A 1018 -29.46 -6.37 33.56
N GLY A 1019 -30.27 -5.37 33.93
CA GLY A 1019 -29.85 -3.99 33.71
C GLY A 1019 -28.61 -3.62 34.49
N ALA A 1020 -28.53 -4.05 35.76
CA ALA A 1020 -27.36 -3.74 36.56
C ALA A 1020 -26.09 -4.38 35.97
N LEU A 1021 -26.20 -5.64 35.54
CA LEU A 1021 -25.06 -6.31 34.94
C LEU A 1021 -24.60 -5.59 33.68
N GLY A 1022 -25.56 -5.19 32.84
CA GLY A 1022 -25.19 -4.50 31.62
C GLY A 1022 -24.59 -3.13 31.85
N ILE A 1023 -25.13 -2.38 32.82
CA ILE A 1023 -24.56 -1.07 33.13
C ILE A 1023 -23.15 -1.22 33.67
N SER A 1024 -22.91 -2.23 34.51
CA SER A 1024 -21.55 -2.48 34.97
C SER A 1024 -20.64 -2.81 33.80
N GLN A 1025 -21.16 -3.61 32.86
CA GLN A 1025 -20.37 -3.96 31.65
C GLN A 1025 -19.99 -2.67 30.92
N GLY A 1026 -20.97 -1.81 30.61
CA GLY A 1026 -20.69 -0.59 29.85
C GLY A 1026 -19.65 0.30 30.51
N ILE A 1027 -19.77 0.54 31.83
CA ILE A 1027 -18.85 1.47 32.52
C ILE A 1027 -17.42 0.92 32.46
N THR A 1028 -17.23 -0.37 32.71
CA THR A 1028 -15.86 -0.96 32.73
C THR A 1028 -15.30 -0.95 31.31
N VAL A 1029 -16.16 -1.12 30.30
CA VAL A 1029 -15.69 -1.03 28.88
C VAL A 1029 -15.16 0.38 28.65
N PHE A 1030 -15.94 1.40 29.03
CA PHE A 1030 -15.49 2.81 28.87
C PHE A 1030 -14.24 3.02 29.73
N GLY A 1031 -14.14 2.32 30.86
CA GLY A 1031 -12.97 2.47 31.76
C GLY A 1031 -11.70 1.90 31.17
N TYR A 1032 -11.64 0.57 30.95
CA TYR A 1032 -10.39 -0.06 30.47
C TYR A 1032 -9.97 0.55 29.14
N SER A 1033 -10.94 0.94 28.31
CA SER A 1033 -10.62 1.61 27.02
C SER A 1033 -9.92 2.94 27.30
N MET A 1034 -10.39 3.69 28.31
CA MET A 1034 -9.73 4.96 28.69
C MET A 1034 -8.34 4.65 29.27
N ALA A 1035 -8.23 3.57 30.05
CA ALA A 1035 -6.94 3.20 30.66
C ALA A 1035 -5.87 3.06 29.58
N VAL A 1036 -6.11 2.18 28.59
CA VAL A 1036 -5.11 1.94 27.51
C VAL A 1036 -4.87 3.26 26.75
N SER A 1037 -5.92 4.08 26.62
CA SER A 1037 -5.75 5.40 25.95
C SER A 1037 -4.73 6.22 26.73
N ILE A 1038 -4.90 6.34 28.04
CA ILE A 1038 -3.92 7.08 28.89
C ILE A 1038 -2.59 6.33 28.82
N GLY A 1039 -2.63 5.00 28.96
CA GLY A 1039 -1.39 4.19 28.89
C GLY A 1039 -0.66 4.43 27.58
N GLY A 1040 -1.37 4.33 26.45
CA GLY A 1040 -0.75 4.57 25.17
C GLY A 1040 -0.11 5.95 25.09
N ILE A 1041 -0.80 6.97 25.58
CA ILE A 1041 -0.23 8.32 25.56
C ILE A 1041 0.98 8.41 26.48
N PHE A 1042 0.89 7.78 27.67
CA PHE A 1042 2.03 7.75 28.58
C PHE A 1042 3.23 7.07 27.94
N ALA A 1043 3.01 5.93 27.29
CA ALA A 1043 4.09 5.21 26.63
C ALA A 1043 4.68 6.02 25.50
N SER A 1044 3.85 6.72 24.74
CA SER A 1044 4.37 7.56 23.66
C SER A 1044 5.28 8.65 24.22
N ARG A 1045 4.84 9.31 25.29
CA ARG A 1045 5.67 10.34 25.92
C ARG A 1045 7.00 9.75 26.39
N ARG A 1046 6.94 8.65 27.13
CA ARG A 1046 8.16 8.08 27.69
C ARG A 1046 9.10 7.59 26.59
N LEU A 1047 8.55 6.93 25.56
CA LEU A 1047 9.38 6.42 24.48
C LEU A 1047 10.04 7.56 23.71
N HIS A 1048 9.29 8.62 23.43
CA HIS A 1048 9.88 9.77 22.73
C HIS A 1048 10.97 10.40 23.57
N LEU A 1049 10.74 10.57 24.87
CA LEU A 1049 11.76 11.17 25.73
C LEU A 1049 13.02 10.31 25.77
N ASP A 1050 12.85 9.00 25.92
CA ASP A 1050 14.00 8.11 25.99
C ASP A 1050 14.78 8.10 24.67
N LEU A 1051 14.07 8.02 23.55
CA LEU A 1051 14.73 8.04 22.24
C LEU A 1051 15.45 9.35 22.02
N LEU A 1052 14.83 10.47 22.37
CA LEU A 1052 15.47 11.77 22.18
C LEU A 1052 16.72 11.89 23.05
N HIS A 1053 16.65 11.44 24.29
CA HIS A 1053 17.82 11.46 25.15
C HIS A 1053 18.95 10.61 24.59
N ASN A 1054 18.62 9.40 24.13
CA ASN A 1054 19.64 8.52 23.58
C ASN A 1054 20.27 9.13 22.32
N VAL A 1055 19.45 9.74 21.47
CA VAL A 1055 19.97 10.32 20.23
C VAL A 1055 20.88 11.51 20.55
N LEU A 1056 20.42 12.42 21.42
CA LEU A 1056 21.20 13.61 21.70
C LEU A 1056 22.45 13.30 22.54
N ARG A 1057 22.41 12.22 23.32
CA ARG A 1057 23.57 11.87 24.18
C ARG A 1057 24.65 11.15 23.35
N SER A 1058 24.30 10.60 22.18
CA SER A 1058 25.25 9.85 21.40
C SER A 1058 26.34 10.77 20.86
N PRO A 1059 27.53 10.24 20.60
CA PRO A 1059 28.59 11.04 20.01
C PRO A 1059 28.30 11.34 18.54
N ILE A 1060 29.09 12.24 17.96
CA ILE A 1060 28.89 12.59 16.53
C ILE A 1060 29.17 11.35 15.67
N SER A 1061 30.12 10.51 16.08
CA SER A 1061 30.47 9.36 15.25
C SER A 1061 29.25 8.51 14.95
N PHE A 1062 28.29 8.46 15.87
CA PHE A 1062 27.05 7.74 15.61
C PHE A 1062 26.29 8.37 14.45
N PHE A 1063 26.12 9.69 14.48
CA PHE A 1063 25.39 10.37 13.42
C PHE A 1063 26.10 10.23 12.08
N GLU A 1064 27.44 10.34 12.09
CA GLU A 1064 28.20 10.16 10.85
C GLU A 1064 28.07 8.74 10.32
N ARG A 1065 28.15 7.73 11.18
CA ARG A 1065 28.22 6.34 10.73
C ARG A 1065 26.83 5.76 10.43
N THR A 1066 25.80 6.20 11.15
CA THR A 1066 24.48 5.65 10.91
C THR A 1066 24.00 6.07 9.52
N PRO A 1067 23.18 5.26 8.86
CA PRO A 1067 22.61 5.70 7.58
C PRO A 1067 21.75 6.93 7.78
N SER A 1068 22.19 8.05 7.23
CA SER A 1068 21.47 9.32 7.41
C SER A 1068 20.14 9.22 6.68
N GLY A 1069 19.07 9.04 7.44
CA GLY A 1069 17.75 8.87 6.85
C GLY A 1069 16.91 7.85 7.59
N ASN A 1070 17.56 6.89 8.26
CA ASN A 1070 16.82 5.93 9.07
C ASN A 1070 16.42 6.50 10.42
N LEU A 1071 16.99 7.63 10.82
CA LEU A 1071 16.52 8.31 12.03
C LEU A 1071 15.22 9.06 11.76
N VAL A 1072 15.05 9.61 10.56
CA VAL A 1072 13.89 10.44 10.28
C VAL A 1072 12.62 9.61 10.32
N ASN A 1073 12.61 8.46 9.64
CA ASN A 1073 11.42 7.61 9.66
C ASN A 1073 11.19 6.98 11.03
N ARG A 1074 12.25 6.83 11.83
CA ARG A 1074 12.06 6.39 13.20
C ARG A 1074 11.28 7.42 14.01
N PHE A 1075 11.61 8.70 13.85
CA PHE A 1075 10.93 9.76 14.58
C PHE A 1075 9.56 10.08 14.01
N SER A 1076 9.31 9.76 12.75
CA SER A 1076 8.07 10.14 12.09
C SER A 1076 7.12 8.98 11.87
N LYS A 1077 7.59 7.89 11.27
CA LYS A 1077 6.70 6.78 10.94
C LYS A 1077 6.52 5.81 12.10
N GLU A 1078 7.60 5.46 12.81
CA GLU A 1078 7.48 4.48 13.88
C GLU A 1078 6.84 5.08 15.12
N LEU A 1079 7.14 6.34 15.42
CA LEU A 1079 6.49 7.00 16.55
C LEU A 1079 5.00 7.14 16.30
N ASP A 1080 4.63 7.49 15.06
CA ASP A 1080 3.22 7.51 14.67
C ASP A 1080 2.58 6.14 14.83
N THR A 1081 3.32 5.09 14.49
CA THR A 1081 2.82 3.74 14.71
C THR A 1081 2.57 3.48 16.19
N VAL A 1082 3.45 4.00 17.05
CA VAL A 1082 3.33 3.73 18.48
C VAL A 1082 2.12 4.44 19.07
N ASP A 1083 2.00 5.76 18.82
CA ASP A 1083 1.04 6.50 19.65
C ASP A 1083 -0.40 6.29 19.22
N SER A 1084 -0.64 5.89 17.97
CA SER A 1084 -1.99 5.82 17.43
C SER A 1084 -2.43 4.40 17.12
N MET A 1085 -1.64 3.66 16.35
CA MET A 1085 -2.10 2.34 15.90
C MET A 1085 -2.05 1.31 17.01
N ILE A 1086 -0.99 1.33 17.83
CA ILE A 1086 -0.80 0.29 18.84
C ILE A 1086 -1.96 0.22 19.83
N PRO A 1087 -2.44 1.34 20.42
CA PRO A 1087 -3.57 1.21 21.36
C PRO A 1087 -4.82 0.64 20.71
N GLN A 1088 -5.14 1.11 19.51
CA GLN A 1088 -6.36 0.61 18.81
C GLN A 1088 -6.20 -0.90 18.55
N VAL A 1089 -5.03 -1.33 18.08
CA VAL A 1089 -4.82 -2.74 17.73
C VAL A 1089 -4.88 -3.60 18.98
N ILE A 1090 -4.27 -3.14 20.08
CA ILE A 1090 -4.30 -3.93 21.31
C ILE A 1090 -5.73 -4.04 21.83
N LYS A 1091 -6.50 -2.96 21.72
CA LYS A 1091 -7.90 -3.02 22.13
C LYS A 1091 -8.65 -4.09 21.35
N MET A 1092 -8.59 -4.03 20.02
CA MET A 1092 -9.44 -4.94 19.26
C MET A 1092 -8.93 -6.38 19.32
N PHE A 1093 -7.62 -6.58 19.36
CA PHE A 1093 -7.09 -7.94 19.50
C PHE A 1093 -7.49 -8.55 20.84
N MET A 1094 -7.36 -7.78 21.92
CA MET A 1094 -7.74 -8.30 23.23
C MET A 1094 -9.22 -8.61 23.28
N GLY A 1095 -10.05 -7.72 22.70
CA GLY A 1095 -11.47 -7.97 22.65
C GLY A 1095 -11.83 -9.24 21.89
N SER A 1096 -11.20 -9.43 20.73
CA SER A 1096 -11.47 -10.63 19.95
C SER A 1096 -11.02 -11.89 20.68
N LEU A 1097 -9.84 -11.84 21.30
CA LEU A 1097 -9.33 -13.01 22.01
C LEU A 1097 -10.27 -13.42 23.14
N PHE A 1098 -10.72 -12.45 23.93
CA PHE A 1098 -11.62 -12.85 25.00
C PHE A 1098 -13.05 -13.12 24.53
N ASN A 1099 -13.46 -12.59 23.38
CA ASN A 1099 -14.72 -13.05 22.81
C ASN A 1099 -14.64 -14.53 22.44
N VAL A 1100 -13.53 -14.94 21.85
CA VAL A 1100 -13.34 -16.35 21.53
C VAL A 1100 -13.30 -17.19 22.81
N ILE A 1101 -12.56 -16.72 23.82
CA ILE A 1101 -12.46 -17.46 25.07
C ILE A 1101 -13.82 -17.53 25.76
N GLY A 1102 -14.62 -16.46 25.68
CA GLY A 1102 -15.95 -16.49 26.26
C GLY A 1102 -16.87 -17.45 25.55
N ALA A 1103 -16.81 -17.50 24.22
CA ALA A 1103 -17.58 -18.50 23.49
C ALA A 1103 -17.18 -19.91 23.93
N CYS A 1104 -15.87 -20.16 24.03
CA CYS A 1104 -15.40 -21.48 24.43
C CYS A 1104 -15.87 -21.84 25.84
N ILE A 1105 -15.76 -20.90 26.78
CA ILE A 1105 -16.12 -21.21 28.16
C ILE A 1105 -17.63 -21.35 28.33
N ILE A 1106 -18.42 -20.58 27.58
CA ILE A 1106 -19.86 -20.71 27.69
C ILE A 1106 -20.34 -21.98 27.00
N ILE A 1107 -19.59 -22.47 26.01
CA ILE A 1107 -19.89 -23.79 25.47
C ILE A 1107 -19.53 -24.88 26.47
N LEU A 1108 -18.35 -24.77 27.10
CA LEU A 1108 -17.88 -25.82 28.00
C LEU A 1108 -18.61 -25.79 29.33
N LEU A 1109 -19.01 -24.60 29.79
CA LEU A 1109 -19.74 -24.47 31.08
C LEU A 1109 -21.14 -25.07 30.92
N ALA A 1110 -21.84 -24.73 29.84
CA ALA A 1110 -23.20 -25.23 29.62
C ALA A 1110 -23.20 -26.74 29.36
N THR A 1111 -22.19 -27.23 28.65
CA THR A 1111 -22.02 -28.66 28.39
C THR A 1111 -20.68 -29.09 28.97
N PRO A 1112 -20.60 -29.55 30.24
CA PRO A 1112 -19.30 -29.88 30.86
C PRO A 1112 -18.42 -30.82 30.02
N MET A 1113 -19.02 -31.81 29.37
CA MET A 1113 -18.22 -32.80 28.65
C MET A 1113 -18.13 -32.41 27.17
N ALA A 1114 -17.37 -31.33 26.94
CA ALA A 1114 -17.06 -30.91 25.58
C ALA A 1114 -15.61 -30.48 25.45
N ALA A 1115 -14.75 -30.94 26.36
CA ALA A 1115 -13.33 -30.57 26.31
C ALA A 1115 -12.52 -31.46 25.37
N VAL A 1116 -13.12 -32.51 24.81
CA VAL A 1116 -12.39 -33.39 23.89
C VAL A 1116 -12.26 -32.79 22.50
N ILE A 1117 -13.05 -31.77 22.17
CA ILE A 1117 -13.01 -31.17 20.85
C ILE A 1117 -12.06 -29.98 20.83
N ILE A 1118 -11.79 -29.36 21.98
CA ILE A 1118 -10.90 -28.20 22.02
C ILE A 1118 -9.49 -28.49 21.52
N PRO A 1119 -8.83 -29.58 21.93
CA PRO A 1119 -7.42 -29.78 21.52
C PRO A 1119 -7.23 -29.84 20.01
N PRO A 1120 -7.96 -30.72 19.25
CA PRO A 1120 -7.72 -30.82 17.80
C PRO A 1120 -8.02 -29.48 17.11
N LEU A 1121 -9.17 -28.87 17.41
CA LEU A 1121 -9.52 -27.63 16.74
C LEU A 1121 -8.54 -26.52 17.08
N GLY A 1122 -8.05 -26.48 18.32
CA GLY A 1122 -7.02 -25.52 18.66
C GLY A 1122 -5.74 -25.76 17.89
N LEU A 1123 -5.38 -27.03 17.70
CA LEU A 1123 -4.20 -27.34 16.89
C LEU A 1123 -4.38 -26.90 15.44
N ILE A 1124 -5.56 -27.15 14.87
CA ILE A 1124 -5.83 -26.71 13.51
C ILE A 1124 -5.73 -25.19 13.41
N TYR A 1125 -6.35 -24.49 14.37
CA TYR A 1125 -6.31 -23.04 14.39
C TYR A 1125 -4.88 -22.53 14.49
N PHE A 1126 -4.08 -23.13 15.38
CA PHE A 1126 -2.71 -22.66 15.58
C PHE A 1126 -1.88 -22.84 14.31
N PHE A 1127 -2.00 -24.01 13.66
CA PHE A 1127 -1.25 -24.24 12.44
C PHE A 1127 -1.66 -23.25 11.35
N VAL A 1128 -2.97 -23.07 11.17
CA VAL A 1128 -3.46 -22.18 10.13
C VAL A 1128 -3.00 -20.75 10.40
N GLN A 1129 -3.11 -20.29 11.64
CA GLN A 1129 -2.72 -18.93 11.98
C GLN A 1129 -1.23 -18.72 11.75
N ARG A 1130 -0.42 -19.67 12.20
CA ARG A 1130 1.05 -19.58 12.02
C ARG A 1130 1.38 -19.44 10.53
N PHE A 1131 0.88 -20.37 9.70
CA PHE A 1131 1.19 -20.34 8.28
C PHE A 1131 0.70 -19.06 7.64
N TYR A 1132 -0.52 -18.63 7.96
CA TYR A 1132 -1.08 -17.46 7.30
C TYR A 1132 -0.32 -16.20 7.64
N VAL A 1133 -0.09 -15.94 8.93
CA VAL A 1133 0.59 -14.70 9.28
C VAL A 1133 1.96 -14.66 8.62
N ALA A 1134 2.70 -15.77 8.73
CA ALA A 1134 4.05 -15.80 8.18
C ALA A 1134 4.05 -15.58 6.67
N SER A 1135 3.14 -16.24 5.95
CA SER A 1135 3.19 -16.19 4.49
C SER A 1135 2.40 -15.04 3.89
N SER A 1136 1.62 -14.31 4.68
CA SER A 1136 0.84 -13.19 4.17
C SER A 1136 1.50 -11.85 4.44
N ARG A 1137 2.18 -11.70 5.59
CA ARG A 1137 2.87 -10.42 5.76
C ARG A 1137 4.04 -10.24 4.81
N GLN A 1138 4.43 -11.29 4.08
CA GLN A 1138 5.45 -11.19 3.04
C GLN A 1138 4.83 -10.97 1.66
N LEU A 1139 3.70 -11.62 1.38
CA LEU A 1139 2.99 -11.37 0.12
C LEU A 1139 2.50 -9.93 0.03
N LYS A 1140 2.03 -9.38 1.16
CA LYS A 1140 1.61 -7.98 1.15
C LYS A 1140 2.79 -7.07 0.80
N ARG A 1141 3.96 -7.34 1.38
CA ARG A 1141 5.13 -6.55 1.06
C ARG A 1141 5.51 -6.67 -0.41
N LEU A 1142 5.43 -7.88 -0.96
CA LEU A 1142 5.73 -8.07 -2.38
C LEU A 1142 4.79 -7.25 -3.26
N GLU A 1143 3.49 -7.28 -2.95
CA GLU A 1143 2.53 -6.51 -3.75
C GLU A 1143 2.78 -5.02 -3.63
N SER A 1144 3.01 -4.55 -2.40
CA SER A 1144 3.28 -3.11 -2.16
C SER A 1144 4.49 -2.69 -3.01
N VAL A 1145 5.56 -3.49 -2.96
CA VAL A 1145 6.77 -3.17 -3.74
C VAL A 1145 6.44 -3.12 -5.22
N SER A 1146 5.69 -4.10 -5.71
CA SER A 1146 5.43 -4.19 -7.15
C SER A 1146 4.48 -3.10 -7.65
N ARG A 1147 3.70 -2.47 -6.77
CA ARG A 1147 2.72 -1.49 -7.23
C ARG A 1147 3.38 -0.25 -7.82
N SER A 1148 4.42 0.28 -7.17
CA SER A 1148 5.00 1.55 -7.58
C SER A 1148 5.52 1.61 -9.02
N PRO A 1149 6.20 0.59 -9.55
CA PRO A 1149 6.75 0.73 -10.91
C PRO A 1149 5.72 1.04 -11.98
N VAL A 1150 4.47 0.63 -11.81
CA VAL A 1150 3.46 0.93 -12.82
C VAL A 1150 3.26 2.43 -12.94
N TYR A 1151 3.08 3.11 -11.80
CA TYR A 1151 2.87 4.55 -11.83
C TYR A 1151 4.14 5.28 -12.22
N SER A 1152 5.30 4.77 -11.81
CA SER A 1152 6.56 5.38 -12.24
C SER A 1152 6.72 5.30 -13.76
N HIS A 1153 6.41 4.14 -14.34
CA HIS A 1153 6.50 3.98 -15.78
C HIS A 1153 5.49 4.86 -16.51
N PHE A 1154 4.29 5.01 -15.95
CA PHE A 1154 3.33 5.94 -16.55
C PHE A 1154 3.85 7.36 -16.52
N ASN A 1155 4.46 7.77 -15.40
CA ASN A 1155 5.03 9.12 -15.34
C ASN A 1155 6.11 9.30 -16.39
N GLU A 1156 6.97 8.29 -16.55
CA GLU A 1156 8.03 8.36 -17.56
C GLU A 1156 7.44 8.48 -18.97
N THR A 1157 6.44 7.65 -19.27
CA THR A 1157 5.81 7.68 -20.60
C THR A 1157 5.11 9.01 -20.84
N LEU A 1158 4.39 9.50 -19.83
CA LEU A 1158 3.69 10.81 -19.97
C LEU A 1158 4.71 11.90 -20.26
N LEU A 1159 5.86 11.88 -19.56
CA LEU A 1159 6.87 12.90 -19.77
C LEU A 1159 7.57 12.78 -21.11
N GLY A 1160 7.74 11.57 -21.63
CA GLY A 1160 8.47 11.41 -22.88
C GLY A 1160 7.66 11.00 -24.09
N VAL A 1161 6.34 11.19 -24.03
CA VAL A 1161 5.44 10.68 -25.07
C VAL A 1161 5.83 11.15 -26.47
N SER A 1162 6.29 12.39 -26.62
CA SER A 1162 6.64 12.88 -27.95
C SER A 1162 7.80 12.09 -28.53
N VAL A 1163 8.83 11.83 -27.72
CA VAL A 1163 9.95 11.02 -28.17
C VAL A 1163 9.52 9.58 -28.41
N ILE A 1164 8.65 9.06 -27.54
CA ILE A 1164 8.18 7.68 -27.68
C ILE A 1164 7.48 7.50 -29.01
N ARG A 1165 6.63 8.47 -29.38
CA ARG A 1165 5.87 8.36 -30.64
C ARG A 1165 6.79 8.65 -31.85
N ALA A 1166 7.74 9.56 -31.69
CA ALA A 1166 8.60 9.92 -32.82
C ALA A 1166 9.42 8.72 -33.28
N PHE A 1167 10.03 8.00 -32.33
CA PHE A 1167 10.80 6.81 -32.68
C PHE A 1167 9.93 5.64 -33.10
N GLU A 1168 8.60 5.75 -32.93
CA GLU A 1168 7.66 4.67 -33.20
C GLU A 1168 8.02 3.42 -32.40
N GLU A 1169 8.39 3.62 -31.13
CA GLU A 1169 8.63 2.52 -30.20
C GLU A 1169 7.51 2.38 -29.20
N GLN A 1170 6.32 2.89 -29.54
CA GLN A 1170 5.19 2.83 -28.60
C GLN A 1170 4.78 1.40 -28.32
N GLU A 1171 4.98 0.50 -29.28
CA GLU A 1171 4.63 -0.93 -29.09
C GLU A 1171 5.48 -1.50 -27.96
N ARG A 1172 6.78 -1.20 -27.94
CA ARG A 1172 7.67 -1.72 -26.92
C ARG A 1172 7.25 -1.25 -25.53
N PHE A 1173 6.88 0.02 -25.40
CA PHE A 1173 6.47 0.54 -24.10
C PHE A 1173 5.08 0.05 -23.71
N ILE A 1174 4.22 -0.22 -24.68
CA ILE A 1174 2.95 -0.89 -24.39
C ILE A 1174 3.20 -2.27 -23.83
N ARG A 1175 4.17 -2.98 -24.42
CA ARG A 1175 4.51 -4.35 -23.94
C ARG A 1175 5.20 -4.26 -22.57
N GLN A 1176 5.91 -3.17 -22.29
CA GLN A 1176 6.55 -3.02 -21.00
C GLN A 1176 5.53 -2.79 -19.88
N SER A 1177 4.52 -1.95 -20.13
CA SER A 1177 3.46 -1.75 -19.15
C SER A 1177 2.67 -3.03 -18.90
N ASP A 1178 2.62 -3.93 -19.88
CA ASP A 1178 2.06 -5.26 -19.67
C ASP A 1178 2.80 -5.99 -18.55
N LEU A 1179 4.14 -5.98 -18.60
CA LEU A 1179 4.93 -6.75 -17.66
C LEU A 1179 4.80 -6.26 -16.24
N LYS A 1180 4.81 -4.94 -16.02
CA LYS A 1180 4.76 -4.42 -14.66
C LYS A 1180 3.40 -4.65 -14.02
N VAL A 1181 2.33 -4.44 -14.77
CA VAL A 1181 0.99 -4.71 -14.24
C VAL A 1181 0.82 -6.20 -13.96
N ASP A 1182 1.33 -7.05 -14.85
CA ASP A 1182 1.29 -8.49 -14.62
C ASP A 1182 2.08 -8.86 -13.38
N GLU A 1183 3.23 -8.21 -13.16
CA GLU A 1183 4.03 -8.47 -11.98
C GLU A 1183 3.29 -8.09 -10.71
N ASN A 1184 2.61 -6.95 -10.72
CA ASN A 1184 1.80 -6.55 -9.57
C ASN A 1184 0.66 -7.54 -9.32
N GLN A 1185 0.05 -8.03 -10.40
CA GLN A 1185 -1.10 -8.97 -10.24
C GLN A 1185 -0.57 -10.31 -9.70
N LYS A 1186 0.64 -10.71 -10.10
CA LYS A 1186 1.21 -11.96 -9.63
C LYS A 1186 1.43 -11.98 -8.13
N ALA A 1187 1.51 -10.81 -7.49
CA ALA A 1187 1.62 -10.73 -6.04
C ALA A 1187 0.31 -10.39 -5.36
N TYR A 1188 -0.60 -9.70 -6.06
CA TYR A 1188 -1.89 -9.39 -5.46
C TYR A 1188 -2.80 -10.61 -5.39
N TYR A 1189 -2.80 -11.45 -6.43
CA TYR A 1189 -3.69 -12.60 -6.45
C TYR A 1189 -3.42 -13.58 -5.31
N PRO A 1190 -2.17 -13.98 -5.02
CA PRO A 1190 -1.96 -14.88 -3.87
C PRO A 1190 -2.40 -14.28 -2.55
N SER A 1191 -2.42 -12.96 -2.40
CA SER A 1191 -2.87 -12.36 -1.15
C SER A 1191 -4.36 -12.60 -0.92
N ILE A 1192 -5.18 -12.36 -1.94
CA ILE A 1192 -6.61 -12.59 -1.78
C ILE A 1192 -6.90 -14.08 -1.64
N VAL A 1193 -6.17 -14.93 -2.37
CA VAL A 1193 -6.39 -16.36 -2.18
C VAL A 1193 -5.94 -16.80 -0.78
N ALA A 1194 -4.93 -16.12 -0.22
CA ALA A 1194 -4.53 -16.39 1.16
C ALA A 1194 -5.63 -16.04 2.15
N ASN A 1195 -6.27 -14.88 1.95
CA ASN A 1195 -7.41 -14.52 2.78
C ASN A 1195 -8.50 -15.58 2.66
N ARG A 1196 -8.74 -16.07 1.45
CA ARG A 1196 -9.74 -17.13 1.25
C ARG A 1196 -9.36 -18.41 1.99
N TRP A 1197 -8.06 -18.74 2.01
CA TRP A 1197 -7.61 -19.95 2.67
C TRP A 1197 -7.83 -19.86 4.18
N LEU A 1198 -7.39 -18.75 4.79
CA LEU A 1198 -7.84 -18.43 6.15
C LEU A 1198 -9.32 -18.64 6.32
N ALA A 1199 -10.10 -18.06 5.42
CA ALA A 1199 -11.54 -18.05 5.57
C ALA A 1199 -12.10 -19.46 5.65
N VAL A 1200 -11.72 -20.31 4.70
CA VAL A 1200 -12.29 -21.65 4.68
C VAL A 1200 -11.83 -22.46 5.89
N ARG A 1201 -10.54 -22.38 6.25
CA ARG A 1201 -10.07 -23.14 7.40
C ARG A 1201 -10.79 -22.72 8.68
N LEU A 1202 -10.90 -21.40 8.90
CA LEU A 1202 -11.47 -20.93 10.16
C LEU A 1202 -12.97 -21.15 10.22
N GLU A 1203 -13.68 -21.01 9.11
CA GLU A 1203 -15.11 -21.34 9.13
C GLU A 1203 -15.33 -22.83 9.29
N CYS A 1204 -14.42 -23.67 8.79
CA CYS A 1204 -14.52 -25.10 9.08
C CYS A 1204 -14.35 -25.36 10.57
N VAL A 1205 -13.40 -24.67 11.21
CA VAL A 1205 -13.24 -24.82 12.66
C VAL A 1205 -14.50 -24.37 13.39
N GLY A 1206 -15.06 -23.23 12.99
CA GLY A 1206 -16.26 -22.75 13.64
C GLY A 1206 -17.47 -23.65 13.43
N ASN A 1207 -17.57 -24.23 12.23
CA ASN A 1207 -18.66 -25.15 11.95
C ASN A 1207 -18.52 -26.44 12.75
N CYS A 1208 -17.28 -26.92 12.91
CA CYS A 1208 -17.04 -28.07 13.78
C CYS A 1208 -17.42 -27.75 15.22
N ILE A 1209 -17.12 -26.52 15.66
CA ILE A 1209 -17.51 -26.09 17.00
C ILE A 1209 -19.03 -26.11 17.14
N VAL A 1210 -19.74 -25.60 16.14
CA VAL A 1210 -21.20 -25.57 16.19
C VAL A 1210 -21.75 -26.98 16.23
N LEU A 1211 -21.22 -27.86 15.37
CA LEU A 1211 -21.69 -29.24 15.32
C LEU A 1211 -21.47 -29.94 16.65
N PHE A 1212 -20.29 -29.78 17.24
CA PHE A 1212 -20.02 -30.49 18.48
C PHE A 1212 -20.80 -29.90 19.65
N ALA A 1213 -20.99 -28.58 19.68
CA ALA A 1213 -21.80 -27.98 20.73
C ALA A 1213 -23.23 -28.49 20.65
N SER A 1214 -23.82 -28.49 19.45
CA SER A 1214 -25.19 -28.98 19.30
C SER A 1214 -25.29 -30.46 19.60
N LEU A 1215 -24.29 -31.24 19.18
CA LEU A 1215 -24.32 -32.68 19.42
C LEU A 1215 -24.24 -33.00 20.90
N PHE A 1216 -23.33 -32.34 21.62
CA PHE A 1216 -23.18 -32.59 23.04
C PHE A 1216 -24.31 -31.98 23.86
N ALA A 1217 -25.02 -30.99 23.32
CA ALA A 1217 -26.24 -30.53 23.97
C ALA A 1217 -27.40 -31.50 23.75
N VAL A 1218 -27.51 -32.07 22.55
CA VAL A 1218 -28.59 -32.99 22.25
C VAL A 1218 -28.41 -34.30 23.00
N ILE A 1219 -27.17 -34.79 23.11
CA ILE A 1219 -26.92 -36.05 23.79
C ILE A 1219 -27.28 -35.99 25.27
N SER A 1220 -27.31 -34.79 25.86
CA SER A 1220 -27.63 -34.65 27.28
C SER A 1220 -28.88 -33.79 27.48
N ARG A 1221 -29.93 -34.09 26.72
CA ARG A 1221 -31.13 -33.26 26.76
C ARG A 1221 -31.79 -33.27 28.13
N HIS A 1222 -31.73 -34.40 28.85
CA HIS A 1222 -32.40 -34.48 30.14
C HIS A 1222 -31.79 -33.55 31.18
N SER A 1223 -30.47 -33.46 31.25
CA SER A 1223 -29.79 -32.69 32.28
C SER A 1223 -29.67 -31.21 31.94
N LEU A 1224 -30.13 -30.79 30.77
CA LEU A 1224 -29.98 -29.42 30.30
C LEU A 1224 -31.35 -28.76 30.15
N SER A 1225 -31.33 -27.44 30.08
CA SER A 1225 -32.53 -26.64 29.89
C SER A 1225 -32.49 -25.99 28.51
N ALA A 1226 -33.64 -25.47 28.09
CA ALA A 1226 -33.74 -24.87 26.77
C ALA A 1226 -32.83 -23.65 26.65
N GLY A 1227 -32.80 -22.80 27.66
CA GLY A 1227 -32.01 -21.59 27.59
C GLY A 1227 -30.52 -21.86 27.47
N LEU A 1228 -30.03 -22.87 28.18
CA LEU A 1228 -28.61 -23.17 28.13
C LEU A 1228 -28.18 -23.63 26.75
N VAL A 1229 -28.97 -24.52 26.13
CA VAL A 1229 -28.68 -24.95 24.77
C VAL A 1229 -28.76 -23.78 23.81
N GLY A 1230 -29.78 -22.93 23.96
CA GLY A 1230 -29.89 -21.77 23.10
C GLY A 1230 -28.69 -20.86 23.19
N LEU A 1231 -28.23 -20.57 24.41
CA LEU A 1231 -27.06 -19.71 24.58
C LEU A 1231 -25.82 -20.35 23.99
N SER A 1232 -25.63 -21.65 24.23
CA SER A 1232 -24.48 -22.35 23.67
C SER A 1232 -24.46 -22.24 22.16
N VAL A 1233 -25.61 -22.49 21.52
CA VAL A 1233 -25.65 -22.48 20.07
C VAL A 1233 -25.46 -21.07 19.53
N SER A 1234 -26.03 -20.06 20.19
CA SER A 1234 -25.86 -18.70 19.72
C SER A 1234 -24.39 -18.28 19.76
N TYR A 1235 -23.71 -18.57 20.87
CA TYR A 1235 -22.30 -18.20 20.97
C TYR A 1235 -21.45 -19.01 19.99
N SER A 1236 -21.77 -20.29 19.80
CA SER A 1236 -21.02 -21.10 18.86
C SER A 1236 -21.22 -20.61 17.43
N LEU A 1237 -22.40 -20.10 17.12
CA LEU A 1237 -22.62 -19.46 15.83
C LEU A 1237 -21.77 -18.20 15.70
N GLN A 1238 -21.68 -17.42 16.77
CA GLN A 1238 -20.92 -16.17 16.71
C GLN A 1238 -19.42 -16.40 16.59
N VAL A 1239 -18.91 -17.52 17.10
CA VAL A 1239 -17.47 -17.66 17.31
C VAL A 1239 -16.65 -17.58 16.02
N THR A 1240 -17.26 -17.83 14.86
CA THR A 1240 -16.47 -17.89 13.62
C THR A 1240 -15.90 -16.52 13.24
N THR A 1241 -16.74 -15.48 13.32
CA THR A 1241 -16.26 -14.12 12.96
C THR A 1241 -15.20 -13.68 13.97
N TYR A 1242 -15.39 -14.02 15.26
CA TYR A 1242 -14.39 -13.68 16.27
C TYR A 1242 -13.07 -14.38 15.99
N LEU A 1243 -13.12 -15.65 15.57
CA LEU A 1243 -11.90 -16.36 15.24
C LEU A 1243 -11.18 -15.73 14.05
N ASN A 1244 -11.93 -15.40 13.01
CA ASN A 1244 -11.33 -14.79 11.82
C ASN A 1244 -10.66 -13.46 12.17
N TRP A 1245 -11.38 -12.61 12.90
CA TRP A 1245 -10.81 -11.32 13.26
C TRP A 1245 -9.70 -11.45 14.29
N LEU A 1246 -9.71 -12.51 15.10
CA LEU A 1246 -8.59 -12.75 16.00
C LEU A 1246 -7.33 -13.07 15.22
N VAL A 1247 -7.43 -13.91 14.19
CA VAL A 1247 -6.25 -14.21 13.39
C VAL A 1247 -5.78 -12.95 12.67
N ARG A 1248 -6.72 -12.21 12.09
CA ARG A 1248 -6.37 -10.97 11.33
C ARG A 1248 -5.70 -9.97 12.27
N MET A 1249 -6.19 -9.88 13.52
CA MET A 1249 -5.64 -8.87 14.46
C MET A 1249 -4.28 -9.35 14.98
N SER A 1250 -4.14 -10.65 15.24
CA SER A 1250 -2.84 -11.17 15.65
C SER A 1250 -1.79 -10.89 14.59
N SER A 1251 -2.14 -11.08 13.32
CA SER A 1251 -1.21 -10.74 12.25
C SER A 1251 -0.88 -9.25 12.29
N GLU A 1252 -1.89 -8.42 12.58
CA GLU A 1252 -1.68 -6.96 12.65
C GLU A 1252 -0.72 -6.65 13.80
N MET A 1253 -0.95 -7.26 14.97
CA MET A 1253 -0.11 -6.98 16.17
C MET A 1253 1.32 -7.43 15.92
N GLU A 1254 1.52 -8.59 15.30
CA GLU A 1254 2.87 -9.12 15.14
C GLU A 1254 3.75 -8.17 14.31
N THR A 1255 3.19 -7.60 13.26
CA THR A 1255 3.91 -6.65 12.42
C THR A 1255 3.85 -5.22 12.94
N ASN A 1256 3.13 -4.99 14.04
CA ASN A 1256 2.97 -3.60 14.55
C ASN A 1256 3.85 -3.38 15.78
N ILE A 1257 3.97 -4.37 16.67
CA ILE A 1257 4.71 -4.16 17.91
C ILE A 1257 6.21 -4.01 17.66
N VAL A 1258 6.71 -4.50 16.53
CA VAL A 1258 8.13 -4.40 16.23
C VAL A 1258 8.59 -2.95 16.18
N ALA A 1259 7.68 -2.01 15.92
CA ALA A 1259 8.01 -0.60 15.96
C ALA A 1259 8.65 -0.24 17.29
N VAL A 1260 8.06 -0.71 18.40
CA VAL A 1260 8.63 -0.44 19.71
C VAL A 1260 10.06 -0.96 19.78
N GLU A 1261 10.30 -2.15 19.21
CA GLU A 1261 11.65 -2.70 19.21
C GLU A 1261 12.61 -1.79 18.46
N ARG A 1262 12.17 -1.21 17.35
CA ARG A 1262 13.07 -0.34 16.61
C ARG A 1262 13.13 1.06 17.22
N LEU A 1263 12.22 1.34 18.16
CA LEU A 1263 12.22 2.65 18.87
C LEU A 1263 13.09 2.53 20.12
N LYS A 1264 13.28 1.30 20.61
CA LYS A 1264 14.11 1.05 21.81
C LYS A 1264 15.58 1.00 21.38
N GLU A 1265 15.88 1.46 20.16
CA GLU A 1265 17.28 1.38 19.67
C GLU A 1265 18.11 2.50 20.29
N TYR A 1266 19.44 2.42 20.20
CA TYR A 1266 20.34 3.44 20.79
C TYR A 1266 20.21 3.46 22.31
N SER A 1267 19.52 2.47 22.89
CA SER A 1267 19.41 2.38 24.36
C SER A 1267 20.80 2.14 24.96
N GLU A 1268 21.63 1.34 24.29
CA GLU A 1268 22.99 1.03 24.81
C GLU A 1268 24.05 1.64 23.90
N THR A 1269 23.64 2.17 22.74
CA THR A 1269 24.59 2.81 21.79
C THR A 1269 25.54 3.73 22.57
N GLU A 1270 26.85 3.57 22.37
CA GLU A 1270 27.82 4.38 23.09
C GLU A 1270 27.43 5.85 23.03
N LYS A 1271 27.39 6.46 24.21
CA LYS A 1271 26.99 7.88 24.30
C LYS A 1271 28.21 8.74 24.59
N GLU A 1272 28.06 10.06 24.55
CA GLU A 1272 29.12 10.99 24.85
C GLU A 1272 29.47 10.95 26.32
N ALA A 1273 30.60 11.58 26.66
CA ALA A 1273 30.96 11.77 28.04
C ALA A 1273 29.91 12.65 28.71
N PRO A 1274 29.72 12.52 30.04
CA PRO A 1274 28.65 13.26 30.70
C PRO A 1274 28.78 14.77 30.46
N TRP A 1275 27.63 15.39 30.19
CA TRP A 1275 27.63 16.83 29.91
C TRP A 1275 28.01 17.64 31.14
N GLN A 1276 27.54 17.24 32.31
CA GLN A 1276 27.87 17.90 33.58
C GLN A 1276 28.37 16.83 34.54
N ILE A 1277 29.60 16.98 35.02
CA ILE A 1277 30.12 16.03 35.98
C ILE A 1277 29.71 16.40 37.40
N GLN A 1278 29.91 17.67 37.77
CA GLN A 1278 29.48 18.25 39.05
C GLN A 1278 30.34 17.79 40.21
N ASP A 1279 31.27 16.86 39.97
CA ASP A 1279 32.27 16.54 40.98
C ASP A 1279 33.57 17.32 40.72
N MET A 1280 33.95 17.45 39.46
CA MET A 1280 35.15 18.19 39.10
C MET A 1280 34.81 19.34 38.17
N ALA A 1281 33.73 20.05 38.48
CA ALA A 1281 33.32 21.19 37.67
C ALA A 1281 34.34 22.32 37.80
N PRO A 1282 34.55 23.09 36.72
CA PRO A 1282 35.51 24.19 36.77
C PRO A 1282 34.93 25.38 37.50
N PRO A 1283 35.73 26.43 37.85
CA PRO A 1283 35.17 27.64 38.45
C PRO A 1283 34.38 28.45 37.42
N LYS A 1284 33.68 29.50 37.88
CA LYS A 1284 32.87 30.33 36.97
C LYS A 1284 33.77 30.89 35.86
N ASP A 1285 34.90 31.49 36.24
CA ASP A 1285 35.87 31.98 35.23
C ASP A 1285 36.88 30.85 34.94
N TRP A 1286 36.43 29.81 34.25
CA TRP A 1286 37.33 28.65 33.95
C TRP A 1286 38.50 29.12 33.06
N PRO A 1287 38.29 29.71 31.85
CA PRO A 1287 39.41 30.21 31.04
C PRO A 1287 39.76 31.64 31.47
N GLN A 1288 40.53 31.79 32.56
CA GLN A 1288 40.94 33.13 33.04
C GLN A 1288 41.74 33.83 31.94
N VAL A 1289 42.68 33.11 31.31
CA VAL A 1289 43.50 33.69 30.22
C VAL A 1289 43.29 32.88 28.94
N GLY A 1290 42.94 31.60 29.07
CA GLY A 1290 42.76 30.74 27.89
C GLY A 1290 44.07 30.10 27.47
N ARG A 1291 44.91 29.70 28.43
CA ARG A 1291 46.17 29.05 28.13
C ARG A 1291 45.89 27.63 27.66
N VAL A 1292 46.04 27.39 26.37
CA VAL A 1292 45.79 26.08 25.79
C VAL A 1292 47.11 25.32 25.68
N GLU A 1293 47.08 24.04 25.99
CA GLU A 1293 48.29 23.22 25.92
C GLU A 1293 47.90 21.83 25.41
N PHE A 1294 48.26 21.53 24.17
CA PHE A 1294 48.13 20.19 23.63
C PHE A 1294 49.35 19.39 24.04
N ARG A 1295 49.16 18.51 25.02
CA ARG A 1295 50.25 17.71 25.59
C ARG A 1295 50.16 16.30 25.00
N ASP A 1296 50.96 16.05 23.96
CA ASP A 1296 51.03 14.75 23.31
C ASP A 1296 49.64 14.29 22.85
N TYR A 1297 48.97 15.15 22.10
CA TYR A 1297 47.63 14.85 21.62
C TYR A 1297 47.64 13.85 20.48
N GLY A 1298 46.73 12.89 20.54
CA GLY A 1298 46.52 11.94 19.47
C GLY A 1298 45.04 11.68 19.26
N LEU A 1299 44.56 11.93 18.03
CA LEU A 1299 43.10 11.77 17.76
C LEU A 1299 42.86 10.58 16.85
N ARG A 1300 42.10 9.58 17.34
CA ARG A 1300 41.76 8.40 16.51
C ARG A 1300 40.64 8.78 15.54
N TYR A 1301 40.60 8.16 14.36
CA TYR A 1301 39.59 8.51 13.33
C TYR A 1301 39.26 7.28 12.48
N ASP A 1306 46.15 5.65 10.69
CA ASP A 1306 45.10 5.37 11.67
C ASP A 1306 44.81 6.59 12.53
N LEU A 1307 45.87 7.33 12.88
CA LEU A 1307 45.75 8.53 13.69
C LEU A 1307 45.83 9.75 12.78
N VAL A 1308 44.74 10.51 12.69
CA VAL A 1308 44.79 11.79 11.91
C VAL A 1308 45.67 12.77 12.68
N LEU A 1309 45.47 12.87 14.00
CA LEU A 1309 46.31 13.75 14.85
C LEU A 1309 47.31 12.88 15.61
N LYS A 1310 48.59 13.27 15.63
CA LYS A 1310 49.63 12.43 16.28
C LYS A 1310 50.80 13.31 16.73
N HIS A 1311 51.41 13.01 17.87
CA HIS A 1311 52.59 13.77 18.36
C HIS A 1311 52.30 15.27 18.30
N ILE A 1312 51.29 15.73 19.04
CA ILE A 1312 50.97 17.19 19.08
C ILE A 1312 51.33 17.74 20.45
N ASN A 1313 52.46 18.45 20.56
CA ASN A 1313 52.86 19.06 21.83
C ASN A 1313 53.06 20.54 21.58
N VAL A 1314 51.99 21.32 21.72
CA VAL A 1314 52.03 22.75 21.44
C VAL A 1314 51.43 23.50 22.61
N THR A 1315 51.81 24.77 22.73
CA THR A 1315 51.32 25.63 23.81
C THR A 1315 50.92 26.97 23.24
N ILE A 1316 49.63 27.31 23.35
CA ILE A 1316 49.11 28.60 22.95
C ILE A 1316 48.88 29.42 24.22
N ASP A 1317 49.63 30.51 24.35
CA ASP A 1317 49.54 31.33 25.54
C ASP A 1317 48.22 32.08 25.57
N GLY A 1318 47.83 32.51 26.79
CA GLY A 1318 46.63 33.27 26.97
C GLY A 1318 46.61 34.58 26.20
N GLY A 1319 45.54 34.80 25.44
CA GLY A 1319 45.43 36.03 24.66
C GLY A 1319 46.48 36.17 23.58
N GLU A 1320 46.92 35.06 23.00
CA GLU A 1320 47.87 35.06 21.90
C GLU A 1320 47.19 34.51 20.65
N LYS A 1321 47.16 35.33 19.60
CA LYS A 1321 46.54 34.89 18.36
C LYS A 1321 47.39 33.82 17.69
N VAL A 1322 46.76 32.71 17.35
CA VAL A 1322 47.44 31.55 16.78
C VAL A 1322 46.55 30.99 15.68
N GLY A 1323 47.15 30.67 14.54
CA GLY A 1323 46.43 30.08 13.42
C GLY A 1323 47.01 28.73 13.07
N ILE A 1324 46.22 27.94 12.35
CA ILE A 1324 46.63 26.60 11.93
C ILE A 1324 46.53 26.53 10.41
N VAL A 1325 47.66 26.24 9.77
CA VAL A 1325 47.74 26.12 8.32
C VAL A 1325 48.07 24.69 7.97
N GLY A 1326 47.53 24.25 6.84
CA GLY A 1326 47.80 22.89 6.36
C GLY A 1326 46.95 22.61 5.15
N ARG A 1327 47.35 21.56 4.43
CA ARG A 1327 46.65 21.15 3.23
C ARG A 1327 45.52 20.18 3.58
N THR A 1328 44.73 19.84 2.57
CA THR A 1328 43.67 18.87 2.75
C THR A 1328 44.25 17.52 3.17
N GLY A 1329 43.64 16.92 4.18
CA GLY A 1329 44.13 15.69 4.75
C GLY A 1329 44.92 15.85 6.03
N ALA A 1330 45.30 17.10 6.34
CA ALA A 1330 46.01 17.37 7.62
C ALA A 1330 45.02 17.34 8.77
N GLY A 1331 45.48 17.61 10.00
CA GLY A 1331 44.59 17.55 11.17
C GLY A 1331 44.10 18.92 11.61
N LYS A 1332 44.06 19.87 10.67
CA LYS A 1332 43.65 21.26 11.01
C LYS A 1332 42.28 21.26 11.68
N SER A 1333 41.23 20.86 10.95
CA SER A 1333 39.85 20.88 11.51
C SER A 1333 39.76 19.91 12.69
N SER A 1334 40.34 18.73 12.56
CA SER A 1334 40.29 17.70 13.65
C SER A 1334 40.86 18.31 14.94
N LEU A 1335 41.77 19.28 14.81
CA LEU A 1335 42.31 19.94 16.00
C LEU A 1335 41.22 20.69 16.76
N THR A 1336 40.35 21.40 16.03
CA THR A 1336 39.20 22.02 16.68
C THR A 1336 38.33 20.99 17.39
N LEU A 1337 38.10 19.84 16.73
CA LEU A 1337 37.31 18.79 17.36
C LEU A 1337 38.00 18.28 18.63
N GLY A 1338 39.32 18.44 18.71
CA GLY A 1338 40.01 18.12 19.95
C GLY A 1338 39.67 19.09 21.07
N LEU A 1339 39.55 20.38 20.74
CA LEU A 1339 39.26 21.39 21.76
C LEU A 1339 37.88 21.16 22.37
N PHE A 1340 36.89 20.85 21.54
CA PHE A 1340 35.52 20.69 21.99
C PHE A 1340 35.19 19.25 22.37
N ARG A 1341 36.17 18.35 22.33
CA ARG A 1341 35.96 16.94 22.69
C ARG A 1341 34.88 16.30 21.84
N ILE A 1342 34.85 16.65 20.56
CA ILE A 1342 33.88 16.00 19.63
C ILE A 1342 34.26 14.52 19.53
N LYS A 1343 35.55 14.22 19.37
CA LYS A 1343 36.02 12.81 19.36
C LYS A 1343 36.93 12.61 20.57
N GLU A 1344 36.72 11.55 21.34
CA GLU A 1344 37.52 11.31 22.59
C GLU A 1344 39.00 11.21 22.23
N SER A 1345 39.88 11.66 23.14
CA SER A 1345 41.31 11.64 22.88
C SER A 1345 41.83 10.21 22.94
N ALA A 1346 42.34 9.71 21.82
CA ALA A 1346 42.97 8.40 21.82
C ALA A 1346 44.21 8.39 22.71
N GLU A 1347 45.01 9.45 22.64
CA GLU A 1347 46.13 9.63 23.55
C GLU A 1347 46.45 11.12 23.59
N GLY A 1348 46.13 11.77 24.69
CA GLY A 1348 46.34 13.20 24.80
C GLY A 1348 45.82 13.79 26.09
N GLU A 1349 46.40 14.89 26.51
CA GLU A 1349 46.07 15.54 27.78
C GLU A 1349 45.90 17.04 27.60
N ILE A 1350 45.08 17.43 26.62
CA ILE A 1350 44.76 18.85 26.43
C ILE A 1350 44.32 19.46 27.74
N ILE A 1351 45.00 20.53 28.15
CA ILE A 1351 44.63 21.21 29.43
C ILE A 1351 44.49 22.71 29.16
N ILE A 1352 43.35 23.30 29.54
CA ILE A 1352 43.20 24.78 29.39
C ILE A 1352 43.54 25.41 30.75
N ASP A 1353 44.50 26.34 30.76
CA ASP A 1353 44.95 26.92 32.06
C ASP A 1353 45.50 25.78 32.91
N ASP A 1354 44.86 25.49 34.05
CA ASP A 1354 45.34 24.43 34.97
C ASP A 1354 44.30 23.31 35.07
N ILE A 1355 43.41 23.19 34.08
CA ILE A 1355 42.31 22.18 34.17
C ILE A 1355 42.31 21.28 32.93
N ASN A 1356 42.22 19.96 33.13
CA ASN A 1356 42.19 18.99 32.01
C ASN A 1356 40.80 19.02 31.34
N ILE A 1357 40.74 18.90 30.03
CA ILE A 1357 39.46 18.94 29.32
C ILE A 1357 38.71 17.63 29.48
N ALA A 1358 39.41 16.50 29.39
CA ALA A 1358 38.75 15.20 29.43
C ALA A 1358 38.01 14.97 30.74
N LYS A 1359 38.49 15.58 31.83
CA LYS A 1359 37.81 15.45 33.10
C LYS A 1359 36.54 16.29 33.18
N ILE A 1360 36.52 17.44 32.53
CA ILE A 1360 35.39 18.36 32.57
C ILE A 1360 34.23 17.77 31.79
N GLY A 1361 33.01 18.02 32.26
CA GLY A 1361 31.84 17.65 31.49
C GLY A 1361 31.81 18.37 30.16
N LEU A 1362 31.14 17.76 29.17
CA LEU A 1362 31.11 18.34 27.80
C LEU A 1362 30.48 19.74 27.82
N HIS A 1363 29.24 19.87 28.30
CA HIS A 1363 28.55 21.19 28.24
C HIS A 1363 29.45 22.30 28.80
N ASP A 1364 29.99 22.10 30.00
CA ASP A 1364 30.87 23.12 30.64
C ASP A 1364 31.87 23.67 29.60
N LEU A 1365 32.74 22.81 29.06
CA LEU A 1365 33.79 23.29 28.13
C LEU A 1365 33.14 23.86 26.86
N ARG A 1366 32.09 23.22 26.36
CA ARG A 1366 31.43 23.68 25.10
C ARG A 1366 30.78 25.04 25.35
N PHE A 1367 30.45 25.35 26.61
CA PHE A 1367 29.93 26.68 26.95
C PHE A 1367 31.05 27.69 27.12
N LYS A 1368 32.20 27.25 27.60
CA LYS A 1368 33.32 28.17 27.87
C LYS A 1368 34.23 28.36 26.66
N ILE A 1369 34.01 27.65 25.56
CA ILE A 1369 34.77 27.82 24.33
C ILE A 1369 33.78 28.02 23.19
N THR A 1370 34.12 28.91 22.26
CA THR A 1370 33.22 29.21 21.15
C THR A 1370 33.89 28.89 19.82
N ILE A 1371 33.05 28.61 18.82
CA ILE A 1371 33.51 28.21 17.49
C ILE A 1371 32.67 28.91 16.44
N ILE A 1372 33.32 29.42 15.40
CA ILE A 1372 32.65 29.95 14.22
C ILE A 1372 32.95 29.00 13.06
N PRO A 1373 32.02 28.10 12.74
CA PRO A 1373 32.35 27.02 11.79
C PRO A 1373 32.41 27.48 10.34
N GLN A 1374 32.61 26.52 9.44
CA GLN A 1374 32.71 26.83 8.02
C GLN A 1374 31.42 27.46 7.50
N ASP A 1375 30.33 26.70 7.57
CA ASP A 1375 29.01 27.23 7.13
C ASP A 1375 28.12 27.44 8.36
N PRO A 1376 27.88 28.69 8.80
CA PRO A 1376 27.01 28.96 9.95
C PRO A 1376 25.62 28.35 9.75
N VAL A 1377 25.09 27.66 10.77
CA VAL A 1377 23.76 26.99 10.66
C VAL A 1377 22.73 27.85 11.40
N LEU A 1378 21.87 28.56 10.66
CA LEU A 1378 20.82 29.35 11.28
C LEU A 1378 19.57 28.50 11.39
N PHE A 1379 19.04 28.37 12.59
CA PHE A 1379 17.91 27.50 12.85
C PHE A 1379 16.60 28.27 12.72
N SER A 1380 15.54 27.55 12.35
CA SER A 1380 14.23 28.17 12.19
C SER A 1380 13.77 28.74 13.52
N GLY A 1381 13.14 29.92 13.45
CA GLY A 1381 12.68 30.64 14.60
C GLY A 1381 13.10 32.08 14.51
N SER A 1382 13.11 32.77 15.65
CA SER A 1382 13.52 34.15 15.68
C SER A 1382 15.04 34.27 15.70
N LEU A 1383 15.53 35.46 15.38
CA LEU A 1383 16.96 35.72 15.43
C LEU A 1383 17.48 35.65 16.87
N ARG A 1384 16.67 36.08 17.83
CA ARG A 1384 17.09 36.02 19.23
C ARG A 1384 17.27 34.58 19.69
N MET A 1385 16.39 33.68 19.28
CA MET A 1385 16.56 32.27 19.62
C MET A 1385 17.77 31.68 18.91
N ASN A 1386 18.15 32.23 17.76
CA ASN A 1386 19.40 31.81 17.12
C ASN A 1386 20.60 32.26 17.95
N LEU A 1387 20.63 33.53 18.34
CA LEU A 1387 21.74 34.06 19.13
C LEU A 1387 21.78 33.43 20.52
N ASP A 1388 20.66 33.43 21.23
CA ASP A 1388 20.57 32.92 22.59
C ASP A 1388 19.37 32.00 22.71
N PRO A 1389 19.54 30.72 22.38
CA PRO A 1389 18.42 29.77 22.53
C PRO A 1389 17.91 29.68 23.96
N PHE A 1390 18.80 29.78 24.94
CA PHE A 1390 18.40 29.72 26.34
C PHE A 1390 17.80 31.03 26.84
N SER A 1391 17.90 32.11 26.06
CA SER A 1391 17.46 33.45 26.49
C SER A 1391 18.17 33.87 27.77
N GLN A 1392 19.39 33.37 27.98
CA GLN A 1392 20.12 33.67 29.21
C GLN A 1392 20.66 35.10 29.19
N TYR A 1393 21.18 35.54 28.06
CA TYR A 1393 21.73 36.88 27.95
C TYR A 1393 20.62 37.91 27.79
N SER A 1394 20.80 39.05 28.44
CA SER A 1394 19.78 40.10 28.43
C SER A 1394 19.67 40.72 27.04
N ASP A 1395 18.58 41.47 26.85
CA ASP A 1395 18.33 42.11 25.57
C ASP A 1395 19.40 43.15 25.25
N GLU A 1396 19.91 43.85 26.27
CA GLU A 1396 20.96 44.84 26.05
C GLU A 1396 22.23 44.17 25.52
N GLU A 1397 22.59 43.00 26.08
CA GLU A 1397 23.76 42.28 25.60
C GLU A 1397 23.58 41.84 24.16
N VAL A 1398 22.39 41.36 23.80
CA VAL A 1398 22.12 40.95 22.43
C VAL A 1398 22.24 42.14 21.49
N TRP A 1399 21.68 43.29 21.89
CA TRP A 1399 21.75 44.47 21.04
C TRP A 1399 23.19 44.94 20.87
N THR A 1400 23.97 44.93 21.96
CA THR A 1400 25.36 45.35 21.88
C THR A 1400 26.18 44.41 20.98
N SER A 1401 25.99 43.11 21.14
CA SER A 1401 26.71 42.15 20.31
C SER A 1401 26.33 42.28 18.84
N LEU A 1402 25.04 42.49 18.56
CA LEU A 1402 24.60 42.66 17.18
C LEU A 1402 25.15 43.94 16.56
N GLU A 1403 25.20 45.02 17.34
CA GLU A 1403 25.82 46.25 16.85
C GLU A 1403 27.30 46.05 16.58
N LEU A 1404 27.98 45.32 17.47
CA LEU A 1404 29.45 45.11 17.31
C LEU A 1404 29.70 44.16 16.13
N ALA A 1405 28.68 43.46 15.65
CA ALA A 1405 28.84 42.52 14.55
C ALA A 1405 28.47 43.12 13.20
N HIS A 1406 28.51 44.44 13.09
CA HIS A 1406 28.18 45.15 11.84
C HIS A 1406 26.79 44.77 11.34
N LEU A 1407 25.88 44.45 12.26
CA LEU A 1407 24.54 44.00 11.92
C LEU A 1407 23.43 44.87 12.48
N LYS A 1408 23.76 45.94 13.21
CA LYS A 1408 22.72 46.77 13.81
C LYS A 1408 21.81 47.39 12.76
N GLY A 1409 22.39 47.83 11.65
CA GLY A 1409 21.58 48.44 10.60
C GLY A 1409 20.58 47.47 10.01
N PHE A 1410 21.01 46.24 9.75
CA PHE A 1410 20.11 45.25 9.16
C PHE A 1410 19.10 44.73 10.19
N VAL A 1411 19.57 44.44 11.41
CA VAL A 1411 18.69 43.83 12.41
C VAL A 1411 17.60 44.81 12.83
N SER A 1412 17.88 46.11 12.77
CA SER A 1412 16.85 47.09 13.09
C SER A 1412 15.85 47.26 11.94
N ALA A 1413 16.18 46.75 10.75
CA ALA A 1413 15.34 46.93 9.58
C ALA A 1413 14.16 45.97 9.53
N LEU A 1414 14.26 44.79 10.13
CA LEU A 1414 13.16 43.82 10.05
C LEU A 1414 11.96 44.33 10.83
N PRO A 1415 10.75 44.18 10.31
CA PRO A 1415 9.55 44.64 11.05
C PRO A 1415 9.37 43.93 12.39
N ASP A 1416 9.90 42.71 12.53
CA ASP A 1416 9.72 41.93 13.74
C ASP A 1416 10.82 42.18 14.76
N LYS A 1417 11.69 43.16 14.51
CA LYS A 1417 12.77 43.55 15.41
C LYS A 1417 13.68 42.34 15.60
N LEU A 1418 13.93 41.89 16.84
CA LEU A 1418 14.77 40.72 17.06
C LEU A 1418 14.03 39.42 16.75
N ASN A 1419 12.71 39.47 16.57
CA ASN A 1419 11.91 38.27 16.37
C ASN A 1419 11.68 37.96 14.89
N HIS A 1420 12.64 38.30 14.03
CA HIS A 1420 12.53 38.00 12.61
C HIS A 1420 12.52 36.48 12.41
N GLU A 1421 11.48 35.99 11.75
CA GLU A 1421 11.29 34.55 11.55
C GLU A 1421 12.13 34.11 10.36
N CYS A 1422 13.32 33.57 10.63
CA CYS A 1422 14.17 33.03 9.58
C CYS A 1422 13.77 31.59 9.26
N ALA A 1423 13.75 31.27 7.97
CA ALA A 1423 13.29 29.96 7.53
C ALA A 1423 14.36 28.90 7.78
N GLU A 1424 14.12 27.69 7.27
CA GLU A 1424 15.05 26.58 7.45
C GLU A 1424 16.41 26.91 6.85
N GLY A 1425 17.42 27.02 7.71
CA GLY A 1425 18.76 27.36 7.26
C GLY A 1425 18.97 28.82 6.92
N GLY A 1426 18.01 29.68 7.24
CA GLY A 1426 18.14 31.09 6.94
C GLY A 1426 18.17 31.38 5.45
N GLU A 1427 17.25 30.77 4.70
CA GLU A 1427 17.22 30.99 3.26
C GLU A 1427 16.92 32.46 2.93
N ASN A 1428 16.04 33.10 3.70
CA ASN A 1428 15.75 34.51 3.46
C ASN A 1428 16.99 35.37 3.66
N LEU A 1429 17.77 35.08 4.69
CA LEU A 1429 19.01 35.82 4.92
C LEU A 1429 20.08 35.41 3.92
N SER A 1430 21.00 36.33 3.66
CA SER A 1430 22.11 36.04 2.76
C SER A 1430 23.21 35.28 3.51
N VAL A 1431 24.15 34.73 2.72
CA VAL A 1431 25.25 33.93 3.34
C VAL A 1431 26.09 34.87 4.23
N GLY A 1432 26.38 36.07 3.74
CA GLY A 1432 27.14 37.05 4.54
C GLY A 1432 26.43 37.33 5.85
N GLN A 1433 25.11 37.52 5.80
CA GLN A 1433 24.33 37.85 7.03
C GLN A 1433 24.42 36.68 8.01
N ARG A 1434 24.19 35.45 7.53
CA ARG A 1434 24.24 34.25 8.40
C ARG A 1434 25.62 34.17 9.05
N GLN A 1435 26.68 34.45 8.28
CA GLN A 1435 28.03 34.45 8.85
C GLN A 1435 28.15 35.49 9.94
N LEU A 1436 27.62 36.69 9.71
CA LEU A 1436 27.67 37.71 10.74
C LEU A 1436 26.79 37.38 11.94
N VAL A 1437 25.71 36.63 11.73
CA VAL A 1437 24.89 36.19 12.85
C VAL A 1437 25.66 35.18 13.69
N CYS A 1438 26.39 34.27 13.05
CA CYS A 1438 27.25 33.35 13.81
C CYS A 1438 28.32 34.10 14.57
N LEU A 1439 28.91 35.12 13.94
CA LEU A 1439 29.88 35.96 14.65
C LEU A 1439 29.22 36.65 15.84
N ALA A 1440 27.97 37.10 15.67
CA ALA A 1440 27.25 37.72 16.78
C ALA A 1440 27.02 36.73 17.91
N ARG A 1441 26.74 35.47 17.55
CA ARG A 1441 26.59 34.43 18.60
C ARG A 1441 27.90 34.32 19.37
N ALA A 1442 29.03 34.20 18.66
CA ALA A 1442 30.32 34.05 19.32
C ALA A 1442 30.64 35.26 20.19
N LEU A 1443 30.34 36.46 19.69
CA LEU A 1443 30.60 37.67 20.45
C LEU A 1443 29.73 37.75 21.70
N LEU A 1444 28.45 37.37 21.58
CA LEU A 1444 27.56 37.38 22.73
C LEU A 1444 27.97 36.36 23.77
N ARG A 1445 28.63 35.27 23.34
CA ARG A 1445 29.06 34.25 24.30
C ARG A 1445 30.03 34.82 25.32
N LYS A 1446 30.93 35.70 24.89
CA LYS A 1446 31.91 36.34 25.77
C LYS A 1446 32.79 35.30 26.47
N THR A 1447 33.54 34.55 25.66
CA THR A 1447 34.44 33.53 26.15
C THR A 1447 35.86 33.85 25.69
N LYS A 1448 36.84 33.36 26.46
CA LYS A 1448 38.24 33.69 26.21
C LYS A 1448 38.88 32.82 25.13
N ILE A 1449 38.25 31.71 24.75
CA ILE A 1449 38.81 30.81 23.75
C ILE A 1449 37.82 30.73 22.58
N LEU A 1450 38.29 31.10 21.40
CA LEU A 1450 37.46 31.15 20.20
C LEU A 1450 38.21 30.52 19.05
N VAL A 1451 37.51 29.72 18.27
CA VAL A 1451 38.07 29.06 17.09
C VAL A 1451 37.33 29.57 15.86
N LEU A 1452 38.07 29.76 14.77
CA LEU A 1452 37.53 30.24 13.51
C LEU A 1452 37.81 29.22 12.42
N ASP A 1453 36.82 28.98 11.55
CA ASP A 1453 36.98 28.12 10.39
C ASP A 1453 36.66 28.94 9.14
N GLU A 1454 37.69 29.34 8.42
CA GLU A 1454 37.52 30.13 7.21
C GLU A 1454 37.37 29.24 5.99
N ALA A 1455 36.62 29.71 5.01
CA ALA A 1455 36.40 28.99 3.77
C ALA A 1455 37.65 28.98 2.91
N GLU A 1462 33.52 37.89 0.00
CA GLU A 1462 32.83 39.21 -0.15
C GLU A 1462 32.77 39.89 1.22
N THR A 1463 32.16 39.24 2.22
CA THR A 1463 32.05 39.83 3.57
C THR A 1463 33.30 39.46 4.38
N ASP A 1464 34.25 38.77 3.75
CA ASP A 1464 35.48 38.33 4.46
C ASP A 1464 36.14 39.56 5.10
N ASP A 1465 36.24 40.66 4.36
CA ASP A 1465 36.85 41.90 4.91
C ASP A 1465 36.12 42.29 6.20
N LEU A 1466 34.81 42.12 6.26
CA LEU A 1466 34.04 42.54 7.44
C LEU A 1466 34.25 41.58 8.60
N ILE A 1467 34.16 40.28 8.35
CA ILE A 1467 34.32 39.30 9.43
C ILE A 1467 35.75 39.29 9.93
N GLN A 1468 36.73 39.44 9.03
CA GLN A 1468 38.12 39.51 9.46
C GLN A 1468 38.37 40.73 10.33
N SER A 1469 37.86 41.90 9.92
CA SER A 1469 38.02 43.09 10.73
C SER A 1469 37.33 42.94 12.08
N THR A 1470 36.15 42.33 12.10
CA THR A 1470 35.42 42.18 13.35
C THR A 1470 36.12 41.22 14.29
N ILE A 1471 36.70 40.14 13.76
CA ILE A 1471 37.45 39.22 14.62
C ILE A 1471 38.76 39.87 15.07
N ARG A 1472 39.24 40.86 14.33
CA ARG A 1472 40.45 41.58 14.73
C ARG A 1472 40.14 42.81 15.59
N THR A 1473 38.86 43.12 15.79
CA THR A 1473 38.49 44.37 16.50
C THR A 1473 38.52 44.26 18.02
N GLN A 1474 37.69 43.40 18.62
CA GLN A 1474 37.58 43.32 20.07
C GLN A 1474 38.01 41.99 20.65
N PHE A 1475 38.09 40.94 19.83
CA PHE A 1475 38.54 39.64 20.32
C PHE A 1475 40.05 39.54 20.49
N ASP A 1476 40.78 40.67 20.47
CA ASP A 1476 42.21 40.63 20.73
C ASP A 1476 42.50 40.21 22.17
N ASP A 1477 41.57 40.45 23.08
CA ASP A 1477 41.76 40.03 24.46
C ASP A 1477 41.70 38.50 24.58
N CYS A 1478 40.89 37.86 23.74
CA CYS A 1478 40.67 36.42 23.83
C CYS A 1478 41.65 35.67 22.94
N THR A 1479 41.90 34.41 23.30
CA THR A 1479 42.76 33.54 22.52
C THR A 1479 41.98 32.96 21.34
N VAL A 1480 42.47 33.19 20.13
CA VAL A 1480 41.77 32.81 18.91
C VAL A 1480 42.64 31.82 18.15
N LEU A 1481 42.12 30.62 17.93
CA LEU A 1481 42.68 29.71 16.95
C LEU A 1481 41.97 29.91 15.62
N THR A 1482 42.72 29.77 14.52
CA THR A 1482 42.17 30.06 13.19
C THR A 1482 42.64 28.98 12.22
N ILE A 1483 41.69 28.32 11.57
CA ILE A 1483 41.99 27.37 10.50
C ILE A 1483 41.42 27.97 9.22
N ALA A 1484 42.31 28.47 8.37
CA ALA A 1484 41.93 29.14 7.14
C ALA A 1484 42.60 28.47 5.96
N HIS A 1485 41.83 28.23 4.90
CA HIS A 1485 42.37 27.74 3.64
C HIS A 1485 43.02 28.85 2.82
N ARG A 1486 43.06 30.07 3.35
CA ARG A 1486 43.66 31.21 2.67
C ARG A 1486 44.79 31.74 3.54
N LEU A 1487 45.98 31.89 2.94
CA LEU A 1487 47.15 32.34 3.68
C LEU A 1487 47.13 33.83 3.96
N ASN A 1488 46.30 34.59 3.23
CA ASN A 1488 46.29 36.04 3.39
C ASN A 1488 45.87 36.44 4.80
N THR A 1489 44.81 35.82 5.32
CA THR A 1489 44.35 36.17 6.65
C THR A 1489 45.26 35.63 7.74
N ILE A 1490 45.78 34.42 7.54
CA ILE A 1490 46.60 33.75 8.61
C ILE A 1490 47.90 34.53 8.82
N MET A 1491 48.37 35.25 7.79
CA MET A 1491 49.67 35.98 7.90
C MET A 1491 49.58 36.99 9.05
N ASP A 1492 48.40 37.59 9.25
CA ASP A 1492 48.23 38.61 10.33
C ASP A 1492 48.44 37.97 11.70
N TYR A 1493 48.02 36.72 11.87
CA TYR A 1493 48.10 36.07 13.21
C TYR A 1493 49.52 35.55 13.49
N THR A 1494 50.07 35.88 14.67
CA THR A 1494 51.37 35.38 15.05
C THR A 1494 51.28 33.89 15.39
N ARG A 1495 52.46 33.32 15.72
CA ARG A 1495 52.53 31.90 16.15
C ARG A 1495 51.66 31.00 15.27
N VAL A 1496 52.05 30.83 14.01
CA VAL A 1496 51.33 29.93 13.13
C VAL A 1496 51.82 28.50 13.35
N ILE A 1497 50.89 27.55 13.41
CA ILE A 1497 51.20 26.14 13.52
C ILE A 1497 50.86 25.50 12.18
N VAL A 1498 51.83 24.84 11.57
CA VAL A 1498 51.67 24.20 10.28
C VAL A 1498 51.58 22.69 10.50
N LEU A 1499 50.58 22.06 9.89
CA LEU A 1499 50.37 20.61 10.03
C LEU A 1499 50.55 19.98 8.65
N ASP A 1500 51.56 19.11 8.54
CA ASP A 1500 51.79 18.40 7.29
C ASP A 1500 50.88 17.19 7.19
N LYS A 1501 51.05 16.24 8.10
CA LYS A 1501 50.19 15.03 8.12
C LYS A 1501 49.82 14.72 9.58
N GLY A 1502 49.48 15.74 10.35
CA GLY A 1502 49.17 15.55 11.78
C GLY A 1502 50.32 16.00 12.66
N GLU A 1503 51.55 15.92 12.14
CA GLU A 1503 52.71 16.37 12.89
C GLU A 1503 52.83 17.89 12.83
N ILE A 1504 53.51 18.45 13.84
CA ILE A 1504 53.78 19.88 13.88
C ILE A 1504 55.01 20.14 13.00
N GLN A 1505 54.79 20.58 11.76
CA GLN A 1505 55.91 20.80 10.86
C GLN A 1505 56.73 22.02 11.28
N GLU A 1506 56.02 23.11 11.60
CA GLU A 1506 56.70 24.36 12.05
C GLU A 1506 55.92 24.94 13.23
N TRP A 1507 56.61 25.38 14.28
CA TRP A 1507 55.94 26.01 15.44
C TRP A 1507 56.62 27.34 15.75
N GLY A 1508 56.07 28.45 15.22
CA GLY A 1508 56.65 29.76 15.45
C GLY A 1508 55.87 30.83 14.73
N SER A 1509 56.32 32.06 14.91
CA SER A 1509 55.67 33.21 14.31
C SER A 1509 55.87 33.22 12.79
N PRO A 1510 54.98 33.88 12.05
CA PRO A 1510 55.17 33.97 10.60
C PRO A 1510 56.48 34.65 10.20
N SER A 1511 57.02 35.52 11.05
CA SER A 1511 58.32 36.11 10.76
C SER A 1511 59.41 35.04 10.71
N ASP A 1512 59.34 34.06 11.61
CA ASP A 1512 60.27 32.94 11.55
C ASP A 1512 59.91 31.97 10.44
N LEU A 1513 58.66 32.01 9.96
CA LEU A 1513 58.27 31.15 8.84
C LEU A 1513 59.03 31.51 7.58
N LEU A 1514 59.23 32.80 7.31
CA LEU A 1514 59.95 33.24 6.13
C LEU A 1514 61.29 33.86 6.52
C1 GJF B . -19.01 -9.53 10.62
C2 GJF B . -18.90 -10.45 9.62
C3 GJF B . -20.01 -11.26 9.34
C4 GJF B . -17.03 -9.40 9.73
N1 GJF B . -21.12 -11.13 10.05
N2 GJF B . -20.16 -9.44 11.31
C5 GJF B . -13.48 -6.11 15.79
C6 GJF B . -12.65 -5.05 16.30
C7 GJF B . -11.98 -5.52 14.12
C8 GJF B . -12.58 -6.70 14.80
O1 GJF B . -11.65 -4.69 15.27
O2 GJF B . -11.55 -7.32 15.52
O3 GJF B . -13.67 -7.09 16.81
O4 GJF B . -14.65 -9.29 16.25
S1 GJF B . -15.67 -8.14 18.48
C9 GJF B . -12.94 -4.82 13.25
C10 GJF B . -13.18 -2.97 17.48
C11 GJF B . -14.11 -2.00 17.34
C12 GJF B . -14.45 -3.48 15.80
C13 GJF B . -12.26 -1.86 19.28
C14 GJF B . -14.08 -0.93 18.24
N3 GJF B . -13.42 -3.87 16.50
N4 GJF B . -14.90 -2.34 16.29
N5 GJF B . -12.27 -2.88 18.45
N6 GJF B . -13.15 -0.90 19.17
N7 GJF B . -15.04 0.13 18.13
O5 GJF B . -14.90 -5.17 10.72
O6 GJF B . -14.04 -5.65 13.00
S2 GJF B . -14.95 -3.17 12.45
P1 GJF B . -15.03 -7.98 16.71
P2 GJF B . -15.24 -4.99 12.11
C15 GJF B . -16.72 -8.18 14.75
O7 GJF B . -16.31 -7.45 15.87
C16 GJF B . -16.31 -7.45 13.56
O8 GJF B . -16.32 -8.37 12.38
C17 GJF B . -17.34 -6.47 13.21
O9 GJF B . -16.84 -5.45 12.27
C18 GJF B . -18.30 -7.30 12.53
O10 GJF B . -19.27 -6.42 11.93
C19 GJF B . -17.38 -7.86 11.52
C20 GJF B . -21.18 -10.23 11.02
N8 GJF B . -19.93 -12.25 8.28
N9 GJF B . -17.68 -10.34 9.08
N10 GJF B . -17.81 -8.89 10.68
#